data_6ACX
#
_entry.id   6ACX
#
_cell.length_a   83.659
_cell.length_b   160.440
_cell.length_c   214.529
_cell.angle_alpha   90.00
_cell.angle_beta   90.00
_cell.angle_gamma   90.00
#
_symmetry.space_group_name_H-M   'P 21 21 21'
#
loop_
_entity.id
_entity.type
_entity.pdbx_description
1 polymer 'Mycobacterium smegmatis Mfd'
2 non-polymer 'SULFATE ION'
3 non-polymer 'PHOSPHATE ION'
4 non-polymer "ADENOSINE-5'-DIPHOSPHATE"
5 water water
#
_entity_poly.entity_id   1
_entity_poly.type   'polypeptide(L)'
_entity_poly.pdbx_seq_one_letter_code
;MGSSHHHHHHSSGLVPRGSHMTAPGHTSVQTPIAGLVELALSDPSLQDVIRRAADRPADLALVGPASARVLVAAALAQNG
PLLVVAATGREADELTAELRGVFGDSVALFPSWETLPHERLSPGVETVGARLMLLRRLARPDDETLGAPLRVVVTTTRSL
LQPMAPDLVDIEPVTLSVGAEMEFEDVVARLVDLSYTRVDMVGKRGEFAVRGGILDVFPPTAEHPVRVEFWGDEISEMRA
FAIADQRSIPEVPVQTVVAVPCRELLMTDDVRERAAALAAEHPTTENTVPGTVPDMLAKLAEGIPVDGMEALLPLLHPIE
PTTLTRHLPEGAPVLVCDPEKVRTRAADLIKTGREFLEASWSTAAVGGDAPIDLEALGASGFVTFEEAREAAREGGHPWW
TLSQLSDESAVELDIRSAPSARGSQHNLEEIFAMLRAHVATGGYAAVVTPGIGTAHRVVEQLGEADTAATILEPGTAPKA
GVVGVLKGPLCSGVVLPGANLVIITETDLTGNRVTANEGRKLAAKRRNVVDPLALTAGDLVVHDQHGIGKFVEMTERVVG
GARREYLVLEYASSKRGGGTDKLYVPMDSLDQLSRYVGGEAPSLSRLGGSDWANTKTKARRAVREIASELVALYAKRQSA
PGHAFGPDTPWQAEMEDAFGFTETIDQLTAIQEVKSDMEKPVPMDRVICGDVGYGKTEIAVRAAFKAVQDGKQVAVLVPT
TLLADQHLQTFTNRMAGFPVTVKGLSRFTDPAESRAVIEGLKDGSVDVVIGTHRLLQTGVTWKDLGLIIVDEEQRFGVEH
KEHIKSMRTHVDVLTMSATPIPRTLEMSLAGIREMSTILTPPEERYPVLTYVGPHDDKQVAAALRRELLRDGQAFYIHNR
VRTIDEAAARVRQLVPEARVVVAHGQMNEETLEKTVEGFWNREYDILVCTTIVETGLDISNANTLIVERADTFGLSQLHQ
LRGRVGRSRERGYAYFLYPPNKPLTETAYDRLATIAQNNELGAGMAVAMKDLEIRGAGNVLGAEQSGHVAGVGFDLYVRL
VGEAVEAYRAAADGKTVATPQEQKDVRIDLPVDAHLPPEYIGSDRLRLEAYRRLAAAADDDAVASVVDELIDRYGPLPEP
AQRLVAVARLRLLCREFGITEIGAVSASTVRLSPMVLPDSAQLRLKRMYPGGHYRATTSTVQVPLPRAGEGVGAPRIRDL
ELVQWVAGLVLVLNGKGQGDVDMSKFSNPAGEAKR
;
_entity_poly.pdbx_strand_id   A,B
#
loop_
_chem_comp.id
_chem_comp.type
_chem_comp.name
_chem_comp.formula
ADP non-polymer ADENOSINE-5'-DIPHOSPHATE 'C10 H15 N5 O10 P2'
PO4 non-polymer 'PHOSPHATE ION' 'O4 P -3'
SO4 non-polymer 'SULFATE ION' 'O4 S -2'
#
# COMPACT_ATOMS: atom_id res chain seq x y z
N SER A 28 -14.37 -3.27 -43.26
CA SER A 28 -15.76 -3.39 -42.85
C SER A 28 -15.89 -3.16 -41.35
N VAL A 29 -16.33 -4.19 -40.63
CA VAL A 29 -16.58 -4.07 -39.21
C VAL A 29 -15.37 -4.64 -38.49
N GLN A 30 -14.32 -4.90 -39.25
CA GLN A 30 -13.10 -5.42 -38.68
C GLN A 30 -12.11 -4.33 -38.31
N THR A 31 -12.27 -3.13 -38.87
CA THR A 31 -11.45 -1.97 -38.49
C THR A 31 -12.41 -0.85 -38.14
N PRO A 32 -12.88 -0.79 -36.89
CA PRO A 32 -13.94 0.19 -36.57
C PRO A 32 -13.47 1.63 -36.53
N ILE A 33 -12.31 1.91 -35.95
CA ILE A 33 -11.88 3.29 -35.75
C ILE A 33 -10.81 3.67 -36.77
N ALA A 34 -10.87 3.07 -37.96
CA ALA A 34 -9.93 3.43 -39.01
C ALA A 34 -10.25 4.80 -39.59
N GLY A 35 -11.54 5.12 -39.73
CA GLY A 35 -11.92 6.42 -40.26
C GLY A 35 -11.67 7.54 -39.28
N LEU A 36 -11.91 7.29 -37.98
CA LEU A 36 -11.68 8.33 -36.98
C LEU A 36 -10.20 8.65 -36.85
N VAL A 37 -9.34 7.63 -36.90
CA VAL A 37 -7.90 7.88 -36.83
C VAL A 37 -7.40 8.50 -38.12
N GLU A 38 -7.93 8.04 -39.27
CA GLU A 38 -7.59 8.67 -40.54
C GLU A 38 -8.00 10.13 -40.57
N LEU A 39 -9.02 10.49 -39.80
CA LEU A 39 -9.37 11.90 -39.62
C LEU A 39 -8.42 12.58 -38.64
N ALA A 40 -7.98 11.85 -37.60
CA ALA A 40 -7.08 12.43 -36.62
C ALA A 40 -5.73 12.77 -37.23
N LEU A 41 -5.29 12.01 -38.24
CA LEU A 41 -4.03 12.29 -38.90
C LEU A 41 -4.06 13.56 -39.73
N SER A 42 -5.23 14.18 -39.93
CA SER A 42 -5.28 15.44 -40.65
C SER A 42 -4.62 16.57 -39.87
N ASP A 43 -4.39 16.38 -38.58
CA ASP A 43 -3.71 17.40 -37.77
C ASP A 43 -2.27 17.55 -38.26
N PRO A 44 -1.81 18.77 -38.53
CA PRO A 44 -0.47 18.95 -39.13
C PRO A 44 0.69 18.55 -38.22
N SER A 45 0.46 18.31 -36.93
CA SER A 45 1.55 17.85 -36.08
C SER A 45 1.88 16.39 -36.36
N LEU A 46 0.84 15.55 -36.46
CA LEU A 46 1.07 14.15 -36.82
C LEU A 46 1.67 14.03 -38.22
N GLN A 47 1.23 14.89 -39.14
CA GLN A 47 1.84 14.90 -40.47
C GLN A 47 3.28 15.40 -40.42
N ASP A 48 3.58 16.32 -39.51
CA ASP A 48 4.97 16.72 -39.29
C ASP A 48 5.80 15.53 -38.82
N VAL A 49 5.23 14.72 -37.92
CA VAL A 49 5.92 13.51 -37.47
C VAL A 49 6.11 12.55 -38.64
N ILE A 50 5.11 12.45 -39.52
CA ILE A 50 5.22 11.57 -40.69
C ILE A 50 6.35 12.05 -41.60
N ARG A 51 6.48 13.37 -41.78
CA ARG A 51 7.56 13.90 -42.61
C ARG A 51 8.92 13.64 -41.97
N ARG A 52 9.04 13.89 -40.66
CA ARG A 52 10.30 13.63 -39.98
C ARG A 52 10.71 12.17 -40.10
N ALA A 53 9.77 11.26 -39.86
CA ALA A 53 10.07 9.83 -39.97
C ALA A 53 10.22 9.37 -41.42
N ALA A 54 9.79 10.18 -42.40
CA ALA A 54 9.88 9.76 -43.79
C ALA A 54 11.32 9.66 -44.27
N ASP A 55 12.20 10.54 -43.80
CA ASP A 55 13.60 10.49 -44.14
C ASP A 55 14.41 9.60 -43.21
N ARG A 56 13.75 8.94 -42.25
CA ARG A 56 14.37 8.01 -41.31
C ARG A 56 15.55 8.65 -40.58
N PRO A 57 15.30 9.53 -39.61
CA PRO A 57 16.39 10.13 -38.85
C PRO A 57 16.88 9.20 -37.76
N ALA A 58 18.11 9.47 -37.31
CA ALA A 58 18.72 8.62 -36.29
C ALA A 58 18.00 8.76 -34.96
N ASP A 59 17.77 10.00 -34.52
CA ASP A 59 17.17 10.27 -33.21
C ASP A 59 15.85 11.00 -33.41
N LEU A 60 14.79 10.47 -32.79
CA LEU A 60 13.49 11.13 -32.76
C LEU A 60 12.91 10.99 -31.37
N ALA A 61 12.71 12.11 -30.69
CA ALA A 61 12.10 12.13 -29.37
C ALA A 61 10.77 12.87 -29.44
N LEU A 62 9.69 12.14 -29.18
CA LEU A 62 8.35 12.71 -29.20
C LEU A 62 7.83 12.86 -27.78
N VAL A 63 6.98 13.87 -27.58
CA VAL A 63 6.39 14.15 -26.28
C VAL A 63 4.90 14.39 -26.47
N GLY A 64 4.09 13.54 -25.86
CA GLY A 64 2.65 13.67 -25.93
C GLY A 64 1.97 12.86 -24.84
N PRO A 65 0.67 13.06 -24.65
CA PRO A 65 -0.06 12.31 -23.63
C PRO A 65 -0.08 10.82 -23.96
N ALA A 66 -0.42 10.02 -22.93
CA ALA A 66 -0.41 8.58 -23.09
C ALA A 66 -1.43 8.12 -24.13
N SER A 67 -2.67 8.63 -24.02
CA SER A 67 -3.73 8.22 -24.93
C SER A 67 -3.45 8.58 -26.39
N ALA A 68 -2.36 9.29 -26.67
CA ALA A 68 -1.97 9.61 -28.03
C ALA A 68 -1.14 8.51 -28.68
N ARG A 69 -0.74 7.49 -27.93
CA ARG A 69 0.09 6.42 -28.47
C ARG A 69 -0.49 5.85 -29.76
N VAL A 70 -1.74 5.39 -29.71
CA VAL A 70 -2.40 4.79 -30.86
C VAL A 70 -2.32 5.70 -32.07
N LEU A 71 -2.33 7.02 -31.85
CA LEU A 71 -2.18 7.95 -32.96
C LEU A 71 -0.77 7.89 -33.53
N VAL A 72 0.24 8.10 -32.68
CA VAL A 72 1.61 8.25 -33.16
C VAL A 72 2.04 7.02 -33.94
N ALA A 73 1.85 5.84 -33.37
CA ALA A 73 2.16 4.60 -34.08
C ALA A 73 1.45 4.56 -35.43
N ALA A 74 0.14 4.86 -35.43
CA ALA A 74 -0.62 4.83 -36.69
C ALA A 74 -0.05 5.80 -37.70
N ALA A 75 0.59 6.88 -37.25
CA ALA A 75 1.26 7.78 -38.16
C ALA A 75 2.55 7.16 -38.68
N LEU A 76 3.35 6.59 -37.78
CA LEU A 76 4.64 6.01 -38.18
C LEU A 76 4.45 4.80 -39.09
N ALA A 77 3.36 4.06 -38.91
CA ALA A 77 3.05 2.94 -39.79
C ALA A 77 2.70 3.38 -41.20
N GLN A 78 2.46 4.68 -41.43
CA GLN A 78 2.15 5.16 -42.77
C GLN A 78 3.38 5.12 -43.67
N ASN A 79 4.57 5.27 -43.09
CA ASN A 79 5.81 5.22 -43.85
C ASN A 79 6.39 3.82 -43.98
N GLY A 80 5.84 2.85 -43.24
CA GLY A 80 6.35 1.50 -43.26
C GLY A 80 6.14 0.80 -41.92
N PRO A 81 6.53 -0.47 -41.85
CA PRO A 81 6.33 -1.21 -40.59
C PRO A 81 7.22 -0.68 -39.48
N LEU A 82 6.83 -1.00 -38.25
CA LEU A 82 7.60 -0.56 -37.09
C LEU A 82 7.27 -1.41 -35.87
N LEU A 83 8.16 -1.35 -34.89
CA LEU A 83 8.02 -2.05 -33.63
C LEU A 83 7.79 -1.03 -32.51
N VAL A 84 6.73 -1.24 -31.74
CA VAL A 84 6.39 -0.38 -30.61
C VAL A 84 6.61 -1.17 -29.32
N VAL A 85 7.18 -0.52 -28.32
CA VAL A 85 7.51 -1.14 -27.05
C VAL A 85 6.73 -0.42 -25.94
N ALA A 86 5.95 -1.19 -25.18
CA ALA A 86 5.24 -0.69 -24.03
C ALA A 86 5.87 -1.22 -22.75
N ALA A 87 5.57 -0.56 -21.63
CA ALA A 87 6.18 -0.89 -20.35
C ALA A 87 5.76 -2.28 -19.88
N THR A 88 4.50 -2.42 -19.45
CA THR A 88 3.99 -3.69 -18.95
C THR A 88 3.16 -4.39 -20.01
N GLY A 89 2.80 -5.64 -19.71
CA GLY A 89 1.99 -6.41 -20.63
C GLY A 89 0.57 -5.88 -20.78
N ARG A 90 0.05 -5.23 -19.73
CA ARG A 90 -1.28 -4.66 -19.82
C ARG A 90 -1.32 -3.51 -20.82
N GLU A 91 -0.33 -2.62 -20.75
CA GLU A 91 -0.25 -1.53 -21.73
C GLU A 91 -0.02 -2.06 -23.14
N ALA A 92 0.73 -3.16 -23.26
CA ALA A 92 0.94 -3.76 -24.57
C ALA A 92 -0.35 -4.34 -25.14
N ASP A 93 -1.15 -4.98 -24.29
CA ASP A 93 -2.45 -5.48 -24.75
C ASP A 93 -3.38 -4.33 -25.11
N GLU A 94 -3.39 -3.27 -24.31
CA GLU A 94 -4.25 -2.12 -24.59
C GLU A 94 -3.88 -1.48 -25.92
N LEU A 95 -2.63 -1.06 -26.07
CA LEU A 95 -2.19 -0.45 -27.32
C LEU A 95 -2.35 -1.41 -28.50
N THR A 96 -2.18 -2.71 -28.25
CA THR A 96 -2.37 -3.69 -29.32
C THR A 96 -3.82 -3.70 -29.80
N ALA A 97 -4.77 -3.67 -28.88
CA ALA A 97 -6.18 -3.62 -29.28
C ALA A 97 -6.51 -2.30 -29.97
N GLU A 98 -6.05 -1.19 -29.39
CA GLU A 98 -6.29 0.13 -29.99
C GLU A 98 -5.73 0.22 -31.41
N LEU A 99 -4.62 -0.47 -31.68
CA LEU A 99 -4.07 -0.47 -33.03
C LEU A 99 -4.79 -1.46 -33.94
N ARG A 100 -5.26 -2.58 -33.39
CA ARG A 100 -6.07 -3.50 -34.17
C ARG A 100 -7.40 -2.89 -34.56
N GLY A 101 -7.87 -1.87 -33.84
CA GLY A 101 -9.06 -1.15 -34.26
C GLY A 101 -8.91 -0.35 -35.53
N VAL A 102 -7.68 -0.10 -35.99
CA VAL A 102 -7.47 0.71 -37.18
C VAL A 102 -6.76 -0.10 -38.26
N PHE A 103 -5.97 -1.09 -37.85
CA PHE A 103 -5.20 -1.88 -38.79
C PHE A 103 -5.63 -3.35 -38.86
N GLY A 104 -6.47 -3.82 -37.95
CA GLY A 104 -6.90 -5.19 -37.92
C GLY A 104 -5.81 -6.25 -37.79
N ASP A 105 -5.66 -7.07 -38.83
CA ASP A 105 -4.70 -8.17 -38.80
C ASP A 105 -3.26 -7.72 -39.03
N SER A 106 -3.04 -6.50 -39.53
CA SER A 106 -1.70 -6.06 -39.87
C SER A 106 -0.84 -5.75 -38.64
N VAL A 107 -1.46 -5.43 -37.51
CA VAL A 107 -0.74 -5.16 -36.27
C VAL A 107 -0.86 -6.38 -35.37
N ALA A 108 0.26 -6.80 -34.77
CA ALA A 108 0.27 -8.01 -33.97
C ALA A 108 1.04 -7.77 -32.68
N LEU A 109 0.77 -8.61 -31.68
CA LEU A 109 1.38 -8.52 -30.37
C LEU A 109 2.40 -9.64 -30.20
N PHE A 110 3.64 -9.27 -29.90
CA PHE A 110 4.68 -10.23 -29.54
C PHE A 110 4.63 -10.44 -28.04
N PRO A 111 4.09 -11.56 -27.56
CA PRO A 111 3.80 -11.70 -26.13
C PRO A 111 5.07 -11.92 -25.32
N SER A 112 4.91 -11.77 -24.00
CA SER A 112 5.99 -11.99 -23.05
C SER A 112 5.82 -13.34 -22.38
N TRP A 113 6.96 -13.95 -22.04
CA TRP A 113 6.93 -15.22 -21.31
C TRP A 113 6.25 -15.05 -19.96
N GLU A 114 5.54 -16.09 -19.53
CA GLU A 114 5.00 -16.12 -18.18
C GLU A 114 6.04 -16.52 -17.15
N THR A 115 7.21 -17.00 -17.59
CA THR A 115 8.25 -17.47 -16.70
C THR A 115 9.54 -16.69 -16.94
N LEU A 116 10.38 -16.65 -15.92
CA LEU A 116 11.70 -16.05 -16.07
C LEU A 116 12.58 -16.96 -16.93
N PRO A 117 13.55 -16.38 -17.65
CA PRO A 117 14.29 -17.18 -18.66
C PRO A 117 14.96 -18.42 -18.11
N HIS A 118 15.50 -18.36 -16.89
CA HIS A 118 16.19 -19.50 -16.30
C HIS A 118 15.37 -20.20 -15.22
N GLU A 119 14.09 -19.86 -15.09
CA GLU A 119 13.22 -20.56 -14.18
C GLU A 119 12.92 -21.96 -14.70
N ARG A 120 12.87 -22.94 -13.80
CA ARG A 120 12.64 -24.32 -14.18
C ARG A 120 11.16 -24.58 -14.45
N LEU A 121 10.56 -23.74 -15.29
CA LEU A 121 9.17 -23.92 -15.70
C LEU A 121 9.02 -23.37 -17.11
N SER A 122 8.32 -24.11 -17.96
CA SER A 122 8.20 -23.59 -19.31
C SER A 122 6.97 -22.71 -19.44
N PRO A 123 7.03 -21.66 -20.27
CA PRO A 123 5.87 -20.82 -20.48
C PRO A 123 4.74 -21.57 -21.19
N GLY A 124 3.60 -20.90 -21.30
CA GLY A 124 2.47 -21.49 -21.97
C GLY A 124 2.74 -21.76 -23.44
N VAL A 125 2.18 -22.88 -23.93
CA VAL A 125 2.36 -23.24 -25.33
C VAL A 125 1.72 -22.20 -26.25
N GLU A 126 0.66 -21.54 -25.78
CA GLU A 126 0.03 -20.49 -26.57
C GLU A 126 0.96 -19.29 -26.75
N THR A 127 1.69 -18.92 -25.69
CA THR A 127 2.62 -17.80 -25.77
C THR A 127 3.74 -18.09 -26.77
N VAL A 128 4.35 -19.28 -26.65
CA VAL A 128 5.41 -19.66 -27.59
C VAL A 128 4.87 -19.73 -29.01
N GLY A 129 3.65 -20.26 -29.18
CA GLY A 129 3.06 -20.31 -30.49
C GLY A 129 2.86 -18.94 -31.11
N ALA A 130 2.36 -17.99 -30.32
CA ALA A 130 2.18 -16.64 -30.83
C ALA A 130 3.54 -15.99 -31.15
N ARG A 131 4.55 -16.24 -30.32
CA ARG A 131 5.87 -15.66 -30.57
C ARG A 131 6.45 -16.19 -31.88
N LEU A 132 6.48 -17.52 -32.05
CA LEU A 132 7.08 -18.10 -33.24
C LEU A 132 6.27 -17.77 -34.48
N MET A 133 4.94 -17.74 -34.37
CA MET A 133 4.12 -17.34 -35.51
C MET A 133 4.38 -15.88 -35.89
N LEU A 134 4.61 -15.03 -34.90
CA LEU A 134 4.87 -13.63 -35.21
C LEU A 134 6.25 -13.45 -35.84
N LEU A 135 7.26 -14.16 -35.32
CA LEU A 135 8.60 -14.07 -35.92
C LEU A 135 8.61 -14.61 -37.35
N ARG A 136 7.94 -15.74 -37.56
CA ARG A 136 7.84 -16.29 -38.91
C ARG A 136 7.06 -15.37 -39.83
N ARG A 137 6.05 -14.67 -39.30
CA ARG A 137 5.36 -13.67 -40.10
C ARG A 137 6.26 -12.48 -40.43
N LEU A 138 7.18 -12.13 -39.53
CA LEU A 138 8.13 -11.07 -39.84
C LEU A 138 9.13 -11.51 -40.90
N ALA A 139 9.52 -12.79 -40.88
CA ALA A 139 10.44 -13.30 -41.88
C ALA A 139 9.76 -13.66 -43.20
N ARG A 140 8.44 -13.80 -43.20
CA ARG A 140 7.68 -14.17 -44.40
C ARG A 140 6.46 -13.27 -44.52
N PRO A 141 6.63 -12.05 -45.03
CA PRO A 141 5.46 -11.17 -45.21
C PRO A 141 4.55 -11.61 -46.34
N ASP A 142 5.10 -12.21 -47.39
CA ASP A 142 4.29 -12.63 -48.54
C ASP A 142 3.43 -13.84 -48.25
N ASP A 143 3.69 -14.56 -47.15
CA ASP A 143 2.96 -15.78 -46.83
C ASP A 143 1.54 -15.42 -46.40
N GLU A 144 0.57 -15.64 -47.29
CA GLU A 144 -0.82 -15.36 -46.96
C GLU A 144 -1.32 -16.27 -45.85
N THR A 145 -0.87 -17.52 -45.84
CA THR A 145 -1.36 -18.51 -44.88
C THR A 145 -1.09 -18.12 -43.43
N LEU A 146 -0.10 -17.24 -43.20
CA LEU A 146 0.21 -16.79 -41.86
C LEU A 146 -0.51 -15.51 -41.48
N GLY A 147 -0.88 -14.69 -42.46
CA GLY A 147 -1.59 -13.45 -42.18
C GLY A 147 -1.17 -12.31 -43.09
N ALA A 148 -1.83 -11.16 -42.95
CA ALA A 148 -1.49 -9.99 -43.74
C ALA A 148 -0.10 -9.48 -43.37
N PRO A 149 0.54 -8.73 -44.27
CA PRO A 149 1.86 -8.17 -43.95
C PRO A 149 1.80 -7.29 -42.70
N LEU A 150 2.85 -7.39 -41.89
CA LEU A 150 2.88 -6.67 -40.62
C LEU A 150 3.12 -5.20 -40.84
N ARG A 151 2.40 -4.37 -40.08
CA ARG A 151 2.59 -2.92 -40.09
C ARG A 151 3.01 -2.37 -38.74
N VAL A 152 2.48 -2.91 -37.65
CA VAL A 152 2.90 -2.53 -36.30
C VAL A 152 3.03 -3.81 -35.48
N VAL A 153 4.16 -3.94 -34.76
CA VAL A 153 4.36 -5.05 -33.85
C VAL A 153 4.54 -4.48 -32.45
N VAL A 154 3.56 -4.72 -31.58
CA VAL A 154 3.59 -4.20 -30.21
C VAL A 154 4.16 -5.28 -29.30
N THR A 155 5.10 -4.89 -28.43
CA THR A 155 5.74 -5.84 -27.54
C THR A 155 6.03 -5.17 -26.20
N THR A 156 6.52 -5.98 -25.25
CA THR A 156 6.85 -5.52 -23.92
C THR A 156 8.37 -5.41 -23.76
N THR A 157 8.78 -4.85 -22.62
CA THR A 157 10.21 -4.74 -22.33
C THR A 157 10.84 -6.12 -22.16
N ARG A 158 10.11 -7.07 -21.60
CA ARG A 158 10.63 -8.42 -21.41
C ARG A 158 11.00 -9.05 -22.76
N SER A 159 10.04 -9.11 -23.68
CA SER A 159 10.29 -9.73 -24.97
C SER A 159 11.31 -8.95 -25.78
N LEU A 160 11.43 -7.64 -25.54
CA LEU A 160 12.45 -6.87 -26.22
C LEU A 160 13.85 -7.19 -25.70
N LEU A 161 13.98 -7.36 -24.39
CA LEU A 161 15.28 -7.64 -23.80
C LEU A 161 15.63 -9.12 -23.83
N GLN A 162 14.64 -9.99 -23.74
CA GLN A 162 14.91 -11.43 -23.70
C GLN A 162 15.48 -11.89 -25.02
N PRO A 163 16.72 -12.38 -25.06
CA PRO A 163 17.31 -12.80 -26.33
C PRO A 163 16.70 -14.10 -26.82
N MET A 164 17.02 -14.44 -28.06
CA MET A 164 16.49 -15.64 -28.69
C MET A 164 17.50 -16.16 -29.71
N ALA A 165 17.40 -17.44 -29.99
CA ALA A 165 18.31 -18.06 -30.94
C ALA A 165 17.98 -17.61 -32.37
N PRO A 166 18.99 -17.30 -33.18
CA PRO A 166 18.71 -16.83 -34.55
C PRO A 166 18.16 -17.90 -35.47
N ASP A 167 18.19 -19.17 -35.08
CA ASP A 167 17.68 -20.26 -35.90
C ASP A 167 16.25 -20.65 -35.54
N LEU A 168 15.56 -19.83 -34.73
CA LEU A 168 14.18 -20.15 -34.37
C LEU A 168 13.24 -19.95 -35.55
N VAL A 169 13.50 -18.96 -36.39
CA VAL A 169 12.64 -18.71 -37.55
C VAL A 169 12.89 -19.72 -38.67
N ASP A 170 14.03 -20.41 -38.67
CA ASP A 170 14.35 -21.35 -39.72
C ASP A 170 13.74 -22.74 -39.49
N ILE A 171 13.16 -22.97 -38.31
CA ILE A 171 12.53 -24.26 -38.04
C ILE A 171 11.33 -24.43 -38.96
N GLU A 172 11.38 -25.46 -39.79
CA GLU A 172 10.31 -25.70 -40.76
C GLU A 172 9.06 -26.22 -40.05
N PRO A 173 7.95 -25.48 -40.05
CA PRO A 173 6.75 -25.95 -39.39
C PRO A 173 6.10 -27.09 -40.17
N VAL A 174 5.06 -27.67 -39.57
CA VAL A 174 4.31 -28.75 -40.20
C VAL A 174 3.12 -28.12 -40.91
N THR A 175 3.24 -27.95 -42.23
CA THR A 175 2.18 -27.35 -43.03
C THR A 175 1.22 -28.45 -43.48
N LEU A 176 -0.06 -28.28 -43.15
CA LEU A 176 -1.10 -29.25 -43.50
C LEU A 176 -2.07 -28.61 -44.46
N SER A 177 -2.22 -29.21 -45.64
CA SER A 177 -3.17 -28.79 -46.65
C SER A 177 -3.84 -30.02 -47.23
N VAL A 178 -5.08 -29.86 -47.70
CA VAL A 178 -5.81 -30.95 -48.32
C VAL A 178 -5.25 -31.15 -49.74
N GLY A 179 -4.59 -32.27 -49.96
CA GLY A 179 -3.95 -32.57 -51.23
C GLY A 179 -2.44 -32.64 -51.20
N ALA A 180 -1.78 -32.15 -50.15
CA ALA A 180 -0.33 -32.23 -50.07
C ALA A 180 0.12 -33.67 -49.87
N GLU A 181 1.15 -34.07 -50.62
CA GLU A 181 1.63 -35.44 -50.62
C GLU A 181 2.69 -35.61 -49.53
N MET A 182 2.37 -36.39 -48.51
CA MET A 182 3.20 -36.53 -47.33
C MET A 182 3.24 -38.00 -46.91
N GLU A 183 3.87 -38.28 -45.77
CA GLU A 183 3.94 -39.63 -45.21
C GLU A 183 3.65 -39.56 -43.72
N PHE A 184 2.68 -40.36 -43.27
CA PHE A 184 2.09 -40.25 -41.94
C PHE A 184 3.17 -40.25 -40.85
N GLU A 185 3.97 -41.32 -40.79
CA GLU A 185 4.93 -41.47 -39.70
C GLU A 185 5.96 -40.35 -39.68
N ASP A 186 6.30 -39.81 -40.85
CA ASP A 186 7.17 -38.65 -40.90
C ASP A 186 6.49 -37.44 -40.27
N VAL A 187 5.18 -37.32 -40.43
CA VAL A 187 4.45 -36.19 -39.87
C VAL A 187 4.39 -36.29 -38.36
N VAL A 188 4.04 -37.47 -37.83
CA VAL A 188 3.97 -37.61 -36.37
C VAL A 188 5.36 -37.44 -35.76
N ALA A 189 6.39 -37.96 -36.43
CA ALA A 189 7.76 -37.79 -35.93
C ALA A 189 8.15 -36.30 -35.90
N ARG A 190 7.88 -35.59 -37.01
CA ARG A 190 8.20 -34.17 -37.06
C ARG A 190 7.44 -33.39 -36.00
N LEU A 191 6.19 -33.78 -35.73
CA LEU A 191 5.45 -33.16 -34.64
C LEU A 191 6.13 -33.43 -33.29
N VAL A 192 6.64 -34.65 -33.10
CA VAL A 192 7.35 -34.96 -31.87
C VAL A 192 8.57 -34.08 -31.72
N ASP A 193 9.28 -33.81 -32.82
CA ASP A 193 10.45 -32.95 -32.75
C ASP A 193 10.09 -31.52 -32.36
N LEU A 194 8.86 -31.07 -32.64
CA LEU A 194 8.42 -29.72 -32.33
C LEU A 194 7.76 -29.60 -30.96
N SER A 195 8.10 -30.49 -30.03
CA SER A 195 7.59 -30.45 -28.65
C SER A 195 6.07 -30.61 -28.60
N TYR A 196 5.49 -31.29 -29.56
CA TYR A 196 4.08 -31.65 -29.50
C TYR A 196 3.93 -32.92 -28.67
N THR A 197 3.13 -32.85 -27.62
CA THR A 197 2.91 -34.02 -26.77
C THR A 197 1.92 -34.96 -27.42
N ARG A 198 2.26 -36.25 -27.45
CA ARG A 198 1.38 -37.26 -28.03
C ARG A 198 0.47 -37.83 -26.94
N VAL A 199 -0.84 -37.79 -27.20
CA VAL A 199 -1.84 -38.34 -26.30
C VAL A 199 -2.81 -39.18 -27.13
N ASP A 200 -3.70 -39.88 -26.43
CA ASP A 200 -4.73 -40.68 -27.08
C ASP A 200 -6.03 -39.91 -27.27
N MET A 201 -6.08 -38.65 -26.84
CA MET A 201 -7.27 -37.82 -27.04
C MET A 201 -6.86 -36.36 -26.91
N VAL A 202 -7.11 -35.57 -27.94
CA VAL A 202 -6.72 -34.17 -27.95
C VAL A 202 -7.60 -33.40 -26.96
N GLY A 203 -6.97 -32.74 -26.00
CA GLY A 203 -7.69 -31.98 -25.00
C GLY A 203 -7.14 -30.58 -24.79
N LYS A 204 -5.84 -30.42 -24.96
CA LYS A 204 -5.17 -29.13 -24.79
C LYS A 204 -4.45 -28.74 -26.07
N ARG A 205 -3.99 -27.51 -26.11
CA ARG A 205 -3.18 -27.05 -27.23
C ARG A 205 -1.77 -27.64 -27.15
N GLY A 206 -1.12 -27.74 -28.29
CA GLY A 206 0.17 -28.40 -28.35
C GLY A 206 0.06 -29.91 -28.18
N GLU A 207 -1.07 -30.49 -28.57
CA GLU A 207 -1.31 -31.92 -28.42
C GLU A 207 -1.68 -32.51 -29.77
N PHE A 208 -1.57 -33.83 -29.87
CA PHE A 208 -1.96 -34.52 -31.09
C PHE A 208 -2.15 -36.01 -30.78
N ALA A 209 -3.13 -36.61 -31.45
CA ALA A 209 -3.45 -38.02 -31.30
C ALA A 209 -3.38 -38.71 -32.66
N VAL A 210 -2.87 -39.94 -32.66
CA VAL A 210 -2.64 -40.71 -33.87
C VAL A 210 -3.65 -41.85 -33.93
N ARG A 211 -4.38 -41.93 -35.05
CA ARG A 211 -5.29 -43.04 -35.31
C ARG A 211 -5.14 -43.46 -36.76
N GLY A 212 -5.59 -44.67 -37.06
CA GLY A 212 -5.44 -45.25 -38.38
C GLY A 212 -6.00 -44.39 -39.49
N GLY A 213 -5.12 -43.68 -40.20
CA GLY A 213 -5.55 -42.82 -41.29
C GLY A 213 -6.12 -41.50 -40.87
N ILE A 214 -6.10 -41.18 -39.58
CA ILE A 214 -6.65 -39.93 -39.06
C ILE A 214 -5.68 -39.37 -38.03
N LEU A 215 -5.26 -38.12 -38.23
CA LEU A 215 -4.38 -37.43 -37.29
C LEU A 215 -5.13 -36.25 -36.69
N ASP A 216 -5.25 -36.23 -35.37
CA ASP A 216 -5.82 -35.11 -34.65
C ASP A 216 -4.67 -34.25 -34.13
N VAL A 217 -4.78 -32.93 -34.29
CA VAL A 217 -3.72 -32.05 -33.86
C VAL A 217 -4.33 -30.71 -33.43
N PHE A 218 -3.77 -30.13 -32.37
CA PHE A 218 -4.18 -28.84 -31.84
C PHE A 218 -2.98 -27.89 -31.91
N PRO A 219 -2.82 -27.15 -33.01
CA PRO A 219 -1.71 -26.20 -33.09
C PRO A 219 -1.85 -25.12 -32.04
N PRO A 220 -0.74 -24.55 -31.57
CA PRO A 220 -0.82 -23.54 -30.50
C PRO A 220 -1.44 -22.22 -30.93
N THR A 221 -1.54 -21.96 -32.23
CA THR A 221 -2.10 -20.71 -32.73
C THR A 221 -3.49 -20.86 -33.33
N ALA A 222 -3.99 -22.08 -33.47
CA ALA A 222 -5.29 -22.32 -34.07
C ALA A 222 -6.39 -22.23 -33.02
N GLU A 223 -7.53 -21.65 -33.41
CA GLU A 223 -8.66 -21.52 -32.49
C GLU A 223 -9.26 -22.87 -32.17
N HIS A 224 -9.60 -23.64 -33.21
CA HIS A 224 -10.18 -24.96 -33.02
C HIS A 224 -9.19 -26.04 -33.41
N PRO A 225 -9.14 -27.16 -32.70
CA PRO A 225 -8.27 -28.27 -33.11
C PRO A 225 -8.75 -28.88 -34.41
N VAL A 226 -7.79 -29.35 -35.21
CA VAL A 226 -8.08 -29.81 -36.56
C VAL A 226 -7.79 -31.30 -36.65
N ARG A 227 -8.66 -32.01 -37.37
CA ARG A 227 -8.53 -33.42 -37.68
C ARG A 227 -8.33 -33.57 -39.18
N VAL A 228 -7.31 -34.35 -39.56
CA VAL A 228 -6.93 -34.53 -40.96
C VAL A 228 -6.97 -36.01 -41.29
N GLU A 229 -7.65 -36.36 -42.38
CA GLU A 229 -7.76 -37.74 -42.85
C GLU A 229 -6.79 -37.97 -43.99
N PHE A 230 -5.82 -38.85 -43.76
CA PHE A 230 -4.85 -39.25 -44.77
C PHE A 230 -5.38 -40.44 -45.56
N TRP A 231 -4.98 -40.52 -46.83
CA TRP A 231 -5.15 -41.73 -47.63
C TRP A 231 -3.88 -41.95 -48.44
N GLY A 232 -3.26 -43.11 -48.25
CA GLY A 232 -2.01 -43.41 -48.93
C GLY A 232 -0.89 -42.48 -48.50
N ASP A 233 -0.44 -41.62 -49.41
CA ASP A 233 0.65 -40.70 -49.13
C ASP A 233 0.25 -39.25 -49.38
N GLU A 234 -1.00 -38.92 -49.06
CA GLU A 234 -1.47 -37.54 -49.15
C GLU A 234 -2.76 -37.40 -48.35
N ILE A 235 -3.01 -36.20 -47.85
CA ILE A 235 -4.18 -35.93 -47.03
C ILE A 235 -5.44 -36.02 -47.90
N SER A 236 -6.44 -36.76 -47.41
CA SER A 236 -7.69 -36.91 -48.14
C SER A 236 -8.73 -35.88 -47.72
N GLU A 237 -8.80 -35.54 -46.43
CA GLU A 237 -9.77 -34.55 -45.98
C GLU A 237 -9.20 -33.77 -44.80
N MET A 238 -9.83 -32.63 -44.52
CA MET A 238 -9.46 -31.79 -43.39
C MET A 238 -10.73 -31.19 -42.81
N ARG A 239 -10.84 -31.18 -41.48
CA ARG A 239 -11.99 -30.56 -40.85
C ARG A 239 -11.66 -30.23 -39.40
N ALA A 240 -12.17 -29.10 -38.93
CA ALA A 240 -11.97 -28.66 -37.56
C ALA A 240 -13.07 -29.25 -36.66
N PHE A 241 -12.68 -29.73 -35.49
CA PHE A 241 -13.61 -30.34 -34.55
C PHE A 241 -13.60 -29.58 -33.23
N ALA A 242 -14.51 -29.97 -32.35
CA ALA A 242 -14.65 -29.36 -31.04
C ALA A 242 -14.02 -30.26 -29.98
N ILE A 243 -13.50 -29.63 -28.93
CA ILE A 243 -12.82 -30.39 -27.88
C ILE A 243 -13.83 -31.18 -27.05
N ALA A 244 -14.99 -30.60 -26.78
CA ALA A 244 -15.99 -31.20 -25.90
C ALA A 244 -16.46 -32.55 -26.40
N ASP A 245 -17.31 -32.57 -27.43
CA ASP A 245 -17.86 -33.81 -27.95
C ASP A 245 -16.91 -34.56 -28.86
N GLN A 246 -15.73 -34.01 -29.15
CA GLN A 246 -14.75 -34.57 -30.08
C GLN A 246 -15.30 -34.73 -31.49
N ARG A 247 -16.46 -34.15 -31.78
CA ARG A 247 -17.11 -34.25 -33.08
C ARG A 247 -16.74 -33.05 -33.94
N SER A 248 -16.74 -33.27 -35.26
CA SER A 248 -16.26 -32.25 -36.18
C SER A 248 -17.24 -31.09 -36.29
N ILE A 249 -16.70 -29.91 -36.56
CA ILE A 249 -17.49 -28.71 -36.82
C ILE A 249 -17.45 -28.45 -38.32
N PRO A 250 -18.53 -28.71 -39.07
CA PRO A 250 -18.50 -28.47 -40.51
C PRO A 250 -18.67 -27.00 -40.89
N GLU A 251 -19.22 -26.18 -40.01
CA GLU A 251 -19.44 -24.76 -40.32
C GLU A 251 -18.20 -23.90 -40.18
N VAL A 252 -17.08 -24.48 -39.73
CA VAL A 252 -15.80 -23.77 -39.69
C VAL A 252 -14.97 -24.24 -40.88
N PRO A 253 -14.81 -23.43 -41.92
CA PRO A 253 -13.97 -23.84 -43.05
C PRO A 253 -12.50 -23.86 -42.66
N VAL A 254 -11.81 -24.90 -43.09
CA VAL A 254 -10.41 -25.12 -42.72
C VAL A 254 -9.56 -24.96 -43.97
N GLN A 255 -8.74 -23.92 -44.00
CA GLN A 255 -7.79 -23.71 -45.08
C GLN A 255 -6.47 -24.38 -44.70
N THR A 256 -5.38 -23.98 -45.36
CA THR A 256 -4.06 -24.49 -44.99
C THR A 256 -3.73 -24.08 -43.56
N VAL A 257 -3.34 -25.06 -42.74
CA VAL A 257 -2.94 -24.80 -41.36
C VAL A 257 -1.43 -24.93 -41.27
N VAL A 258 -0.83 -24.11 -40.42
CA VAL A 258 0.61 -24.07 -40.23
C VAL A 258 0.88 -24.40 -38.77
N ALA A 259 1.31 -25.63 -38.52
CA ALA A 259 1.62 -26.09 -37.17
C ALA A 259 3.05 -25.65 -36.83
N VAL A 260 3.18 -24.53 -36.14
CA VAL A 260 4.47 -24.01 -35.70
C VAL A 260 4.89 -24.77 -34.45
N PRO A 261 6.17 -24.78 -34.08
CA PRO A 261 6.59 -25.51 -32.88
C PRO A 261 5.91 -24.98 -31.62
N CYS A 262 5.89 -25.83 -30.60
CA CYS A 262 5.25 -25.50 -29.32
C CYS A 262 6.25 -25.10 -28.25
N ARG A 263 7.54 -25.30 -28.48
CA ARG A 263 8.58 -24.81 -27.59
C ARG A 263 9.62 -24.07 -28.40
N GLU A 264 10.32 -23.14 -27.75
CA GLU A 264 11.31 -22.32 -28.43
C GLU A 264 12.62 -23.08 -28.60
N LEU A 265 12.55 -24.29 -29.14
CA LEU A 265 13.72 -25.12 -29.36
C LEU A 265 13.33 -26.24 -30.32
N LEU A 266 14.35 -26.90 -30.88
CA LEU A 266 14.17 -28.05 -31.75
C LEU A 266 14.86 -29.26 -31.13
N MET A 267 14.18 -30.39 -31.15
CA MET A 267 14.73 -31.62 -30.56
C MET A 267 15.52 -32.35 -31.64
N THR A 268 16.79 -31.99 -31.75
CA THR A 268 17.71 -32.56 -32.73
C THR A 268 18.54 -33.66 -32.07
N ASP A 269 19.43 -34.26 -32.86
CA ASP A 269 20.35 -35.25 -32.32
C ASP A 269 21.48 -34.62 -31.53
N ASP A 270 21.87 -33.39 -31.89
CA ASP A 270 22.96 -32.71 -31.19
C ASP A 270 22.56 -32.38 -29.75
N VAL A 271 21.33 -31.88 -29.55
CA VAL A 271 20.89 -31.53 -28.21
C VAL A 271 20.72 -32.79 -27.36
N ARG A 272 20.40 -33.93 -27.97
CA ARG A 272 20.40 -35.19 -27.23
C ARG A 272 21.82 -35.62 -26.89
N GLU A 273 22.78 -35.35 -27.79
CA GLU A 273 24.17 -35.68 -27.50
C GLU A 273 24.69 -34.88 -26.31
N ARG A 274 24.51 -33.56 -26.34
CA ARG A 274 24.95 -32.72 -25.23
C ARG A 274 24.14 -32.98 -23.97
N ALA A 275 22.85 -33.33 -24.12
CA ALA A 275 22.05 -33.73 -22.98
C ALA A 275 22.53 -35.07 -22.41
N ALA A 276 23.24 -35.87 -23.20
CA ALA A 276 23.85 -37.10 -22.71
C ALA A 276 25.21 -36.86 -22.08
N ALA A 277 25.96 -35.88 -22.58
CA ALA A 277 27.22 -35.50 -21.93
C ALA A 277 26.96 -34.85 -20.58
N LEU A 278 26.05 -33.88 -20.54
CA LEU A 278 25.63 -33.31 -19.27
C LEU A 278 24.89 -34.33 -18.42
N ALA A 279 24.12 -35.22 -19.07
CA ALA A 279 23.40 -36.25 -18.34
C ALA A 279 24.32 -37.29 -17.71
N ALA A 280 25.54 -37.43 -18.24
CA ALA A 280 26.51 -38.36 -17.66
C ALA A 280 26.79 -37.99 -16.20
N GLU A 281 27.07 -36.71 -15.95
CA GLU A 281 27.12 -36.23 -14.59
C GLU A 281 25.70 -36.01 -14.07
N HIS A 282 25.55 -36.11 -12.76
CA HIS A 282 24.24 -36.23 -12.11
C HIS A 282 23.42 -37.35 -12.76
N PRO A 283 23.92 -38.60 -12.74
CA PRO A 283 23.15 -39.69 -13.36
C PRO A 283 21.91 -40.04 -12.55
N THR A 284 22.10 -40.46 -11.30
CA THR A 284 21.03 -40.86 -10.40
C THR A 284 20.09 -41.86 -11.11
N THR A 285 20.68 -42.99 -11.51
CA THR A 285 19.93 -43.98 -12.29
C THR A 285 18.77 -44.54 -11.48
N GLU A 286 19.02 -44.92 -10.23
CA GLU A 286 17.99 -45.49 -9.37
C GLU A 286 17.32 -44.40 -8.55
N ASN A 287 16.02 -44.60 -8.29
CA ASN A 287 15.22 -43.70 -7.48
C ASN A 287 15.21 -42.27 -8.06
N THR A 288 14.74 -42.18 -9.29
CA THR A 288 14.71 -40.90 -9.99
C THR A 288 13.64 -39.99 -9.41
N VAL A 289 14.07 -38.86 -8.85
CA VAL A 289 13.14 -37.87 -8.31
C VAL A 289 12.41 -37.21 -9.47
N PRO A 290 11.18 -36.74 -9.29
CA PRO A 290 10.39 -36.27 -10.44
C PRO A 290 10.91 -34.97 -11.06
N GLY A 291 11.16 -33.96 -10.24
CA GLY A 291 11.50 -32.64 -10.73
C GLY A 291 12.96 -32.28 -10.75
N THR A 292 13.86 -33.22 -10.45
CA THR A 292 15.28 -32.91 -10.40
C THR A 292 15.91 -33.05 -11.78
N VAL A 293 17.18 -32.64 -11.87
CA VAL A 293 17.89 -32.54 -13.15
C VAL A 293 18.44 -33.87 -13.65
N PRO A 294 18.74 -34.87 -12.81
CA PRO A 294 19.01 -36.20 -13.39
C PRO A 294 17.84 -36.74 -14.19
N ASP A 295 16.62 -36.57 -13.70
CA ASP A 295 15.44 -36.99 -14.45
C ASP A 295 15.27 -36.15 -15.71
N MET A 296 15.42 -34.83 -15.59
CA MET A 296 15.25 -33.93 -16.73
C MET A 296 16.25 -34.26 -17.84
N LEU A 297 17.54 -34.21 -17.53
CA LEU A 297 18.56 -34.52 -18.52
C LEU A 297 18.46 -35.95 -19.01
N ALA A 298 18.05 -36.88 -18.14
CA ALA A 298 17.86 -38.26 -18.58
C ALA A 298 16.78 -38.36 -19.64
N LYS A 299 15.69 -37.61 -19.47
CA LYS A 299 14.62 -37.62 -20.46
C LYS A 299 14.97 -36.80 -21.69
N LEU A 300 15.87 -35.82 -21.57
CA LEU A 300 16.33 -35.10 -22.74
C LEU A 300 17.25 -35.96 -23.60
N ALA A 301 18.12 -36.74 -22.96
CA ALA A 301 18.91 -37.72 -23.70
C ALA A 301 18.00 -38.78 -24.33
N GLU A 302 16.88 -39.09 -23.67
CA GLU A 302 15.88 -39.97 -24.26
C GLU A 302 15.04 -39.26 -25.32
N GLY A 303 15.17 -37.95 -25.46
CA GLY A 303 14.58 -37.23 -26.58
C GLY A 303 13.21 -36.63 -26.33
N ILE A 304 12.59 -36.89 -25.18
CA ILE A 304 11.23 -36.41 -24.93
C ILE A 304 11.29 -35.01 -24.32
N PRO A 305 10.41 -34.10 -24.72
CA PRO A 305 10.40 -32.77 -24.11
C PRO A 305 9.88 -32.81 -22.68
N VAL A 306 10.52 -32.03 -21.81
CA VAL A 306 10.13 -31.94 -20.41
C VAL A 306 10.05 -30.47 -20.01
N ASP A 307 9.37 -30.22 -18.89
CA ASP A 307 9.19 -28.87 -18.41
C ASP A 307 10.51 -28.26 -17.96
N GLY A 308 10.60 -26.93 -18.05
CA GLY A 308 11.81 -26.24 -17.67
C GLY A 308 13.00 -26.48 -18.58
N MET A 309 12.76 -26.96 -19.80
CA MET A 309 13.87 -27.30 -20.69
C MET A 309 14.54 -26.07 -21.26
N GLU A 310 13.78 -24.99 -21.48
CA GLU A 310 14.31 -23.82 -22.18
C GLU A 310 15.50 -23.21 -21.45
N ALA A 311 15.50 -23.25 -20.11
CA ALA A 311 16.57 -22.65 -19.34
C ALA A 311 17.94 -23.20 -19.72
N LEU A 312 17.99 -24.47 -20.13
CA LEU A 312 19.24 -25.13 -20.51
C LEU A 312 19.63 -24.88 -21.95
N LEU A 313 19.10 -23.85 -22.60
CA LEU A 313 19.43 -23.58 -24.00
C LEU A 313 20.91 -23.29 -24.22
N PRO A 314 21.59 -22.44 -23.42
CA PRO A 314 23.01 -22.17 -23.70
C PRO A 314 23.91 -23.40 -23.66
N LEU A 315 23.52 -24.44 -22.92
CA LEU A 315 24.31 -25.68 -22.86
C LEU A 315 23.86 -26.73 -23.85
N LEU A 316 22.56 -26.78 -24.18
CA LEU A 316 22.05 -27.79 -25.09
C LEU A 316 22.23 -27.37 -26.54
N HIS A 317 21.89 -26.12 -26.86
CA HIS A 317 21.99 -25.59 -28.22
C HIS A 317 22.76 -24.28 -28.17
N PRO A 318 24.09 -24.35 -27.99
CA PRO A 318 24.89 -23.13 -27.83
C PRO A 318 25.12 -22.42 -29.15
N ILE A 319 24.67 -21.17 -29.24
CA ILE A 319 24.90 -20.28 -30.36
C ILE A 319 25.05 -18.87 -29.82
N GLU A 320 25.21 -17.91 -30.73
CA GLU A 320 25.16 -16.50 -30.36
C GLU A 320 23.71 -16.04 -30.45
N PRO A 321 23.05 -15.73 -29.33
CA PRO A 321 21.63 -15.40 -29.38
C PRO A 321 21.43 -13.93 -29.71
N THR A 322 20.70 -13.65 -30.78
CA THR A 322 20.37 -12.30 -31.18
C THR A 322 19.12 -11.83 -30.42
N THR A 323 18.76 -10.57 -30.63
CA THR A 323 17.61 -9.97 -29.98
C THR A 323 16.39 -10.05 -30.89
N LEU A 324 15.29 -9.43 -30.46
CA LEU A 324 14.06 -9.44 -31.26
C LEU A 324 14.19 -8.51 -32.47
N THR A 325 14.89 -7.39 -32.31
CA THR A 325 14.93 -6.35 -33.34
C THR A 325 15.52 -6.86 -34.65
N ARG A 326 16.35 -7.90 -34.63
CA ARG A 326 16.92 -8.43 -35.86
C ARG A 326 15.83 -9.04 -36.75
N HIS A 327 14.86 -9.73 -36.14
CA HIS A 327 13.80 -10.37 -36.90
C HIS A 327 12.85 -9.37 -37.55
N LEU A 328 12.92 -8.10 -37.17
CA LEU A 328 12.17 -7.08 -37.88
C LEU A 328 12.73 -6.92 -39.29
N PRO A 329 11.86 -6.62 -40.26
CA PRO A 329 12.37 -6.32 -41.61
C PRO A 329 13.29 -5.10 -41.58
N GLU A 330 14.36 -5.17 -42.37
CA GLU A 330 15.40 -4.14 -42.30
C GLU A 330 14.83 -2.77 -42.61
N GLY A 331 15.19 -1.79 -41.77
CA GLY A 331 14.71 -0.44 -41.91
C GLY A 331 13.57 -0.08 -40.97
N ALA A 332 12.89 -1.07 -40.39
CA ALA A 332 11.76 -0.79 -39.52
C ALA A 332 12.24 -0.13 -38.22
N PRO A 333 11.67 1.00 -37.83
CA PRO A 333 12.11 1.67 -36.60
C PRO A 333 11.44 1.10 -35.36
N VAL A 334 11.87 1.61 -34.21
CA VAL A 334 11.37 1.19 -32.91
C VAL A 334 10.97 2.43 -32.13
N LEU A 335 9.69 2.50 -31.76
CA LEU A 335 9.17 3.55 -30.91
C LEU A 335 8.99 2.99 -29.50
N VAL A 336 9.60 3.63 -28.52
CA VAL A 336 9.56 3.19 -27.12
C VAL A 336 8.67 4.16 -26.36
N CYS A 337 7.59 3.63 -25.79
CA CYS A 337 6.61 4.45 -25.08
C CYS A 337 7.04 4.60 -23.62
N ASP A 338 7.25 5.86 -23.18
CA ASP A 338 7.69 6.19 -21.84
C ASP A 338 8.96 5.43 -21.49
N PRO A 339 10.11 5.82 -22.05
CA PRO A 339 11.33 5.02 -21.87
C PRO A 339 11.81 4.96 -20.43
N GLU A 340 11.50 5.96 -19.61
CA GLU A 340 11.91 5.92 -18.21
C GLU A 340 11.31 4.72 -17.50
N LYS A 341 9.99 4.52 -17.64
CA LYS A 341 9.35 3.34 -17.05
C LYS A 341 9.85 2.05 -17.68
N VAL A 342 10.20 2.08 -18.97
CA VAL A 342 10.77 0.91 -19.62
C VAL A 342 12.08 0.51 -18.94
N ARG A 343 12.93 1.49 -18.62
CA ARG A 343 14.17 1.18 -17.93
C ARG A 343 13.91 0.71 -16.50
N THR A 344 13.08 1.45 -15.76
CA THR A 344 12.83 1.10 -14.36
C THR A 344 12.28 -0.30 -14.23
N ARG A 345 11.39 -0.72 -15.15
CA ARG A 345 10.92 -2.10 -15.12
C ARG A 345 12.01 -3.05 -15.60
N ALA A 346 12.78 -2.65 -16.61
CA ALA A 346 13.86 -3.50 -17.12
C ALA A 346 14.79 -3.94 -16.00
N ALA A 347 15.14 -3.02 -15.10
CA ALA A 347 15.94 -3.39 -13.93
C ALA A 347 15.24 -4.48 -13.12
N ASP A 348 13.90 -4.43 -13.03
CA ASP A 348 13.18 -5.45 -12.29
C ASP A 348 13.21 -6.80 -12.99
N LEU A 349 13.13 -6.80 -14.33
CA LEU A 349 13.27 -8.06 -15.06
C LEU A 349 14.65 -8.67 -14.83
N ILE A 350 15.70 -7.85 -14.89
CA ILE A 350 17.04 -8.39 -14.72
C ILE A 350 17.25 -8.90 -13.30
N LYS A 351 16.73 -8.17 -12.31
CA LYS A 351 16.90 -8.59 -10.92
C LYS A 351 16.12 -9.88 -10.64
N THR A 352 14.84 -9.91 -11.01
CA THR A 352 14.04 -11.10 -10.76
C THR A 352 14.57 -12.31 -11.53
N GLY A 353 14.96 -12.10 -12.77
CA GLY A 353 15.51 -13.21 -13.56
C GLY A 353 16.83 -13.72 -13.00
N ARG A 354 17.67 -12.81 -12.50
CA ARG A 354 18.92 -13.24 -11.87
C ARG A 354 18.65 -14.02 -10.60
N GLU A 355 17.69 -13.55 -9.78
CA GLU A 355 17.34 -14.28 -8.56
C GLU A 355 16.80 -15.66 -8.88
N PHE A 356 16.00 -15.78 -9.95
CA PHE A 356 15.49 -17.08 -10.35
C PHE A 356 16.60 -17.97 -10.91
N LEU A 357 17.60 -17.37 -11.56
CA LEU A 357 18.72 -18.15 -12.07
C LEU A 357 19.54 -18.73 -10.92
N GLU A 358 19.99 -17.87 -10.00
CA GLU A 358 20.76 -18.34 -8.85
C GLU A 358 19.94 -19.34 -8.03
N ALA A 359 18.65 -19.06 -7.83
CA ALA A 359 17.81 -19.93 -7.02
C ALA A 359 17.64 -21.30 -7.66
N SER A 360 17.29 -21.33 -8.95
CA SER A 360 16.98 -22.59 -9.60
C SER A 360 18.23 -23.42 -9.87
N TRP A 361 19.36 -22.77 -10.15
CA TRP A 361 20.55 -23.49 -10.58
C TRP A 361 21.71 -23.31 -9.60
N SER A 362 21.41 -23.12 -8.32
CA SER A 362 22.46 -23.11 -7.32
C SER A 362 23.06 -24.51 -7.18
N THR A 363 24.23 -24.58 -6.55
CA THR A 363 24.93 -25.86 -6.42
C THR A 363 24.08 -26.89 -5.71
N ALA A 364 23.29 -26.45 -4.73
CA ALA A 364 22.53 -27.39 -3.92
C ALA A 364 21.36 -27.98 -4.70
N ALA A 365 20.75 -27.20 -5.59
CA ALA A 365 19.50 -27.62 -6.21
C ALA A 365 19.70 -28.52 -7.43
N VAL A 366 20.92 -28.62 -7.96
CA VAL A 366 21.18 -29.36 -9.19
C VAL A 366 21.63 -30.75 -8.80
N GLY A 367 21.38 -31.10 -7.55
CA GLY A 367 21.80 -32.38 -7.02
C GLY A 367 23.13 -32.38 -6.33
N GLY A 368 23.79 -31.22 -6.20
CA GLY A 368 24.99 -31.12 -5.40
C GLY A 368 26.23 -31.51 -6.17
N ASP A 369 26.07 -32.32 -7.21
CA ASP A 369 27.19 -32.81 -7.99
C ASP A 369 27.51 -31.86 -9.13
N ALA A 370 28.82 -31.78 -9.45
CA ALA A 370 29.40 -31.04 -10.56
C ALA A 370 28.53 -29.88 -11.01
N PRO A 371 28.37 -28.84 -10.18
CA PRO A 371 27.42 -27.78 -10.52
C PRO A 371 27.78 -27.10 -11.83
N ILE A 372 26.81 -27.05 -12.74
CA ILE A 372 27.00 -26.37 -14.01
C ILE A 372 27.31 -24.91 -13.75
N ASP A 373 28.28 -24.38 -14.49
CA ASP A 373 28.62 -22.96 -14.34
C ASP A 373 27.48 -22.10 -14.86
N LEU A 374 27.23 -21.00 -14.17
CA LEU A 374 26.11 -20.12 -14.51
C LEU A 374 26.46 -19.09 -15.58
N GLU A 375 27.76 -18.87 -15.83
CA GLU A 375 28.15 -17.86 -16.81
C GLU A 375 27.61 -18.20 -18.20
N ALA A 376 27.71 -19.47 -18.61
CA ALA A 376 27.14 -19.88 -19.88
C ALA A 376 25.64 -19.68 -19.89
N LEU A 377 24.96 -20.04 -18.79
CA LEU A 377 23.53 -19.83 -18.70
C LEU A 377 23.14 -18.36 -18.72
N GLY A 378 24.09 -17.46 -18.46
CA GLY A 378 23.83 -16.04 -18.58
C GLY A 378 23.66 -15.52 -19.99
N ALA A 379 23.84 -16.37 -21.00
CA ALA A 379 23.69 -15.94 -22.39
C ALA A 379 22.23 -15.70 -22.75
N SER A 380 21.31 -16.47 -22.16
CA SER A 380 19.89 -16.33 -22.43
C SER A 380 19.22 -15.29 -21.53
N GLY A 381 19.96 -14.71 -20.58
CA GLY A 381 19.38 -13.73 -19.68
C GLY A 381 19.08 -12.42 -20.37
N PHE A 382 18.29 -11.60 -19.67
CA PHE A 382 17.90 -10.30 -20.20
C PHE A 382 19.11 -9.44 -20.49
N VAL A 383 19.20 -8.93 -21.72
CA VAL A 383 20.19 -7.90 -22.02
C VAL A 383 19.72 -6.59 -21.40
N THR A 384 20.68 -5.72 -21.08
CA THR A 384 20.33 -4.46 -20.45
C THR A 384 19.70 -3.52 -21.47
N PHE A 385 19.15 -2.41 -20.96
CA PHE A 385 18.53 -1.42 -21.82
C PHE A 385 19.54 -0.84 -22.82
N GLU A 386 20.77 -0.58 -22.36
CA GLU A 386 21.77 -0.03 -23.25
C GLU A 386 22.20 -1.04 -24.32
N GLU A 387 22.31 -2.31 -23.95
CA GLU A 387 22.70 -3.33 -24.92
C GLU A 387 21.63 -3.53 -25.98
N ALA A 388 20.36 -3.47 -25.59
CA ALA A 388 19.29 -3.56 -26.58
C ALA A 388 19.23 -2.31 -27.44
N ARG A 389 19.54 -1.14 -26.86
CA ARG A 389 19.56 0.09 -27.64
C ARG A 389 20.65 0.05 -28.70
N GLU A 390 21.89 -0.23 -28.30
CA GLU A 390 22.99 -0.26 -29.25
C GLU A 390 22.86 -1.44 -30.21
N ALA A 391 22.25 -2.54 -29.78
CA ALA A 391 22.03 -3.66 -30.68
C ALA A 391 20.95 -3.35 -31.71
N ALA A 392 19.96 -2.53 -31.34
CA ALA A 392 18.95 -2.11 -32.30
C ALA A 392 19.49 -1.07 -33.28
N ARG A 393 20.29 -0.12 -32.79
CA ARG A 393 20.86 0.88 -33.68
C ARG A 393 21.91 0.28 -34.60
N GLU A 394 22.73 -0.63 -34.09
CA GLU A 394 23.75 -1.27 -34.92
C GLU A 394 23.17 -2.29 -35.89
N GLY A 395 21.89 -2.60 -35.77
CA GLY A 395 21.23 -3.50 -36.70
C GLY A 395 20.44 -2.81 -37.80
N GLY A 396 20.44 -1.48 -37.83
CA GLY A 396 19.74 -0.74 -38.85
C GLY A 396 18.37 -0.25 -38.47
N HIS A 397 17.95 -0.44 -37.21
CA HIS A 397 16.61 -0.08 -36.78
C HIS A 397 16.69 1.13 -35.86
N PRO A 398 16.13 2.27 -36.25
CA PRO A 398 16.20 3.47 -35.40
C PRO A 398 15.49 3.27 -34.07
N TRP A 399 15.93 4.05 -33.08
CA TRP A 399 15.44 3.96 -31.70
C TRP A 399 14.82 5.31 -31.34
N TRP A 400 13.49 5.36 -31.31
CA TRP A 400 12.75 6.59 -31.04
C TRP A 400 11.96 6.46 -29.75
N THR A 401 11.63 7.61 -29.16
CA THR A 401 10.99 7.66 -27.86
C THR A 401 9.71 8.48 -27.89
N LEU A 402 8.74 8.07 -27.08
CA LEU A 402 7.55 8.88 -26.79
C LEU A 402 7.43 8.96 -25.27
N SER A 403 7.55 10.17 -24.74
CA SER A 403 7.52 10.38 -23.29
C SER A 403 6.46 11.42 -22.98
N GLN A 404 5.63 11.15 -21.97
CA GLN A 404 4.60 12.11 -21.57
C GLN A 404 5.22 13.37 -20.98
N LEU A 405 6.37 13.25 -20.34
CA LEU A 405 7.02 14.42 -19.74
C LEU A 405 7.64 15.30 -20.82
N SER A 406 7.70 16.60 -20.53
CA SER A 406 8.20 17.57 -21.49
C SER A 406 9.71 17.51 -21.58
N ASP A 407 10.23 17.57 -22.81
CA ASP A 407 11.66 17.59 -23.07
C ASP A 407 11.99 18.81 -23.92
N GLU A 408 13.24 19.27 -23.81
CA GLU A 408 13.64 20.49 -24.51
C GLU A 408 13.81 20.24 -26.01
N SER A 409 14.69 19.33 -26.38
CA SER A 409 15.01 19.07 -27.77
C SER A 409 14.01 18.14 -28.47
N ALA A 410 12.93 17.77 -27.79
CA ALA A 410 11.97 16.85 -28.37
C ALA A 410 10.96 17.60 -29.25
N VAL A 411 10.33 16.86 -30.16
CA VAL A 411 9.28 17.39 -31.02
C VAL A 411 7.96 17.17 -30.29
N GLU A 412 7.47 18.22 -29.61
CA GLU A 412 6.26 18.11 -28.82
C GLU A 412 5.04 18.27 -29.71
N LEU A 413 4.17 17.27 -29.71
CA LEU A 413 3.02 17.26 -30.60
C LEU A 413 1.88 18.09 -30.04
N ASP A 414 1.07 18.64 -30.94
CA ASP A 414 -0.11 19.43 -30.57
C ASP A 414 -1.27 18.48 -30.25
N ILE A 415 -1.14 17.80 -29.12
CA ILE A 415 -2.12 16.82 -28.67
C ILE A 415 -2.34 17.00 -27.18
N ARG A 416 -3.60 17.10 -26.77
CA ARG A 416 -3.97 17.24 -25.37
C ARG A 416 -4.83 16.06 -24.95
N SER A 417 -4.64 15.61 -23.71
CA SER A 417 -5.42 14.50 -23.19
C SER A 417 -6.88 14.91 -23.02
N ALA A 418 -7.74 13.90 -22.89
CA ALA A 418 -9.17 14.16 -22.77
C ALA A 418 -9.54 14.58 -21.36
N PRO A 419 -10.56 15.42 -21.22
CA PRO A 419 -11.09 15.71 -19.88
C PRO A 419 -11.82 14.49 -19.33
N SER A 420 -11.37 14.01 -18.18
CA SER A 420 -11.92 12.81 -17.56
C SER A 420 -12.88 13.24 -16.46
N ALA A 421 -14.18 13.18 -16.74
CA ALA A 421 -15.19 13.40 -15.71
C ALA A 421 -15.12 12.27 -14.70
N ARG A 422 -14.68 12.58 -13.47
CA ARG A 422 -14.46 11.57 -12.44
C ARG A 422 -15.73 10.80 -12.09
N GLY A 423 -16.90 11.31 -12.42
CA GLY A 423 -18.13 10.63 -12.06
C GLY A 423 -19.12 11.63 -11.50
N SER A 424 -18.64 12.81 -11.14
CA SER A 424 -19.51 13.88 -10.72
C SER A 424 -20.24 14.44 -11.93
N GLN A 425 -21.57 14.32 -11.93
CA GLN A 425 -22.35 14.59 -13.13
C GLN A 425 -22.32 16.03 -13.57
N HIS A 426 -21.85 16.96 -12.73
CA HIS A 426 -21.64 18.32 -13.21
C HIS A 426 -20.48 18.36 -14.21
N ASN A 427 -19.43 17.59 -13.94
CA ASN A 427 -18.35 17.44 -14.91
C ASN A 427 -18.83 16.75 -16.17
N LEU A 428 -19.76 15.80 -16.04
CA LEU A 428 -20.32 15.14 -17.20
C LEU A 428 -21.09 16.12 -18.07
N GLU A 429 -21.99 16.89 -17.46
CA GLU A 429 -22.73 17.91 -18.20
C GLU A 429 -21.78 18.94 -18.82
N GLU A 430 -20.69 19.27 -18.13
CA GLU A 430 -19.72 20.20 -18.68
C GLU A 430 -19.04 19.62 -19.91
N ILE A 431 -18.69 18.33 -19.86
CA ILE A 431 -18.06 17.68 -21.02
C ILE A 431 -19.01 17.67 -22.20
N PHE A 432 -20.25 17.24 -21.97
CA PHE A 432 -21.23 17.26 -23.06
C PHE A 432 -21.46 18.68 -23.57
N ALA A 433 -21.29 19.68 -22.69
CA ALA A 433 -21.45 21.06 -23.11
C ALA A 433 -20.31 21.51 -24.02
N MET A 434 -19.07 21.15 -23.69
CA MET A 434 -17.96 21.50 -24.58
C MET A 434 -18.05 20.75 -25.89
N LEU A 435 -18.62 19.54 -25.88
CA LEU A 435 -18.91 18.85 -27.13
C LEU A 435 -19.93 19.63 -27.95
N ARG A 436 -21.00 20.07 -27.30
CA ARG A 436 -22.03 20.86 -27.98
C ARG A 436 -21.45 22.13 -28.60
N ALA A 437 -20.59 22.82 -27.86
CA ALA A 437 -19.98 24.04 -28.40
C ALA A 437 -19.03 23.72 -29.54
N HIS A 438 -18.27 22.62 -29.43
CA HIS A 438 -17.34 22.27 -30.49
C HIS A 438 -18.07 21.96 -31.78
N VAL A 439 -19.14 21.17 -31.71
CA VAL A 439 -19.89 20.87 -32.92
C VAL A 439 -20.70 22.07 -33.40
N ALA A 440 -21.05 23.01 -32.49
CA ALA A 440 -21.68 24.24 -32.93
C ALA A 440 -20.72 25.09 -33.75
N THR A 441 -19.44 25.12 -33.36
CA THR A 441 -18.43 25.78 -34.18
C THR A 441 -18.30 25.09 -35.53
N GLY A 442 -18.29 23.77 -35.56
CA GLY A 442 -18.15 23.02 -36.79
C GLY A 442 -17.12 21.92 -36.67
N GLY A 443 -16.50 21.82 -35.50
CA GLY A 443 -15.49 20.80 -35.27
C GLY A 443 -16.09 19.41 -35.16
N TYR A 444 -15.22 18.41 -35.24
CA TYR A 444 -15.62 17.02 -35.17
C TYR A 444 -15.51 16.52 -33.74
N ALA A 445 -16.58 15.91 -33.25
CA ALA A 445 -16.62 15.31 -31.92
C ALA A 445 -17.00 13.84 -32.05
N ALA A 446 -16.24 12.98 -31.38
CA ALA A 446 -16.47 11.54 -31.42
C ALA A 446 -16.42 10.97 -30.00
N VAL A 447 -17.39 10.14 -29.66
CA VAL A 447 -17.44 9.47 -28.37
C VAL A 447 -17.23 7.98 -28.63
N VAL A 448 -16.06 7.48 -28.29
CA VAL A 448 -15.68 6.10 -28.57
C VAL A 448 -16.01 5.24 -27.36
N THR A 449 -16.89 4.25 -27.55
CA THR A 449 -17.29 3.34 -26.48
C THR A 449 -16.96 1.90 -26.88
N PRO A 450 -16.00 1.25 -26.22
CA PRO A 450 -15.73 -0.16 -26.56
C PRO A 450 -16.77 -1.14 -26.04
N GLY A 451 -17.58 -0.74 -25.06
CA GLY A 451 -18.56 -1.65 -24.51
C GLY A 451 -19.72 -1.90 -25.45
N ILE A 452 -20.32 -3.07 -25.31
CA ILE A 452 -21.47 -3.48 -26.12
C ILE A 452 -22.74 -3.16 -25.34
N GLY A 453 -23.60 -2.31 -25.92
CA GLY A 453 -24.81 -1.89 -25.28
C GLY A 453 -24.73 -0.56 -24.54
N THR A 454 -23.61 0.14 -24.64
CA THR A 454 -23.43 1.42 -23.96
C THR A 454 -23.47 2.61 -24.91
N ALA A 455 -23.47 2.39 -26.22
CA ALA A 455 -23.49 3.49 -27.17
C ALA A 455 -24.84 4.21 -27.16
N HIS A 456 -25.93 3.44 -27.18
CA HIS A 456 -27.26 4.03 -27.11
C HIS A 456 -27.45 4.82 -25.81
N ARG A 457 -26.82 4.38 -24.73
CA ARG A 457 -26.90 5.12 -23.47
C ARG A 457 -26.22 6.47 -23.61
N VAL A 458 -25.08 6.53 -24.29
CA VAL A 458 -24.41 7.81 -24.52
C VAL A 458 -25.26 8.68 -25.44
N VAL A 459 -25.95 8.08 -26.41
CA VAL A 459 -26.85 8.85 -27.26
C VAL A 459 -27.97 9.46 -26.44
N GLU A 460 -28.51 8.70 -25.48
CA GLU A 460 -29.57 9.21 -24.62
C GLU A 460 -29.05 10.32 -23.71
N GLN A 461 -27.84 10.16 -23.17
CA GLN A 461 -27.26 11.20 -22.33
C GLN A 461 -27.04 12.48 -23.11
N LEU A 462 -26.51 12.37 -24.34
CA LEU A 462 -26.35 13.54 -25.19
C LEU A 462 -27.69 14.17 -25.54
N GLY A 463 -28.73 13.35 -25.72
CA GLY A 463 -30.05 13.90 -25.97
C GLY A 463 -30.60 14.65 -24.77
N GLU A 464 -30.33 14.16 -23.56
CA GLU A 464 -30.74 14.88 -22.35
C GLU A 464 -29.90 16.12 -22.14
N ALA A 465 -28.65 16.12 -22.62
CA ALA A 465 -27.81 17.30 -22.61
C ALA A 465 -28.04 18.19 -23.83
N ASP A 466 -29.06 17.89 -24.63
CA ASP A 466 -29.43 18.66 -25.82
C ASP A 466 -28.26 18.74 -26.80
N THR A 467 -27.84 17.57 -27.28
CA THR A 467 -26.76 17.47 -28.24
C THR A 467 -27.14 16.46 -29.31
N ALA A 468 -26.88 16.80 -30.57
CA ALA A 468 -27.16 15.90 -31.68
C ALA A 468 -26.15 14.76 -31.68
N ALA A 469 -26.63 13.53 -31.57
CA ALA A 469 -25.79 12.36 -31.48
C ALA A 469 -26.14 11.37 -32.59
N THR A 470 -25.15 10.58 -33.00
CA THR A 470 -25.34 9.58 -34.04
C THR A 470 -24.39 8.42 -33.80
N ILE A 471 -24.95 7.21 -33.73
CA ILE A 471 -24.12 6.01 -33.64
C ILE A 471 -23.48 5.77 -35.00
N LEU A 472 -22.17 5.98 -35.08
CA LEU A 472 -21.48 5.97 -36.35
C LEU A 472 -21.40 4.56 -36.94
N GLU A 473 -21.48 4.48 -38.26
CA GLU A 473 -21.26 3.22 -38.94
C GLU A 473 -19.81 2.79 -38.72
N PRO A 474 -19.56 1.52 -38.37
CA PRO A 474 -18.18 1.08 -38.07
C PRO A 474 -17.25 1.30 -39.25
N GLY A 475 -16.23 2.13 -39.04
CA GLY A 475 -15.25 2.43 -40.06
C GLY A 475 -15.35 3.82 -40.66
N THR A 476 -16.32 4.62 -40.22
CA THR A 476 -16.55 5.94 -40.79
C THR A 476 -15.91 7.01 -39.93
N ALA A 477 -15.99 8.26 -40.40
CA ALA A 477 -15.50 9.43 -39.69
C ALA A 477 -16.67 10.27 -39.20
N PRO A 478 -16.54 10.91 -38.03
CA PRO A 478 -17.66 11.71 -37.51
C PRO A 478 -17.97 12.89 -38.42
N LYS A 479 -19.25 13.07 -38.72
CA LYS A 479 -19.67 14.17 -39.58
C LYS A 479 -19.57 15.50 -38.85
N ALA A 480 -19.17 16.54 -39.57
CA ALA A 480 -19.06 17.87 -38.98
C ALA A 480 -20.44 18.39 -38.61
N GLY A 481 -20.57 18.87 -37.37
CA GLY A 481 -21.81 19.41 -36.88
C GLY A 481 -22.62 18.47 -36.00
N VAL A 482 -22.27 17.19 -35.97
CA VAL A 482 -22.96 16.21 -35.13
C VAL A 482 -21.92 15.40 -34.37
N VAL A 483 -22.21 15.11 -33.10
CA VAL A 483 -21.35 14.23 -32.32
C VAL A 483 -21.56 12.79 -32.75
N GLY A 484 -20.47 12.05 -32.89
CA GLY A 484 -20.56 10.68 -33.35
C GLY A 484 -20.22 9.66 -32.29
N VAL A 485 -21.24 9.02 -31.72
CA VAL A 485 -21.01 7.90 -30.81
C VAL A 485 -20.55 6.71 -31.64
N LEU A 486 -19.34 6.23 -31.35
CA LEU A 486 -18.72 5.18 -32.15
C LEU A 486 -18.34 4.01 -31.25
N LYS A 487 -18.49 2.80 -31.79
CA LYS A 487 -18.14 1.57 -31.09
C LYS A 487 -16.76 1.14 -31.55
N GLY A 488 -15.74 1.37 -30.71
CA GLY A 488 -14.38 1.05 -31.04
C GLY A 488 -13.51 0.89 -29.81
N PRO A 489 -12.35 0.25 -29.97
CA PRO A 489 -11.45 0.02 -28.84
C PRO A 489 -10.58 1.24 -28.56
N LEU A 490 -10.86 1.91 -27.44
CA LEU A 490 -10.04 3.02 -26.97
C LEU A 490 -10.09 3.03 -25.44
N CYS A 491 -8.97 3.43 -24.84
CA CYS A 491 -8.89 3.54 -23.38
C CYS A 491 -9.23 4.95 -22.92
N SER A 492 -8.35 5.90 -23.21
CA SER A 492 -8.58 7.30 -22.87
C SER A 492 -8.65 8.13 -24.14
N GLY A 493 -9.46 9.19 -24.10
CA GLY A 493 -9.65 10.05 -25.25
C GLY A 493 -8.50 11.00 -25.49
N VAL A 494 -8.59 11.74 -26.58
CA VAL A 494 -7.55 12.67 -27.01
C VAL A 494 -8.22 13.85 -27.70
N VAL A 495 -7.72 15.05 -27.41
CA VAL A 495 -8.21 16.28 -28.02
C VAL A 495 -7.13 16.82 -28.95
N LEU A 496 -7.43 16.87 -30.25
CA LEU A 496 -6.52 17.46 -31.23
C LEU A 496 -7.16 18.73 -31.77
N PRO A 497 -6.80 19.91 -31.24
CA PRO A 497 -7.37 21.16 -31.79
C PRO A 497 -6.87 21.48 -33.19
N GLY A 498 -5.70 20.97 -33.59
CA GLY A 498 -5.22 21.23 -34.93
C GLY A 498 -6.09 20.60 -35.99
N ALA A 499 -6.57 19.38 -35.73
CA ALA A 499 -7.50 18.71 -36.64
C ALA A 499 -8.95 19.07 -36.35
N ASN A 500 -9.20 19.99 -35.42
CA ASN A 500 -10.55 20.35 -35.00
C ASN A 500 -11.33 19.12 -34.53
N LEU A 501 -10.65 18.25 -33.78
CA LEU A 501 -11.17 16.96 -33.39
C LEU A 501 -11.13 16.80 -31.87
N VAL A 502 -12.21 16.27 -31.31
CA VAL A 502 -12.28 15.96 -29.89
C VAL A 502 -12.79 14.53 -29.76
N ILE A 503 -11.96 13.64 -29.25
CA ILE A 503 -12.31 12.24 -29.04
C ILE A 503 -12.41 12.00 -27.54
N ILE A 504 -13.57 11.53 -27.10
CA ILE A 504 -13.83 11.25 -25.70
C ILE A 504 -14.27 9.80 -25.57
N THR A 505 -13.59 9.05 -24.71
CA THR A 505 -13.87 7.63 -24.53
C THR A 505 -14.95 7.43 -23.48
N GLU A 506 -15.65 6.30 -23.58
CA GLU A 506 -16.58 5.91 -22.53
C GLU A 506 -15.89 5.77 -21.19
N THR A 507 -14.63 5.32 -21.19
CA THR A 507 -13.87 5.20 -19.95
C THR A 507 -13.76 6.55 -19.25
N ASP A 508 -13.49 7.62 -19.99
CA ASP A 508 -13.41 8.94 -19.38
C ASP A 508 -14.74 9.37 -18.78
N LEU A 509 -15.85 8.93 -19.38
CA LEU A 509 -17.16 9.33 -18.88
C LEU A 509 -17.60 8.52 -17.66
N THR A 510 -17.23 7.23 -17.60
CA THR A 510 -17.68 6.36 -16.54
C THR A 510 -16.56 5.88 -15.63
N GLY A 511 -15.31 6.22 -15.92
CA GLY A 511 -14.21 5.85 -15.04
C GLY A 511 -13.95 4.37 -14.94
N ASN A 512 -14.22 3.61 -16.00
CA ASN A 512 -14.04 2.17 -16.00
C ASN A 512 -13.37 1.73 -17.29
N ARG A 513 -12.58 0.66 -17.21
CA ARG A 513 -11.85 0.12 -18.35
C ARG A 513 -12.55 -1.15 -18.84
N VAL A 514 -12.93 -1.15 -20.11
CA VAL A 514 -13.51 -2.32 -20.76
C VAL A 514 -12.38 -3.05 -21.49
N THR A 515 -12.14 -4.30 -21.07
CA THR A 515 -11.00 -5.04 -21.60
C THR A 515 -11.24 -5.56 -23.00
N ALA A 516 -12.32 -6.29 -23.20
CA ALA A 516 -12.62 -6.88 -24.50
C ALA A 516 -14.12 -6.95 -24.77
N ALA A 523 -16.20 -14.91 -27.85
CA ALA A 523 -16.89 -16.19 -27.82
C ALA A 523 -16.20 -17.15 -26.88
N ALA A 524 -16.77 -18.36 -26.74
CA ALA A 524 -16.22 -19.36 -25.84
C ALA A 524 -16.72 -20.73 -26.27
N LYS A 525 -15.85 -21.73 -26.19
CA LYS A 525 -16.18 -23.10 -26.53
C LYS A 525 -16.38 -23.93 -25.26
N ARG A 526 -17.38 -24.81 -25.29
CA ARG A 526 -17.67 -25.64 -24.14
C ARG A 526 -16.55 -26.65 -23.91
N ARG A 527 -16.37 -27.03 -22.64
CA ARG A 527 -15.33 -27.99 -22.28
C ARG A 527 -15.93 -29.20 -21.59
N ASN A 528 -16.90 -29.85 -22.24
CA ASN A 528 -17.54 -31.03 -21.63
C ASN A 528 -16.57 -32.20 -21.54
N VAL A 529 -15.79 -32.44 -22.60
CA VAL A 529 -14.79 -33.50 -22.64
C VAL A 529 -15.44 -34.85 -22.33
N VAL A 530 -16.44 -35.22 -23.12
CA VAL A 530 -17.27 -36.40 -22.88
C VAL A 530 -16.69 -37.56 -23.68
N ASP A 531 -15.72 -38.26 -23.10
CA ASP A 531 -15.15 -39.48 -23.67
C ASP A 531 -14.36 -40.37 -22.70
N PRO A 532 -14.34 -40.14 -21.35
CA PRO A 532 -13.53 -41.02 -20.50
C PRO A 532 -14.30 -41.86 -19.49
N LEU A 533 -13.94 -43.15 -19.42
CA LEU A 533 -14.26 -44.04 -18.29
C LEU A 533 -12.98 -44.85 -18.01
N ALA A 534 -11.98 -44.17 -17.47
CA ALA A 534 -10.63 -44.70 -17.42
C ALA A 534 -10.51 -45.90 -16.49
N LEU A 535 -9.59 -46.80 -16.82
CA LEU A 535 -9.32 -47.97 -16.01
C LEU A 535 -7.84 -48.31 -16.10
N THR A 536 -7.22 -48.57 -14.96
CA THR A 536 -5.85 -49.04 -14.90
C THR A 536 -5.79 -50.40 -14.20
N ALA A 537 -4.71 -51.12 -14.45
CA ALA A 537 -4.56 -52.46 -13.85
C ALA A 537 -4.51 -52.35 -12.33
N GLY A 538 -5.34 -53.16 -11.67
CA GLY A 538 -5.43 -53.16 -10.23
C GLY A 538 -6.55 -52.32 -9.66
N ASP A 539 -7.22 -51.52 -10.49
CA ASP A 539 -8.32 -50.69 -10.01
C ASP A 539 -9.49 -51.56 -9.57
N LEU A 540 -10.30 -51.00 -8.68
CA LEU A 540 -11.47 -51.67 -8.13
C LEU A 540 -12.71 -51.21 -8.89
N VAL A 541 -13.53 -52.17 -9.34
CA VAL A 541 -14.79 -51.88 -9.99
C VAL A 541 -15.89 -52.73 -9.37
N VAL A 542 -17.12 -52.30 -9.57
CA VAL A 542 -18.31 -52.97 -9.05
C VAL A 542 -19.15 -53.43 -10.23
N HIS A 543 -19.41 -54.73 -10.30
CA HIS A 543 -20.32 -55.31 -11.26
C HIS A 543 -21.66 -55.53 -10.60
N ASP A 544 -22.74 -55.11 -11.25
CA ASP A 544 -24.06 -55.11 -10.62
C ASP A 544 -24.46 -56.52 -10.18
N GLN A 545 -24.16 -57.53 -10.98
CA GLN A 545 -24.62 -58.89 -10.71
C GLN A 545 -23.63 -59.70 -9.89
N HIS A 546 -22.44 -59.17 -9.61
CA HIS A 546 -21.45 -59.94 -8.87
C HIS A 546 -20.94 -59.19 -7.65
N GLY A 547 -20.32 -58.02 -7.86
CA GLY A 547 -19.81 -57.22 -6.77
C GLY A 547 -18.49 -56.52 -7.01
N ILE A 548 -17.73 -56.30 -5.94
CA ILE A 548 -16.49 -55.55 -6.04
C ILE A 548 -15.36 -56.49 -6.43
N GLY A 549 -14.52 -56.04 -7.38
CA GLY A 549 -13.40 -56.84 -7.83
C GLY A 549 -12.28 -55.96 -8.35
N LYS A 550 -11.12 -56.58 -8.55
CA LYS A 550 -9.92 -55.90 -9.01
C LYS A 550 -9.73 -56.12 -10.50
N PHE A 551 -9.51 -55.02 -11.23
CA PHE A 551 -9.28 -55.11 -12.67
C PHE A 551 -7.90 -55.69 -12.95
N VAL A 552 -7.79 -56.41 -14.06
CA VAL A 552 -6.52 -57.04 -14.44
C VAL A 552 -6.05 -56.52 -15.78
N GLU A 553 -6.75 -56.89 -16.86
CA GLU A 553 -6.34 -56.51 -18.21
C GLU A 553 -7.54 -56.63 -19.15
N MET A 554 -7.26 -56.68 -20.45
CA MET A 554 -8.25 -56.90 -21.49
C MET A 554 -7.71 -57.93 -22.47
N THR A 555 -8.55 -58.89 -22.84
CA THR A 555 -8.12 -60.01 -23.67
C THR A 555 -9.11 -60.24 -24.81
N GLU A 556 -8.78 -61.21 -25.66
CA GLU A 556 -9.61 -61.55 -26.81
C GLU A 556 -9.52 -63.05 -27.05
N ARG A 557 -10.68 -63.69 -27.23
CA ARG A 557 -10.75 -65.12 -27.45
C ARG A 557 -11.57 -65.40 -28.70
N VAL A 558 -11.29 -66.53 -29.33
CA VAL A 558 -11.94 -66.92 -30.58
C VAL A 558 -12.80 -68.15 -30.33
N VAL A 559 -14.09 -68.03 -30.63
CA VAL A 559 -15.03 -69.16 -30.50
C VAL A 559 -15.84 -69.34 -31.78
N GLY A 560 -15.28 -70.04 -32.77
CA GLY A 560 -15.94 -70.22 -34.04
C GLY A 560 -15.56 -69.23 -35.12
N GLY A 561 -14.28 -68.83 -35.16
CA GLY A 561 -13.83 -67.87 -36.14
C GLY A 561 -14.10 -66.42 -35.81
N ALA A 562 -14.64 -66.13 -34.64
CA ALA A 562 -14.96 -64.77 -34.23
C ALA A 562 -13.94 -64.31 -33.20
N ARG A 563 -13.24 -63.22 -33.52
CA ARG A 563 -12.43 -62.55 -32.51
C ARG A 563 -13.36 -61.78 -31.58
N ARG A 564 -13.39 -62.17 -30.31
CA ARG A 564 -14.24 -61.54 -29.32
C ARG A 564 -13.37 -60.91 -28.23
N GLU A 565 -13.85 -59.81 -27.65
CA GLU A 565 -13.10 -59.08 -26.66
C GLU A 565 -13.77 -59.22 -25.29
N TYR A 566 -12.95 -59.31 -24.25
CA TYR A 566 -13.44 -59.52 -22.89
C TYR A 566 -12.59 -58.73 -21.91
N LEU A 567 -13.24 -58.15 -20.91
CA LEU A 567 -12.56 -57.43 -19.84
C LEU A 567 -12.57 -58.29 -18.59
N VAL A 568 -11.42 -58.43 -17.94
CA VAL A 568 -11.25 -59.41 -16.88
C VAL A 568 -11.17 -58.72 -15.53
N LEU A 569 -11.71 -59.39 -14.50
CA LEU A 569 -11.74 -58.87 -13.14
C LEU A 569 -11.42 -60.00 -12.17
N GLU A 570 -10.73 -59.66 -11.09
CA GLU A 570 -10.39 -60.62 -10.05
C GLU A 570 -11.42 -60.54 -8.92
N TYR A 571 -11.99 -61.69 -8.57
CA TYR A 571 -13.12 -61.72 -7.65
C TYR A 571 -12.93 -62.69 -6.49
N ALA A 572 -11.68 -62.90 -6.07
CA ALA A 572 -11.35 -63.53 -4.80
C ALA A 572 -11.99 -64.90 -4.57
N SER A 573 -12.62 -65.46 -5.60
CA SER A 573 -13.28 -66.78 -5.50
C SER A 573 -14.23 -66.88 -4.31
N GLY A 579 -9.16 -67.58 -4.05
CA GLY A 579 -8.84 -66.18 -4.23
C GLY A 579 -8.29 -65.85 -5.59
N THR A 580 -8.45 -66.78 -6.54
CA THR A 580 -7.89 -66.64 -7.88
C THR A 580 -8.96 -66.74 -8.97
N ASP A 581 -10.23 -66.58 -8.62
CA ASP A 581 -11.29 -66.64 -9.62
C ASP A 581 -11.28 -65.38 -10.48
N LYS A 582 -11.31 -65.56 -11.79
CA LYS A 582 -11.32 -64.46 -12.74
C LYS A 582 -12.63 -64.47 -13.52
N LEU A 583 -13.22 -63.29 -13.69
CA LEU A 583 -14.49 -63.12 -14.37
C LEU A 583 -14.26 -62.29 -15.62
N TYR A 584 -14.59 -62.87 -16.78
CA TYR A 584 -14.49 -62.20 -18.07
C TYR A 584 -15.88 -61.63 -18.41
N VAL A 585 -16.08 -60.34 -18.16
CA VAL A 585 -17.29 -59.69 -18.62
C VAL A 585 -17.13 -59.33 -20.10
N PRO A 586 -18.10 -59.66 -20.94
CA PRO A 586 -17.99 -59.39 -22.38
C PRO A 586 -18.29 -57.93 -22.68
N MET A 587 -18.28 -57.61 -23.97
CA MET A 587 -18.46 -56.24 -24.45
C MET A 587 -19.93 -55.88 -24.69
N ASP A 588 -20.85 -56.84 -24.53
CA ASP A 588 -22.27 -56.53 -24.63
C ASP A 588 -22.87 -56.13 -23.29
N SER A 589 -22.21 -56.48 -22.18
CA SER A 589 -22.69 -56.10 -20.86
C SER A 589 -21.66 -55.26 -20.12
N LEU A 590 -21.28 -54.13 -20.71
CA LEU A 590 -20.39 -53.17 -20.06
C LEU A 590 -21.14 -52.14 -19.22
N ASP A 591 -22.47 -52.07 -19.37
CA ASP A 591 -23.25 -51.12 -18.60
C ASP A 591 -23.37 -51.52 -17.14
N GLN A 592 -23.06 -52.76 -16.80
CA GLN A 592 -23.06 -53.22 -15.42
C GLN A 592 -21.75 -52.96 -14.69
N LEU A 593 -20.77 -52.39 -15.37
CA LEU A 593 -19.46 -52.09 -14.78
C LEU A 593 -19.45 -50.64 -14.33
N SER A 594 -19.37 -50.41 -13.02
CA SER A 594 -19.24 -49.07 -12.47
C SER A 594 -17.91 -48.99 -11.74
N ARG A 595 -17.14 -47.94 -12.03
CA ARG A 595 -15.89 -47.74 -11.32
C ARG A 595 -16.14 -47.54 -9.84
N TYR A 596 -15.60 -48.43 -9.00
CA TYR A 596 -15.85 -48.34 -7.57
C TYR A 596 -15.28 -47.03 -7.02
N VAL A 597 -16.18 -46.20 -6.49
CA VAL A 597 -15.80 -44.98 -5.79
C VAL A 597 -16.69 -44.84 -4.56
N GLY A 598 -16.21 -44.06 -3.61
CA GLY A 598 -16.86 -43.93 -2.32
C GLY A 598 -15.90 -44.18 -1.18
N GLY A 599 -15.90 -45.40 -0.64
CA GLY A 599 -15.04 -45.75 0.47
C GLY A 599 -13.55 -45.53 0.20
N GLU A 600 -12.93 -44.65 0.99
CA GLU A 600 -11.48 -44.48 0.90
C GLU A 600 -10.77 -45.77 1.29
N ALA A 601 -11.22 -46.41 2.37
CA ALA A 601 -10.75 -47.74 2.74
C ALA A 601 -11.34 -48.76 1.78
N PRO A 602 -10.52 -49.63 1.19
CA PRO A 602 -11.05 -50.58 0.20
C PRO A 602 -11.89 -51.66 0.88
N SER A 603 -12.97 -52.05 0.22
CA SER A 603 -13.74 -53.21 0.66
C SER A 603 -13.07 -54.50 0.18
N LEU A 604 -13.53 -55.62 0.72
CA LEU A 604 -13.01 -56.92 0.33
C LEU A 604 -13.77 -57.42 -0.88
N SER A 605 -13.04 -57.94 -1.86
CA SER A 605 -13.63 -58.40 -3.10
C SER A 605 -14.68 -59.48 -2.83
N ARG A 606 -15.69 -59.52 -3.69
CA ARG A 606 -16.82 -60.44 -3.52
C ARG A 606 -16.43 -61.87 -3.86
N LEU A 607 -17.42 -62.69 -4.17
CA LEU A 607 -17.20 -64.08 -4.53
C LEU A 607 -18.43 -64.58 -5.29
N GLY A 608 -18.40 -65.85 -5.68
CA GLY A 608 -19.49 -66.44 -6.42
C GLY A 608 -20.72 -66.80 -5.60
N GLY A 609 -20.68 -66.57 -4.29
CA GLY A 609 -21.80 -66.88 -3.42
C GLY A 609 -22.93 -65.87 -3.52
N SER A 610 -23.81 -65.92 -2.53
CA SER A 610 -24.97 -65.03 -2.46
C SER A 610 -24.79 -63.93 -1.42
N ASP A 611 -23.53 -63.56 -1.13
CA ASP A 611 -23.26 -62.56 -0.10
C ASP A 611 -23.57 -61.14 -0.57
N TRP A 612 -23.51 -60.89 -1.88
CA TRP A 612 -23.58 -59.54 -2.43
C TRP A 612 -25.01 -59.06 -2.66
N ALA A 613 -25.93 -59.96 -3.01
CA ALA A 613 -27.31 -59.57 -3.26
C ALA A 613 -27.93 -58.91 -2.04
N ASN A 614 -27.62 -59.41 -0.84
CA ASN A 614 -28.11 -58.78 0.38
C ASN A 614 -27.59 -57.35 0.51
N THR A 615 -26.27 -57.17 0.33
CA THR A 615 -25.67 -55.84 0.38
C THR A 615 -26.32 -54.90 -0.63
N LYS A 616 -26.80 -55.43 -1.76
CA LYS A 616 -27.59 -54.61 -2.66
C LYS A 616 -28.94 -54.26 -2.04
N THR A 617 -29.62 -55.26 -1.47
CA THR A 617 -31.02 -55.08 -1.08
C THR A 617 -31.16 -54.11 0.08
N LYS A 618 -30.24 -54.15 1.06
CA LYS A 618 -30.40 -53.27 2.22
C LYS A 618 -30.24 -51.81 1.84
N ALA A 619 -29.27 -51.50 0.98
CA ALA A 619 -29.14 -50.13 0.46
C ALA A 619 -30.36 -49.76 -0.37
N ARG A 620 -30.84 -50.69 -1.20
CA ARG A 620 -32.05 -50.45 -1.97
C ARG A 620 -33.22 -50.09 -1.07
N ARG A 621 -33.27 -50.65 0.14
CA ARG A 621 -34.28 -50.26 1.10
C ARG A 621 -33.92 -48.98 1.84
N ALA A 622 -32.65 -48.59 1.82
CA ALA A 622 -32.20 -47.39 2.52
C ALA A 622 -32.24 -46.13 1.66
N VAL A 623 -32.53 -46.24 0.36
CA VAL A 623 -32.53 -45.08 -0.53
C VAL A 623 -33.94 -44.53 -0.75
N ARG A 624 -34.94 -45.41 -0.86
CA ARG A 624 -36.31 -44.96 -1.08
C ARG A 624 -36.78 -44.02 0.03
N GLU A 625 -36.21 -44.16 1.23
CA GLU A 625 -36.47 -43.21 2.31
C GLU A 625 -36.02 -41.80 1.93
N ILE A 626 -34.93 -41.69 1.17
CA ILE A 626 -34.48 -40.37 0.70
C ILE A 626 -35.38 -39.90 -0.43
N ALA A 627 -35.63 -40.77 -1.41
CA ALA A 627 -36.48 -40.40 -2.53
C ALA A 627 -37.85 -39.91 -2.06
N SER A 628 -38.35 -40.46 -0.96
CA SER A 628 -39.64 -40.03 -0.41
C SER A 628 -39.61 -38.55 -0.06
N GLU A 629 -38.60 -38.12 0.71
CA GLU A 629 -38.49 -36.70 1.05
C GLU A 629 -38.31 -35.85 -0.20
N LEU A 630 -37.53 -36.34 -1.17
CA LEU A 630 -37.31 -35.59 -2.40
C LEU A 630 -38.63 -35.31 -3.12
N VAL A 631 -39.35 -36.37 -3.49
CA VAL A 631 -40.56 -36.20 -4.28
C VAL A 631 -41.66 -35.53 -3.47
N ALA A 632 -41.68 -35.75 -2.16
CA ALA A 632 -42.65 -35.05 -1.31
C ALA A 632 -42.39 -33.56 -1.29
N LEU A 633 -41.11 -33.16 -1.30
CA LEU A 633 -40.78 -31.75 -1.42
C LEU A 633 -41.18 -31.20 -2.78
N TYR A 634 -40.99 -32.00 -3.84
CA TYR A 634 -41.38 -31.56 -5.18
C TYR A 634 -42.89 -31.36 -5.28
N ALA A 635 -43.67 -32.23 -4.64
CA ALA A 635 -45.12 -32.14 -4.71
C ALA A 635 -45.65 -31.00 -3.83
N LYS A 636 -45.15 -30.89 -2.60
CA LYS A 636 -45.51 -29.77 -1.75
C LYS A 636 -45.15 -28.44 -2.40
N ARG A 637 -44.06 -28.41 -3.16
CA ARG A 637 -43.72 -27.24 -3.94
C ARG A 637 -44.68 -27.03 -5.10
N GLN A 638 -45.13 -28.13 -5.72
CA GLN A 638 -46.02 -28.02 -6.87
C GLN A 638 -47.38 -27.47 -6.49
N SER A 639 -47.96 -27.95 -5.38
CA SER A 639 -49.28 -27.53 -4.96
C SER A 639 -49.27 -26.27 -4.10
N ALA A 640 -48.09 -25.74 -3.76
CA ALA A 640 -48.01 -24.58 -2.90
C ALA A 640 -48.49 -23.34 -3.63
N PRO A 641 -49.03 -22.35 -2.90
CA PRO A 641 -49.42 -21.08 -3.54
C PRO A 641 -48.33 -20.02 -3.44
N GLY A 642 -47.76 -19.66 -4.58
CA GLY A 642 -46.74 -18.62 -4.61
C GLY A 642 -46.90 -17.67 -5.78
N HIS A 643 -46.82 -16.37 -5.51
CA HIS A 643 -47.00 -15.37 -6.56
C HIS A 643 -45.89 -15.48 -7.59
N ALA A 644 -46.27 -15.78 -8.83
CA ALA A 644 -45.31 -15.85 -9.91
C ALA A 644 -44.74 -14.45 -10.20
N PHE A 645 -43.67 -14.42 -10.99
CA PHE A 645 -42.99 -13.19 -11.33
C PHE A 645 -43.24 -12.84 -12.79
N GLY A 646 -43.62 -11.59 -13.04
CA GLY A 646 -43.89 -11.13 -14.38
C GLY A 646 -42.63 -11.03 -15.21
N PRO A 647 -42.79 -10.73 -16.51
CA PRO A 647 -41.62 -10.57 -17.38
C PRO A 647 -40.80 -9.35 -16.97
N ASP A 648 -39.61 -9.26 -17.56
CA ASP A 648 -38.65 -8.22 -17.18
C ASP A 648 -39.20 -6.83 -17.51
N THR A 649 -39.07 -5.93 -16.55
CA THR A 649 -39.53 -4.55 -16.68
C THR A 649 -38.52 -3.77 -17.53
N PRO A 650 -38.80 -2.50 -17.85
CA PRO A 650 -37.87 -1.78 -18.76
C PRO A 650 -36.48 -1.57 -18.18
N TRP A 651 -36.35 -1.44 -16.86
CA TRP A 651 -35.03 -1.20 -16.27
C TRP A 651 -34.13 -2.42 -16.39
N GLN A 652 -34.71 -3.62 -16.47
CA GLN A 652 -33.91 -4.83 -16.51
C GLN A 652 -32.98 -4.86 -17.72
N ALA A 653 -33.40 -4.30 -18.85
CA ALA A 653 -32.55 -4.26 -20.03
C ALA A 653 -31.33 -3.36 -19.81
N GLU A 654 -31.54 -2.18 -19.22
CA GLU A 654 -30.42 -1.29 -18.96
C GLU A 654 -29.48 -1.87 -17.92
N MET A 655 -30.03 -2.53 -16.90
CA MET A 655 -29.18 -3.15 -15.88
C MET A 655 -28.38 -4.31 -16.47
N GLU A 656 -28.99 -5.11 -17.33
CA GLU A 656 -28.28 -6.20 -17.97
C GLU A 656 -27.22 -5.69 -18.94
N ASP A 657 -27.47 -4.57 -19.59
CA ASP A 657 -26.51 -4.00 -20.53
C ASP A 657 -25.47 -3.11 -19.86
N ALA A 658 -25.61 -2.83 -18.57
CA ALA A 658 -24.55 -2.18 -17.80
C ALA A 658 -23.47 -3.17 -17.37
N PHE A 659 -23.66 -4.46 -17.67
CA PHE A 659 -22.64 -5.47 -17.43
C PHE A 659 -21.30 -5.06 -18.04
N GLY A 660 -20.25 -5.08 -17.22
CA GLY A 660 -18.93 -4.73 -17.72
C GLY A 660 -18.44 -5.68 -18.81
N PHE A 661 -18.66 -6.98 -18.61
CA PHE A 661 -18.19 -8.00 -19.54
C PHE A 661 -19.25 -8.34 -20.59
N THR A 662 -19.16 -9.55 -21.12
CA THR A 662 -20.09 -10.07 -22.12
C THR A 662 -20.73 -11.35 -21.57
N GLU A 663 -22.04 -11.45 -21.72
CA GLU A 663 -22.77 -12.63 -21.26
C GLU A 663 -22.37 -13.84 -22.10
N THR A 664 -22.39 -15.01 -21.47
CA THR A 664 -22.03 -16.25 -22.15
C THR A 664 -23.29 -17.05 -22.49
N ILE A 665 -23.18 -17.90 -23.51
CA ILE A 665 -24.34 -18.62 -24.02
C ILE A 665 -24.93 -19.51 -22.92
N ASP A 666 -24.09 -20.22 -22.19
CA ASP A 666 -24.57 -20.99 -21.04
C ASP A 666 -25.19 -20.07 -20.00
N GLN A 667 -24.60 -18.88 -19.82
CA GLN A 667 -25.16 -17.92 -18.89
C GLN A 667 -26.50 -17.38 -19.37
N LEU A 668 -26.61 -17.07 -20.67
CA LEU A 668 -27.88 -16.57 -21.20
C LEU A 668 -28.97 -17.61 -21.08
N THR A 669 -28.67 -18.87 -21.42
CA THR A 669 -29.65 -19.93 -21.24
C THR A 669 -30.01 -20.12 -19.77
N ALA A 670 -29.03 -19.95 -18.88
CA ALA A 670 -29.29 -20.07 -17.45
C ALA A 670 -30.21 -18.96 -16.95
N ILE A 671 -30.01 -17.73 -17.45
CA ILE A 671 -30.86 -16.62 -17.06
C ILE A 671 -32.26 -16.80 -17.63
N GLN A 672 -32.37 -17.36 -18.83
CA GLN A 672 -33.69 -17.64 -19.39
C GLN A 672 -34.42 -18.69 -18.58
N GLU A 673 -33.72 -19.77 -18.20
CA GLU A 673 -34.35 -20.81 -17.39
C GLU A 673 -34.75 -20.29 -16.01
N VAL A 674 -33.89 -19.48 -15.40
CA VAL A 674 -34.17 -18.96 -14.06
C VAL A 674 -35.34 -17.98 -14.12
N LYS A 675 -35.33 -17.07 -15.10
CA LYS A 675 -36.44 -16.15 -15.27
C LYS A 675 -37.75 -16.89 -15.53
N SER A 676 -37.70 -17.94 -16.33
CA SER A 676 -38.92 -18.69 -16.64
C SER A 676 -39.43 -19.43 -15.40
N ASP A 677 -38.53 -20.03 -14.63
CA ASP A 677 -38.96 -20.72 -13.41
C ASP A 677 -39.52 -19.74 -12.40
N MET A 678 -38.96 -18.53 -12.33
CA MET A 678 -39.57 -17.48 -11.51
C MET A 678 -40.95 -17.12 -12.03
N GLU A 679 -41.11 -17.08 -13.36
CA GLU A 679 -42.39 -16.71 -13.95
C GLU A 679 -43.42 -17.83 -13.85
N LYS A 680 -42.98 -19.07 -13.73
CA LYS A 680 -43.94 -20.17 -13.56
C LYS A 680 -44.51 -20.16 -12.15
N PRO A 681 -45.77 -20.56 -11.99
CA PRO A 681 -46.41 -20.46 -10.66
C PRO A 681 -45.77 -21.35 -9.62
N VAL A 682 -45.14 -22.45 -10.03
CA VAL A 682 -44.45 -23.30 -9.07
C VAL A 682 -43.28 -22.53 -8.47
N PRO A 683 -43.14 -22.48 -7.14
CA PRO A 683 -41.97 -21.82 -6.55
C PRO A 683 -40.67 -22.45 -7.06
N MET A 684 -39.69 -21.60 -7.36
CA MET A 684 -38.48 -22.04 -8.04
C MET A 684 -37.52 -22.72 -7.07
N ASP A 685 -36.98 -23.85 -7.51
CA ASP A 685 -35.91 -24.56 -6.79
C ASP A 685 -34.91 -25.03 -7.85
N ARG A 686 -33.99 -24.15 -8.21
CA ARG A 686 -33.03 -24.40 -9.28
C ARG A 686 -31.61 -24.23 -8.76
N VAL A 687 -30.71 -25.09 -9.26
CA VAL A 687 -29.30 -25.02 -8.91
C VAL A 687 -28.53 -24.48 -10.11
N ILE A 688 -27.41 -23.82 -9.83
CA ILE A 688 -26.52 -23.31 -10.86
C ILE A 688 -25.14 -23.92 -10.62
N CYS A 689 -24.69 -24.77 -11.54
CA CYS A 689 -23.41 -25.45 -11.42
C CYS A 689 -22.39 -24.80 -12.33
N GLY A 690 -21.24 -24.45 -11.78
CA GLY A 690 -20.18 -23.82 -12.54
C GLY A 690 -18.96 -23.63 -11.68
N ASP A 691 -17.83 -23.49 -12.34
CA ASP A 691 -16.56 -23.34 -11.64
C ASP A 691 -16.44 -21.95 -11.02
N VAL A 692 -15.58 -21.84 -10.01
CA VAL A 692 -15.31 -20.55 -9.38
C VAL A 692 -14.60 -19.66 -10.40
N GLY A 693 -15.30 -18.64 -10.89
CA GLY A 693 -14.74 -17.76 -11.89
C GLY A 693 -15.43 -17.90 -13.24
N TYR A 694 -16.69 -18.32 -13.23
CA TYR A 694 -17.46 -18.50 -14.45
C TYR A 694 -18.69 -17.60 -14.56
N GLY A 695 -19.05 -16.89 -13.51
CA GLY A 695 -20.01 -15.80 -13.61
C GLY A 695 -21.43 -16.07 -13.19
N LYS A 696 -21.68 -17.02 -12.28
CA LYS A 696 -23.04 -17.28 -11.82
C LYS A 696 -23.55 -16.17 -10.88
N THR A 697 -22.65 -15.45 -10.22
CA THR A 697 -23.07 -14.35 -9.36
C THR A 697 -23.84 -13.30 -10.15
N GLU A 698 -23.47 -13.07 -11.41
CA GLU A 698 -24.24 -12.16 -12.25
C GLU A 698 -25.68 -12.64 -12.42
N ILE A 699 -25.86 -13.96 -12.60
CA ILE A 699 -27.20 -14.52 -12.62
C ILE A 699 -27.92 -14.24 -11.31
N ALA A 700 -27.18 -14.31 -10.20
CA ALA A 700 -27.78 -14.00 -8.89
C ALA A 700 -28.28 -12.56 -8.85
N VAL A 701 -27.44 -11.60 -9.26
CA VAL A 701 -27.83 -10.20 -9.17
C VAL A 701 -28.98 -9.89 -10.12
N ARG A 702 -29.01 -10.54 -11.29
CA ARG A 702 -30.08 -10.25 -12.25
C ARG A 702 -31.40 -10.84 -11.79
N ALA A 703 -31.38 -12.07 -11.25
CA ALA A 703 -32.60 -12.65 -10.71
C ALA A 703 -33.11 -11.84 -9.53
N ALA A 704 -32.21 -11.41 -8.64
CA ALA A 704 -32.61 -10.58 -7.50
C ALA A 704 -33.23 -9.27 -7.97
N PHE A 705 -32.63 -8.64 -8.99
CA PHE A 705 -33.21 -7.42 -9.55
C PHE A 705 -34.61 -7.68 -10.10
N LYS A 706 -34.77 -8.78 -10.85
CA LYS A 706 -36.07 -9.11 -11.41
C LYS A 706 -37.12 -9.27 -10.31
N ALA A 707 -36.73 -9.91 -9.20
CA ALA A 707 -37.67 -10.05 -8.09
C ALA A 707 -37.94 -8.71 -7.41
N VAL A 708 -36.97 -7.80 -7.43
CA VAL A 708 -37.19 -6.47 -6.84
C VAL A 708 -38.19 -5.68 -7.68
N GLN A 709 -38.13 -5.81 -9.01
CA GLN A 709 -38.99 -5.02 -9.88
C GLN A 709 -40.46 -5.36 -9.72
N ASP A 710 -40.78 -6.57 -9.25
CA ASP A 710 -42.16 -6.94 -8.95
C ASP A 710 -42.58 -6.57 -7.53
N GLY A 711 -41.73 -5.87 -6.78
CA GLY A 711 -42.08 -5.39 -5.47
C GLY A 711 -41.80 -6.34 -4.33
N LYS A 712 -40.97 -7.36 -4.54
CA LYS A 712 -40.67 -8.36 -3.52
C LYS A 712 -39.21 -8.25 -3.12
N GLN A 713 -38.96 -8.07 -1.82
CA GLN A 713 -37.60 -8.00 -1.30
C GLN A 713 -36.98 -9.39 -1.22
N VAL A 714 -35.66 -9.44 -1.37
CA VAL A 714 -34.95 -10.72 -1.51
C VAL A 714 -33.77 -10.77 -0.55
N ALA A 715 -33.33 -12.01 -0.29
CA ALA A 715 -32.22 -12.28 0.60
C ALA A 715 -31.22 -13.20 -0.09
N VAL A 716 -29.98 -13.16 0.41
CA VAL A 716 -28.88 -13.98 -0.09
C VAL A 716 -28.17 -14.58 1.12
N LEU A 717 -28.14 -15.90 1.19
CA LEU A 717 -27.60 -16.60 2.35
C LEU A 717 -26.23 -17.17 2.02
N VAL A 718 -25.22 -16.76 2.78
CA VAL A 718 -23.86 -17.25 2.56
C VAL A 718 -23.33 -17.87 3.85
N PRO A 719 -22.41 -18.84 3.77
CA PRO A 719 -21.93 -19.49 5.01
C PRO A 719 -20.94 -18.64 5.79
N THR A 720 -20.06 -17.93 5.08
CA THR A 720 -19.06 -17.09 5.71
C THR A 720 -19.35 -15.61 5.46
N THR A 721 -18.83 -14.77 6.35
CA THR A 721 -19.07 -13.34 6.25
C THR A 721 -18.30 -12.72 5.09
N LEU A 722 -17.14 -13.30 4.74
CA LEU A 722 -16.38 -12.80 3.61
C LEU A 722 -17.22 -12.81 2.33
N LEU A 723 -17.93 -13.92 2.09
CA LEU A 723 -18.82 -13.98 0.94
C LEU A 723 -19.95 -12.95 1.03
N ALA A 724 -20.41 -12.65 2.25
CA ALA A 724 -21.41 -11.61 2.42
C ALA A 724 -20.86 -10.25 1.99
N ASP A 725 -19.58 -10.00 2.26
CA ASP A 725 -18.98 -8.74 1.83
C ASP A 725 -18.74 -8.71 0.33
N GLN A 726 -18.21 -9.80 -0.24
CA GLN A 726 -17.97 -9.84 -1.68
C GLN A 726 -19.27 -9.69 -2.46
N HIS A 727 -20.23 -10.56 -2.18
CA HIS A 727 -21.53 -10.46 -2.85
C HIS A 727 -22.22 -9.14 -2.53
N LEU A 728 -21.94 -8.56 -1.35
CA LEU A 728 -22.49 -7.24 -1.05
C LEU A 728 -21.94 -6.20 -2.01
N GLN A 729 -20.63 -6.22 -2.25
CA GLN A 729 -20.04 -5.20 -3.13
C GLN A 729 -20.44 -5.43 -4.58
N THR A 730 -20.58 -6.69 -5.01
CA THR A 730 -21.03 -6.95 -6.38
C THR A 730 -22.48 -6.52 -6.55
N PHE A 731 -23.32 -6.78 -5.55
CA PHE A 731 -24.71 -6.33 -5.60
C PHE A 731 -24.82 -4.81 -5.59
N THR A 732 -23.91 -4.12 -4.87
CA THR A 732 -23.89 -2.67 -4.92
C THR A 732 -23.53 -2.17 -6.32
N ASN A 733 -22.42 -2.68 -6.87
CA ASN A 733 -21.92 -2.14 -8.13
C ASN A 733 -22.86 -2.46 -9.29
N ARG A 734 -23.43 -3.67 -9.32
CA ARG A 734 -24.30 -4.03 -10.43
C ARG A 734 -25.64 -3.31 -10.37
N MET A 735 -26.16 -3.06 -9.17
CA MET A 735 -27.48 -2.46 -9.00
C MET A 735 -27.42 -1.01 -8.54
N ALA A 736 -26.33 -0.32 -8.79
CA ALA A 736 -26.24 1.08 -8.44
C ALA A 736 -26.99 1.94 -9.47
N GLY A 737 -27.36 3.14 -9.04
CA GLY A 737 -28.10 4.06 -9.89
C GLY A 737 -29.60 3.88 -9.86
N PHE A 738 -30.11 2.87 -9.17
CA PHE A 738 -31.53 2.62 -9.06
C PHE A 738 -31.97 2.74 -7.60
N PRO A 739 -33.23 3.11 -7.35
CA PRO A 739 -33.70 3.20 -5.95
C PRO A 739 -33.80 1.84 -5.28
N VAL A 740 -32.67 1.18 -5.07
CA VAL A 740 -32.61 -0.14 -4.44
C VAL A 740 -31.54 -0.09 -3.36
N THR A 741 -31.97 -0.15 -2.10
CA THR A 741 -31.05 -0.15 -0.97
C THR A 741 -30.66 -1.59 -0.66
N VAL A 742 -29.41 -1.92 -0.93
CA VAL A 742 -28.88 -3.24 -0.59
C VAL A 742 -28.25 -3.15 0.79
N LYS A 743 -28.41 -4.19 1.60
CA LYS A 743 -27.81 -4.19 2.93
C LYS A 743 -27.40 -5.60 3.30
N GLY A 744 -26.36 -5.70 4.13
CA GLY A 744 -25.85 -6.99 4.55
C GLY A 744 -25.75 -7.09 6.05
N LEU A 745 -25.91 -8.32 6.55
CA LEU A 745 -25.83 -8.64 7.97
C LEU A 745 -24.80 -9.76 8.14
N SER A 746 -23.55 -9.38 8.35
CA SER A 746 -22.48 -10.33 8.63
C SER A 746 -22.25 -10.41 10.14
N ARG A 747 -21.19 -11.11 10.53
CA ARG A 747 -20.84 -11.17 11.96
C ARG A 747 -20.29 -9.84 12.44
N PHE A 748 -19.61 -9.09 11.57
CA PHE A 748 -18.92 -7.88 11.97
C PHE A 748 -19.73 -6.61 11.73
N THR A 749 -20.97 -6.72 11.27
CA THR A 749 -21.85 -5.56 11.26
C THR A 749 -22.20 -5.19 12.70
N ASP A 750 -21.94 -3.93 13.06
CA ASP A 750 -22.08 -3.50 14.44
C ASP A 750 -23.51 -3.73 14.94
N PRO A 751 -23.68 -4.03 16.24
CA PRO A 751 -25.02 -4.36 16.75
C PRO A 751 -26.00 -3.21 16.67
N ALA A 752 -25.53 -1.97 16.52
CA ALA A 752 -26.45 -0.84 16.35
C ALA A 752 -27.16 -0.93 15.00
N GLU A 753 -26.39 -0.92 13.91
CA GLU A 753 -26.97 -1.06 12.59
C GLU A 753 -27.65 -2.41 12.42
N SER A 754 -27.07 -3.46 13.00
CA SER A 754 -27.65 -4.80 12.89
C SER A 754 -29.03 -4.85 13.55
N ARG A 755 -29.09 -4.51 14.83
CA ARG A 755 -30.35 -4.56 15.56
C ARG A 755 -31.37 -3.56 15.00
N ALA A 756 -30.89 -2.45 14.46
CA ALA A 756 -31.79 -1.39 13.99
C ALA A 756 -32.05 -1.48 12.49
N VAL A 757 -31.02 -1.27 11.67
CA VAL A 757 -31.24 -1.08 10.23
C VAL A 757 -31.55 -2.41 9.55
N ILE A 758 -30.70 -3.41 9.74
CA ILE A 758 -30.83 -4.66 8.98
C ILE A 758 -31.98 -5.49 9.50
N GLU A 759 -31.97 -5.85 10.78
CA GLU A 759 -33.01 -6.71 11.33
C GLU A 759 -34.36 -6.01 11.38
N GLY A 760 -34.37 -4.72 11.74
CA GLY A 760 -35.56 -3.90 11.71
C GLY A 760 -36.09 -3.58 10.34
N LEU A 761 -35.55 -4.17 9.27
CA LEU A 761 -35.99 -3.91 7.89
C LEU A 761 -37.13 -4.83 7.46
N LYS A 762 -38.14 -4.94 8.33
CA LYS A 762 -39.41 -5.57 7.98
C LYS A 762 -40.43 -4.53 7.49
N ASP A 763 -39.95 -3.35 7.08
CA ASP A 763 -40.81 -2.28 6.58
C ASP A 763 -40.56 -1.99 5.12
N GLY A 764 -39.92 -2.90 4.41
CA GLY A 764 -39.56 -2.65 3.02
C GLY A 764 -38.38 -1.72 2.84
N SER A 765 -37.58 -1.51 3.88
CA SER A 765 -36.44 -0.60 3.77
C SER A 765 -35.34 -1.21 2.91
N VAL A 766 -35.13 -2.51 3.01
CA VAL A 766 -34.13 -3.21 2.20
C VAL A 766 -34.84 -3.96 1.08
N ASP A 767 -34.37 -3.78 -0.15
CA ASP A 767 -34.86 -4.55 -1.27
C ASP A 767 -34.08 -5.83 -1.49
N VAL A 768 -32.85 -5.89 -1.01
CA VAL A 768 -32.03 -7.10 -1.07
C VAL A 768 -31.02 -7.06 0.07
N VAL A 769 -30.94 -8.15 0.83
CA VAL A 769 -30.05 -8.26 1.97
C VAL A 769 -29.14 -9.46 1.78
N ILE A 770 -27.83 -9.21 1.79
CA ILE A 770 -26.83 -10.27 1.79
C ILE A 770 -26.46 -10.55 3.25
N GLY A 771 -26.59 -11.81 3.67
CA GLY A 771 -26.40 -12.14 5.06
C GLY A 771 -25.80 -13.51 5.26
N THR A 772 -25.19 -13.68 6.43
CA THR A 772 -24.62 -14.96 6.85
C THR A 772 -25.70 -15.77 7.58
N HIS A 773 -25.29 -16.69 8.47
CA HIS A 773 -26.25 -17.52 9.17
C HIS A 773 -27.09 -16.75 10.19
N ARG A 774 -26.72 -15.50 10.50
CA ARG A 774 -27.50 -14.72 11.45
C ARG A 774 -28.91 -14.44 10.95
N LEU A 775 -29.13 -14.52 9.64
CA LEU A 775 -30.47 -14.39 9.08
C LEU A 775 -31.35 -15.60 9.38
N LEU A 776 -30.82 -16.64 10.01
CA LEU A 776 -31.58 -17.86 10.25
C LEU A 776 -31.99 -18.03 11.71
N GLN A 777 -31.68 -17.06 12.58
CA GLN A 777 -32.11 -17.13 13.96
C GLN A 777 -33.60 -16.78 14.06
N THR A 778 -34.16 -17.02 15.24
CA THR A 778 -35.60 -16.84 15.44
C THR A 778 -36.00 -15.37 15.31
N GLY A 779 -35.17 -14.46 15.82
CA GLY A 779 -35.53 -13.05 15.86
C GLY A 779 -35.76 -12.41 14.51
N VAL A 780 -35.30 -13.05 13.43
CA VAL A 780 -35.46 -12.46 12.10
C VAL A 780 -36.91 -12.57 11.65
N THR A 781 -37.30 -11.67 10.75
CA THR A 781 -38.64 -11.65 10.17
C THR A 781 -38.60 -10.84 8.89
N TRP A 782 -39.30 -11.32 7.86
CA TRP A 782 -39.34 -10.67 6.57
C TRP A 782 -40.73 -10.09 6.30
N LYS A 783 -40.77 -9.06 5.46
CA LYS A 783 -42.01 -8.48 4.96
C LYS A 783 -42.04 -8.71 3.44
N ASP A 784 -42.84 -9.68 3.01
CA ASP A 784 -42.96 -10.05 1.60
C ASP A 784 -41.61 -10.50 1.03
N LEU A 785 -41.10 -11.59 1.60
CA LEU A 785 -39.88 -12.19 1.08
C LEU A 785 -40.17 -12.84 -0.27
N GLY A 786 -39.48 -12.36 -1.31
CA GLY A 786 -39.78 -12.81 -2.65
C GLY A 786 -38.83 -13.84 -3.22
N LEU A 787 -37.54 -13.71 -2.92
CA LEU A 787 -36.54 -14.60 -3.49
C LEU A 787 -35.43 -14.84 -2.47
N ILE A 788 -34.92 -16.07 -2.47
CA ILE A 788 -33.79 -16.47 -1.63
C ILE A 788 -32.67 -16.91 -2.55
N ILE A 789 -31.46 -16.41 -2.30
CA ILE A 789 -30.28 -16.79 -3.07
C ILE A 789 -29.30 -17.45 -2.11
N VAL A 790 -28.97 -18.71 -2.36
CA VAL A 790 -28.05 -19.47 -1.52
C VAL A 790 -26.76 -19.67 -2.29
N ASP A 791 -25.64 -19.55 -1.58
CA ASP A 791 -24.31 -19.74 -2.16
C ASP A 791 -23.50 -20.64 -1.24
N GLU A 792 -22.88 -21.66 -1.83
CA GLU A 792 -22.10 -22.66 -1.09
C GLU A 792 -22.94 -23.25 0.04
N GLU A 793 -24.04 -23.88 -0.35
CA GLU A 793 -24.97 -24.47 0.61
C GLU A 793 -24.35 -25.61 1.41
N GLN A 794 -23.26 -26.20 0.92
CA GLN A 794 -22.65 -27.33 1.61
C GLN A 794 -22.00 -26.91 2.93
N ARG A 795 -21.46 -25.70 3.00
CA ARG A 795 -20.70 -25.27 4.17
C ARG A 795 -21.59 -24.88 5.35
N PHE A 796 -22.90 -24.72 5.13
CA PHE A 796 -23.79 -24.33 6.22
C PHE A 796 -23.87 -25.43 7.29
N GLY A 797 -24.38 -25.05 8.46
CA GLY A 797 -24.64 -26.01 9.49
C GLY A 797 -25.89 -26.84 9.22
N VAL A 798 -26.00 -27.96 9.93
CA VAL A 798 -27.13 -28.86 9.74
C VAL A 798 -28.44 -28.18 10.12
N GLU A 799 -28.44 -27.51 11.28
CA GLU A 799 -29.60 -26.73 11.69
C GLU A 799 -29.95 -25.67 10.65
N HIS A 800 -28.94 -24.95 10.17
CA HIS A 800 -29.15 -23.96 9.12
C HIS A 800 -29.63 -24.60 7.83
N LYS A 801 -29.14 -25.80 7.53
CA LYS A 801 -29.60 -26.51 6.33
C LYS A 801 -31.08 -26.82 6.41
N GLU A 802 -31.52 -27.46 7.51
CA GLU A 802 -32.94 -27.73 7.68
C GLU A 802 -33.76 -26.46 7.70
N HIS A 803 -33.19 -25.36 8.20
CA HIS A 803 -33.86 -24.07 8.15
C HIS A 803 -34.12 -23.65 6.71
N ILE A 804 -33.07 -23.67 5.87
CA ILE A 804 -33.20 -23.26 4.48
C ILE A 804 -34.18 -24.15 3.74
N LYS A 805 -34.08 -25.48 3.95
CA LYS A 805 -35.03 -26.39 3.34
C LYS A 805 -36.45 -26.10 3.80
N SER A 806 -36.62 -25.65 5.05
CA SER A 806 -37.95 -25.24 5.51
C SER A 806 -38.44 -24.02 4.75
N MET A 807 -37.52 -23.10 4.43
CA MET A 807 -37.91 -21.94 3.63
C MET A 807 -38.16 -22.28 2.16
N ARG A 808 -37.65 -23.42 1.68
CA ARG A 808 -37.74 -23.75 0.26
C ARG A 808 -39.19 -23.81 -0.21
N THR A 809 -40.08 -24.40 0.60
CA THR A 809 -41.44 -24.66 0.14
C THR A 809 -42.26 -23.37 0.02
N HIS A 810 -41.92 -22.33 0.77
CA HIS A 810 -42.76 -21.15 0.84
C HIS A 810 -42.40 -20.09 -0.20
N VAL A 811 -41.11 -19.91 -0.50
CA VAL A 811 -40.68 -18.84 -1.39
C VAL A 811 -39.73 -19.42 -2.44
N ASP A 812 -39.53 -18.63 -3.51
CA ASP A 812 -38.59 -19.00 -4.55
C ASP A 812 -37.18 -19.04 -4.02
N VAL A 813 -36.43 -20.09 -4.39
CA VAL A 813 -35.04 -20.22 -4.00
C VAL A 813 -34.18 -20.37 -5.25
N LEU A 814 -32.90 -20.07 -5.10
CA LEU A 814 -31.95 -20.11 -6.22
C LEU A 814 -30.57 -20.29 -5.63
N THR A 815 -29.98 -21.47 -5.87
CA THR A 815 -28.71 -21.84 -5.26
C THR A 815 -27.60 -21.85 -6.30
N MET A 816 -26.39 -21.55 -5.84
CA MET A 816 -25.19 -21.56 -6.66
C MET A 816 -24.18 -22.52 -6.04
N SER A 817 -23.51 -23.30 -6.90
CA SER A 817 -22.57 -24.31 -6.44
C SER A 817 -21.33 -24.30 -7.32
N ALA A 818 -20.17 -24.43 -6.68
CA ALA A 818 -18.91 -24.57 -7.41
C ALA A 818 -18.51 -26.02 -7.61
N THR A 819 -19.04 -26.93 -6.80
CA THR A 819 -18.76 -28.35 -6.94
C THR A 819 -19.73 -28.98 -7.94
N PRO A 820 -19.25 -29.69 -8.95
CA PRO A 820 -20.14 -30.28 -9.95
C PRO A 820 -20.82 -31.53 -9.42
N ILE A 821 -21.85 -31.97 -10.15
CA ILE A 821 -22.61 -33.17 -9.82
C ILE A 821 -22.48 -34.14 -10.98
N PRO A 822 -22.57 -35.45 -10.74
CA PRO A 822 -22.62 -36.40 -11.86
C PRO A 822 -23.91 -36.22 -12.65
N ARG A 823 -23.78 -36.14 -13.98
CA ARG A 823 -24.95 -35.87 -14.82
C ARG A 823 -25.98 -36.98 -14.72
N THR A 824 -25.55 -38.21 -14.43
CA THR A 824 -26.51 -39.29 -14.21
C THR A 824 -27.47 -38.95 -13.08
N LEU A 825 -26.97 -38.29 -12.04
CA LEU A 825 -27.84 -37.78 -10.98
C LEU A 825 -28.61 -36.55 -11.44
N GLU A 826 -28.04 -35.75 -12.35
CA GLU A 826 -28.73 -34.58 -12.86
C GLU A 826 -30.03 -34.96 -13.56
N MET A 827 -29.97 -35.94 -14.47
CA MET A 827 -31.18 -36.41 -15.12
C MET A 827 -31.92 -37.46 -14.31
N SER A 828 -31.29 -38.04 -13.28
CA SER A 828 -31.99 -38.98 -12.42
C SER A 828 -32.92 -38.29 -11.45
N LEU A 829 -32.58 -37.08 -11.01
CA LEU A 829 -33.40 -36.29 -10.09
C LEU A 829 -33.85 -35.00 -10.75
N ALA A 830 -34.15 -35.05 -12.04
CA ALA A 830 -34.49 -33.83 -12.78
C ALA A 830 -35.90 -33.34 -12.45
N GLY A 831 -36.80 -34.24 -12.07
CA GLY A 831 -38.18 -33.83 -11.84
C GLY A 831 -38.36 -33.02 -10.58
N ILE A 832 -37.58 -33.33 -9.53
CA ILE A 832 -37.77 -32.67 -8.25
C ILE A 832 -36.98 -31.37 -8.12
N ARG A 833 -35.94 -31.17 -8.93
CA ARG A 833 -35.02 -30.06 -8.71
C ARG A 833 -34.20 -29.84 -9.98
N GLU A 834 -34.51 -28.76 -10.70
CA GLU A 834 -33.82 -28.46 -11.94
C GLU A 834 -32.48 -27.79 -11.66
N MET A 835 -31.45 -28.19 -12.42
CA MET A 835 -30.09 -27.73 -12.21
C MET A 835 -29.48 -27.40 -13.57
N SER A 836 -28.99 -26.17 -13.71
CA SER A 836 -28.44 -25.65 -14.95
C SER A 836 -26.92 -25.59 -14.86
N THR A 837 -26.24 -26.11 -15.88
CA THR A 837 -24.79 -26.19 -15.90
C THR A 837 -24.22 -25.11 -16.82
N ILE A 838 -23.09 -24.53 -16.40
CA ILE A 838 -22.37 -23.53 -17.18
C ILE A 838 -20.98 -24.08 -17.45
N LEU A 839 -20.68 -24.36 -18.72
CA LEU A 839 -19.38 -24.86 -19.12
C LEU A 839 -18.64 -23.95 -20.09
N THR A 840 -19.26 -22.83 -20.49
CA THR A 840 -18.59 -21.88 -21.36
C THR A 840 -17.81 -20.90 -20.50
N PRO A 841 -16.48 -20.94 -20.51
CA PRO A 841 -15.70 -20.00 -19.70
C PRO A 841 -15.92 -18.57 -20.18
N PRO A 842 -16.12 -17.64 -19.25
CA PRO A 842 -16.36 -16.25 -19.67
C PRO A 842 -15.17 -15.61 -20.34
N GLU A 843 -13.96 -15.92 -19.87
CA GLU A 843 -12.73 -15.52 -20.52
C GLU A 843 -11.72 -16.65 -20.32
N GLU A 844 -10.87 -16.85 -21.31
CA GLU A 844 -9.90 -17.94 -21.28
C GLU A 844 -9.01 -17.83 -20.04
N ARG A 845 -9.31 -18.62 -19.01
CA ARG A 845 -8.49 -18.68 -17.80
C ARG A 845 -7.41 -19.73 -18.03
N TYR A 846 -6.23 -19.27 -18.45
CA TYR A 846 -5.16 -20.19 -18.81
C TYR A 846 -4.69 -20.97 -17.58
N PRO A 847 -4.27 -22.22 -17.77
CA PRO A 847 -3.96 -23.07 -16.62
C PRO A 847 -2.78 -22.54 -15.82
N VAL A 848 -2.84 -22.76 -14.51
CA VAL A 848 -1.73 -22.35 -13.64
C VAL A 848 -0.52 -23.22 -13.94
N LEU A 849 0.66 -22.68 -13.64
CA LEU A 849 1.91 -23.37 -13.93
C LEU A 849 2.35 -24.12 -12.67
N THR A 850 2.26 -25.44 -12.72
CA THR A 850 2.57 -26.29 -11.58
C THR A 850 4.02 -26.76 -11.66
N TYR A 851 4.70 -26.76 -10.51
CA TYR A 851 6.07 -27.23 -10.39
C TYR A 851 6.15 -28.18 -9.21
N VAL A 852 6.43 -29.46 -9.48
CA VAL A 852 6.72 -30.43 -8.43
C VAL A 852 8.21 -30.45 -8.20
N GLY A 853 8.63 -30.39 -6.94
CA GLY A 853 10.05 -30.37 -6.66
C GLY A 853 10.43 -30.45 -5.20
N PRO A 854 11.74 -30.53 -4.94
CA PRO A 854 12.23 -30.50 -3.57
C PRO A 854 12.14 -29.11 -2.98
N HIS A 855 11.89 -29.06 -1.67
CA HIS A 855 11.67 -27.80 -0.98
C HIS A 855 12.98 -27.03 -0.87
N ASP A 856 13.20 -26.09 -1.78
CA ASP A 856 14.35 -25.22 -1.76
C ASP A 856 13.90 -23.81 -1.41
N ASP A 857 14.58 -23.20 -0.43
CA ASP A 857 14.14 -21.91 0.09
C ASP A 857 14.29 -20.80 -0.94
N LYS A 858 15.34 -20.84 -1.75
CA LYS A 858 15.58 -19.79 -2.73
C LYS A 858 14.47 -19.75 -3.77
N GLN A 859 14.01 -20.91 -4.22
CA GLN A 859 12.92 -20.95 -5.20
C GLN A 859 11.64 -20.39 -4.59
N VAL A 860 11.33 -20.76 -3.34
CA VAL A 860 10.14 -20.24 -2.68
C VAL A 860 10.20 -18.73 -2.58
N ALA A 861 11.32 -18.20 -2.06
CA ALA A 861 11.46 -16.76 -1.91
C ALA A 861 11.33 -16.05 -3.25
N ALA A 862 12.01 -16.58 -4.29
CA ALA A 862 11.95 -15.95 -5.60
C ALA A 862 10.52 -15.91 -6.14
N ALA A 863 9.80 -17.03 -6.02
CA ALA A 863 8.42 -17.07 -6.50
C ALA A 863 7.54 -16.09 -5.74
N LEU A 864 7.68 -16.06 -4.41
CA LEU A 864 6.87 -15.15 -3.60
C LEU A 864 7.15 -13.69 -3.95
N ARG A 865 8.41 -13.35 -4.21
CA ARG A 865 8.74 -11.98 -4.59
C ARG A 865 8.24 -11.65 -5.98
N ARG A 866 8.23 -12.63 -6.91
CA ARG A 866 7.65 -12.38 -8.22
C ARG A 866 6.15 -12.12 -8.12
N GLU A 867 5.44 -12.92 -7.31
CA GLU A 867 4.01 -12.66 -7.10
C GLU A 867 3.79 -11.33 -6.40
N LEU A 868 4.72 -10.92 -5.53
CA LEU A 868 4.62 -9.62 -4.88
C LEU A 868 4.92 -8.47 -5.83
N LEU A 869 5.63 -8.74 -6.93
CA LEU A 869 5.99 -7.67 -7.87
C LEU A 869 4.74 -7.05 -8.49
N ARG A 870 3.80 -7.89 -8.94
CA ARG A 870 2.53 -7.41 -9.46
C ARG A 870 1.54 -7.05 -8.37
N ASP A 871 2.04 -6.80 -7.14
CA ASP A 871 1.20 -6.51 -5.98
C ASP A 871 0.16 -7.61 -5.78
N GLY A 872 0.61 -8.86 -5.89
CA GLY A 872 -0.23 -10.01 -5.68
C GLY A 872 -0.05 -10.63 -4.30
N GLN A 873 -0.79 -11.70 -4.08
CA GLN A 873 -0.80 -12.39 -2.79
C GLN A 873 -0.62 -13.88 -3.03
N ALA A 874 -0.31 -14.62 -1.96
CA ALA A 874 0.07 -16.01 -2.09
C ALA A 874 -0.48 -16.84 -0.94
N PHE A 875 -0.84 -18.08 -1.27
CA PHE A 875 -1.26 -19.09 -0.30
C PHE A 875 -0.06 -19.96 0.06
N TYR A 876 0.26 -20.02 1.35
CA TYR A 876 1.26 -20.95 1.87
C TYR A 876 0.53 -21.93 2.78
N ILE A 877 0.74 -23.23 2.54
CA ILE A 877 -0.07 -24.27 3.16
C ILE A 877 0.79 -25.12 4.06
N HIS A 878 0.46 -25.13 5.36
CA HIS A 878 1.16 -25.89 6.40
C HIS A 878 0.08 -26.44 7.32
N ASN A 879 -0.43 -27.63 7.01
CA ASN A 879 -1.62 -28.15 7.68
C ASN A 879 -1.35 -28.51 9.13
N ARG A 880 -0.11 -28.84 9.48
CA ARG A 880 0.24 -29.16 10.86
C ARG A 880 0.06 -27.90 11.71
N VAL A 881 -1.09 -27.79 12.37
CA VAL A 881 -1.43 -26.57 13.09
C VAL A 881 -0.42 -26.31 14.21
N ARG A 882 -0.01 -27.37 14.91
CA ARG A 882 0.95 -27.28 16.02
C ARG A 882 2.13 -26.37 15.69
N THR A 883 2.64 -26.48 14.46
CA THR A 883 3.84 -25.76 14.06
C THR A 883 3.57 -24.57 13.14
N ILE A 884 2.30 -24.29 12.82
CA ILE A 884 2.00 -23.30 11.78
C ILE A 884 2.68 -21.98 12.09
N ASP A 885 2.61 -21.52 13.35
CA ASP A 885 3.29 -20.29 13.75
C ASP A 885 4.75 -20.33 13.33
N GLU A 886 5.49 -21.33 13.81
CA GLU A 886 6.90 -21.45 13.42
C GLU A 886 7.05 -21.43 11.91
N ALA A 887 6.18 -22.16 11.20
CA ALA A 887 6.24 -22.18 9.75
C ALA A 887 6.18 -20.77 9.19
N ALA A 888 5.20 -19.98 9.63
CA ALA A 888 5.09 -18.61 9.15
C ALA A 888 6.37 -17.83 9.46
N ALA A 889 6.93 -18.04 10.65
CA ALA A 889 8.19 -17.38 11.00
C ALA A 889 9.26 -17.70 9.95
N ARG A 890 9.38 -18.97 9.56
CA ARG A 890 10.35 -19.35 8.56
C ARG A 890 10.06 -18.65 7.23
N VAL A 891 8.78 -18.46 6.91
CA VAL A 891 8.43 -17.68 5.72
C VAL A 891 9.02 -16.28 5.83
N ARG A 892 8.87 -15.65 6.99
CA ARG A 892 9.44 -14.33 7.20
C ARG A 892 10.96 -14.36 7.18
N GLN A 893 11.57 -15.53 7.42
CA GLN A 893 13.01 -15.65 7.23
C GLN A 893 13.38 -15.51 5.77
N LEU A 894 12.53 -16.01 4.87
CA LEU A 894 12.85 -15.97 3.45
C LEU A 894 12.54 -14.61 2.86
N VAL A 895 11.32 -14.11 3.06
CA VAL A 895 10.93 -12.81 2.55
C VAL A 895 10.63 -11.89 3.73
N PRO A 896 11.60 -11.11 4.20
CA PRO A 896 11.34 -10.25 5.36
C PRO A 896 10.35 -9.14 5.09
N GLU A 897 10.29 -8.61 3.86
CA GLU A 897 9.38 -7.53 3.53
C GLU A 897 7.96 -8.00 3.26
N ALA A 898 7.64 -9.25 3.57
CA ALA A 898 6.33 -9.82 3.32
C ALA A 898 5.47 -9.78 4.58
N ARG A 899 4.23 -9.30 4.44
CA ARG A 899 3.26 -9.38 5.52
C ARG A 899 2.65 -10.77 5.53
N VAL A 900 3.08 -11.59 6.48
CA VAL A 900 2.71 -13.01 6.55
C VAL A 900 1.79 -13.20 7.75
N VAL A 901 0.68 -13.90 7.53
CA VAL A 901 -0.27 -14.18 8.61
C VAL A 901 -0.60 -15.67 8.63
N VAL A 902 -1.21 -16.10 9.72
CA VAL A 902 -1.61 -17.50 9.91
C VAL A 902 -3.13 -17.57 9.99
N ALA A 903 -3.67 -18.74 9.64
CA ALA A 903 -5.11 -18.97 9.70
C ALA A 903 -5.36 -20.47 9.75
N HIS A 904 -6.18 -20.90 10.70
CA HIS A 904 -6.51 -22.33 10.81
C HIS A 904 -7.86 -22.47 11.47
N GLY A 905 -8.41 -23.68 11.38
CA GLY A 905 -9.76 -23.94 11.86
C GLY A 905 -9.89 -23.93 13.36
N GLN A 906 -8.77 -24.01 14.10
CA GLN A 906 -8.83 -24.03 15.55
C GLN A 906 -9.11 -22.65 16.14
N MET A 907 -8.86 -21.58 15.39
CA MET A 907 -9.28 -20.26 15.84
C MET A 907 -10.80 -20.18 15.90
N ASN A 908 -11.30 -19.37 16.82
CA ASN A 908 -12.72 -19.06 16.82
C ASN A 908 -13.04 -18.18 15.61
N GLU A 909 -14.28 -18.31 15.11
CA GLU A 909 -14.64 -17.66 13.86
C GLU A 909 -14.48 -16.14 13.92
N GLU A 910 -14.61 -15.56 15.12
CA GLU A 910 -14.50 -14.10 15.25
C GLU A 910 -13.11 -13.61 14.91
N THR A 911 -12.07 -14.38 15.22
CA THR A 911 -10.71 -14.00 14.85
C THR A 911 -10.35 -14.46 13.44
N LEU A 912 -10.77 -15.67 13.07
CA LEU A 912 -10.42 -16.22 11.77
C LEU A 912 -11.01 -15.38 10.65
N GLU A 913 -12.33 -15.09 10.70
CA GLU A 913 -12.96 -14.34 9.64
C GLU A 913 -12.41 -12.92 9.55
N LYS A 914 -11.96 -12.36 10.68
CA LYS A 914 -11.30 -11.06 10.65
C LYS A 914 -9.95 -11.14 9.95
N THR A 915 -9.19 -12.21 10.22
CA THR A 915 -7.90 -12.37 9.56
C THR A 915 -8.07 -12.56 8.04
N VAL A 916 -8.99 -13.45 7.66
CA VAL A 916 -9.26 -13.66 6.24
C VAL A 916 -9.79 -12.38 5.59
N GLU A 917 -10.56 -11.59 6.34
CA GLU A 917 -10.97 -10.28 5.84
C GLU A 917 -9.76 -9.40 5.57
N GLY A 918 -8.80 -9.38 6.50
CA GLY A 918 -7.59 -8.62 6.28
C GLY A 918 -6.79 -9.10 5.08
N PHE A 919 -6.82 -10.40 4.81
CA PHE A 919 -6.13 -10.93 3.64
C PHE A 919 -6.86 -10.56 2.35
N TRP A 920 -8.18 -10.51 2.39
CA TRP A 920 -8.95 -10.12 1.21
C TRP A 920 -8.87 -8.62 0.94
N ASN A 921 -8.69 -7.81 1.99
CA ASN A 921 -8.52 -6.38 1.85
C ASN A 921 -7.06 -5.99 1.60
N ARG A 922 -6.23 -6.95 1.17
CA ARG A 922 -4.83 -6.72 0.79
C ARG A 922 -3.99 -6.18 1.94
N GLU A 923 -4.42 -6.36 3.19
CA GLU A 923 -3.61 -5.91 4.32
C GLU A 923 -2.43 -6.84 4.54
N TYR A 924 -2.54 -8.10 4.10
CA TYR A 924 -1.47 -9.06 4.22
C TYR A 924 -1.11 -9.59 2.83
N ASP A 925 0.13 -10.04 2.69
CA ASP A 925 0.64 -10.49 1.41
C ASP A 925 0.68 -12.02 1.28
N ILE A 926 0.98 -12.74 2.36
CA ILE A 926 1.10 -14.18 2.31
C ILE A 926 0.28 -14.79 3.44
N LEU A 927 -0.60 -15.74 3.09
CA LEU A 927 -1.49 -16.38 4.04
C LEU A 927 -1.06 -17.82 4.24
N VAL A 928 -0.42 -18.10 5.37
CA VAL A 928 -0.14 -19.46 5.80
C VAL A 928 -1.40 -20.01 6.46
N CYS A 929 -1.91 -21.11 5.93
CA CYS A 929 -3.18 -21.65 6.38
C CYS A 929 -3.21 -23.16 6.14
N THR A 930 -4.22 -23.80 6.69
CA THR A 930 -4.46 -25.22 6.45
C THR A 930 -5.35 -25.40 5.22
N THR A 931 -5.43 -26.65 4.75
CA THR A 931 -6.20 -26.94 3.55
C THR A 931 -7.68 -26.64 3.74
N ILE A 932 -8.21 -26.88 4.95
CA ILE A 932 -9.61 -26.57 5.24
C ILE A 932 -9.89 -25.10 5.02
N VAL A 933 -8.98 -24.23 5.46
CA VAL A 933 -9.19 -22.79 5.31
C VAL A 933 -8.98 -22.36 3.86
N GLU A 934 -7.95 -22.90 3.19
CA GLU A 934 -7.62 -22.44 1.85
C GLU A 934 -8.73 -22.81 0.86
N THR A 935 -9.14 -24.09 0.83
CA THR A 935 -10.22 -24.53 -0.03
C THR A 935 -11.55 -24.04 0.51
N GLY A 936 -11.96 -22.84 0.12
CA GLY A 936 -13.19 -22.26 0.62
C GLY A 936 -13.09 -20.75 0.62
N LEU A 937 -11.97 -20.24 0.11
CA LEU A 937 -11.75 -18.82 -0.06
C LEU A 937 -11.69 -18.48 -1.55
N ASP A 938 -12.18 -17.31 -1.90
CA ASP A 938 -12.14 -16.83 -3.29
C ASP A 938 -11.40 -15.49 -3.33
N ILE A 939 -10.09 -15.56 -3.13
CA ILE A 939 -9.23 -14.38 -3.24
C ILE A 939 -8.71 -14.32 -4.67
N SER A 940 -9.24 -13.39 -5.46
CA SER A 940 -8.86 -13.31 -6.87
C SER A 940 -7.45 -12.76 -7.04
N ASN A 941 -6.98 -11.93 -6.10
CA ASN A 941 -5.66 -11.35 -6.21
C ASN A 941 -4.55 -12.35 -5.88
N ALA A 942 -4.89 -13.46 -5.22
CA ALA A 942 -3.92 -14.49 -4.89
C ALA A 942 -3.79 -15.46 -6.06
N ASN A 943 -2.60 -15.51 -6.66
CA ASN A 943 -2.37 -16.35 -7.82
C ASN A 943 -1.05 -17.12 -7.73
N THR A 944 -0.62 -17.43 -6.51
CA THR A 944 0.58 -18.24 -6.30
C THR A 944 0.36 -19.11 -5.07
N LEU A 945 0.70 -20.38 -5.18
CA LEU A 945 0.44 -21.37 -4.14
C LEU A 945 1.74 -22.09 -3.79
N ILE A 946 1.99 -22.24 -2.50
CA ILE A 946 3.14 -22.98 -1.99
C ILE A 946 2.61 -24.11 -1.12
N VAL A 947 2.84 -25.34 -1.55
CA VAL A 947 2.40 -26.53 -0.83
C VAL A 947 3.64 -27.17 -0.23
N GLU A 948 3.90 -26.87 1.03
CA GLU A 948 4.95 -27.55 1.77
C GLU A 948 4.50 -28.96 2.13
N ARG A 949 5.41 -29.92 1.98
CA ARG A 949 5.12 -31.33 2.24
C ARG A 949 3.98 -31.81 1.35
N ALA A 950 4.14 -31.60 0.04
CA ALA A 950 3.09 -31.96 -0.91
C ALA A 950 2.82 -33.46 -0.96
N ASP A 951 3.73 -34.28 -0.43
CA ASP A 951 3.56 -35.72 -0.46
C ASP A 951 2.40 -36.16 0.42
N THR A 952 2.12 -35.43 1.50
CA THR A 952 1.10 -35.85 2.46
C THR A 952 -0.31 -35.69 1.91
N PHE A 953 -0.50 -34.90 0.87
CA PHE A 953 -1.83 -34.61 0.36
C PHE A 953 -2.24 -35.60 -0.71
N GLY A 954 -3.52 -35.91 -0.76
CA GLY A 954 -4.06 -36.72 -1.82
C GLY A 954 -4.14 -35.97 -3.13
N LEU A 955 -4.40 -36.72 -4.21
CA LEU A 955 -4.49 -36.11 -5.53
C LEU A 955 -5.62 -35.09 -5.56
N SER A 956 -6.80 -35.46 -5.06
CA SER A 956 -7.94 -34.58 -5.07
C SER A 956 -7.64 -33.30 -4.29
N GLN A 957 -7.08 -33.43 -3.10
CA GLN A 957 -6.75 -32.24 -2.30
C GLN A 957 -5.78 -31.34 -3.04
N LEU A 958 -4.77 -31.92 -3.69
CA LEU A 958 -3.82 -31.11 -4.45
C LEU A 958 -4.51 -30.35 -5.58
N HIS A 959 -5.42 -31.02 -6.31
CA HIS A 959 -6.13 -30.35 -7.38
C HIS A 959 -7.01 -29.23 -6.85
N GLN A 960 -7.70 -29.47 -5.73
CA GLN A 960 -8.51 -28.43 -5.10
C GLN A 960 -7.66 -27.23 -4.71
N LEU A 961 -6.55 -27.47 -4.00
CA LEU A 961 -5.59 -26.43 -3.65
C LEU A 961 -5.19 -25.61 -4.87
N ARG A 962 -4.79 -26.29 -5.94
CA ARG A 962 -4.33 -25.59 -7.13
C ARG A 962 -5.44 -24.73 -7.75
N GLY A 963 -6.67 -25.26 -7.77
CA GLY A 963 -7.75 -24.56 -8.43
C GLY A 963 -8.04 -23.19 -7.85
N ARG A 964 -7.77 -23.00 -6.56
CA ARG A 964 -8.07 -21.74 -5.88
C ARG A 964 -7.15 -20.60 -6.29
N VAL A 965 -6.22 -20.81 -7.23
CA VAL A 965 -5.37 -19.76 -7.74
C VAL A 965 -5.46 -19.73 -9.26
N GLY A 966 -5.12 -18.59 -9.84
CA GLY A 966 -5.07 -18.45 -11.29
C GLY A 966 -6.43 -18.45 -11.96
N ARG A 967 -7.43 -17.82 -11.35
CA ARG A 967 -8.77 -17.76 -11.93
C ARG A 967 -9.03 -16.46 -12.68
N SER A 968 -8.44 -15.35 -12.24
CA SER A 968 -8.67 -14.06 -12.87
C SER A 968 -7.87 -13.91 -14.16
N ARG A 969 -7.61 -12.66 -14.56
CA ARG A 969 -6.86 -12.41 -15.79
C ARG A 969 -5.38 -12.67 -15.64
N GLU A 970 -4.90 -12.94 -14.43
CA GLU A 970 -3.48 -13.18 -14.18
C GLU A 970 -3.17 -14.67 -14.23
N ARG A 971 -1.97 -14.98 -14.72
CA ARG A 971 -1.50 -16.35 -14.76
C ARG A 971 -1.07 -16.78 -13.36
N GLY A 972 -1.54 -17.96 -12.94
CA GLY A 972 -1.24 -18.48 -11.62
C GLY A 972 -0.05 -19.42 -11.62
N TYR A 973 0.53 -19.58 -10.43
CA TYR A 973 1.66 -20.48 -10.22
C TYR A 973 1.39 -21.35 -9.00
N ALA A 974 1.84 -22.61 -9.07
CA ALA A 974 1.69 -23.55 -7.97
C ALA A 974 2.99 -24.31 -7.78
N TYR A 975 3.38 -24.51 -6.54
CA TYR A 975 4.64 -25.18 -6.19
C TYR A 975 4.33 -26.32 -5.21
N PHE A 976 4.29 -27.54 -5.73
CA PHE A 976 4.13 -28.73 -4.89
C PHE A 976 5.53 -29.20 -4.47
N LEU A 977 5.85 -29.02 -3.20
CA LEU A 977 7.19 -29.26 -2.70
C LEU A 977 7.19 -30.43 -1.73
N TYR A 978 8.17 -31.33 -1.90
CA TYR A 978 8.35 -32.42 -0.95
C TYR A 978 9.62 -32.22 -0.14
N PRO A 979 9.67 -32.72 1.10
CA PRO A 979 10.85 -32.47 1.95
C PRO A 979 12.08 -33.17 1.42
N PRO A 980 13.22 -32.49 1.44
CA PRO A 980 14.46 -33.10 0.93
C PRO A 980 15.28 -33.87 1.97
N ASN A 981 14.86 -33.87 3.24
CA ASN A 981 15.59 -34.56 4.29
C ASN A 981 15.17 -36.01 4.47
N LYS A 982 14.13 -36.46 3.78
CA LYS A 982 13.64 -37.83 3.87
C LYS A 982 13.37 -38.37 2.48
N PRO A 983 13.55 -39.68 2.27
CA PRO A 983 13.26 -40.26 0.96
C PRO A 983 11.75 -40.32 0.72
N LEU A 984 11.35 -39.89 -0.48
CA LEU A 984 9.93 -39.89 -0.82
C LEU A 984 9.42 -41.32 -0.97
N THR A 985 8.15 -41.51 -0.64
CA THR A 985 7.54 -42.83 -0.67
C THR A 985 7.18 -43.23 -2.09
N GLU A 986 6.83 -44.51 -2.26
CA GLU A 986 6.46 -45.01 -3.58
C GLU A 986 5.12 -44.41 -4.03
N THR A 987 4.13 -44.39 -3.15
CA THR A 987 2.85 -43.80 -3.51
C THR A 987 2.96 -42.29 -3.67
N ALA A 988 3.87 -41.64 -2.93
CA ALA A 988 4.10 -40.22 -3.14
C ALA A 988 4.81 -39.98 -4.47
N TYR A 989 5.72 -40.89 -4.84
CA TYR A 989 6.38 -40.79 -6.14
C TYR A 989 5.38 -40.93 -7.27
N ASP A 990 4.50 -41.94 -7.19
CA ASP A 990 3.48 -42.13 -8.20
C ASP A 990 2.53 -40.92 -8.26
N ARG A 991 1.92 -40.59 -7.12
CA ARG A 991 0.98 -39.48 -7.04
C ARG A 991 1.57 -38.17 -7.60
N LEU A 992 2.67 -37.73 -6.99
CA LEU A 992 3.40 -36.57 -7.48
C LEU A 992 3.72 -36.69 -8.96
N ALA A 993 3.96 -37.91 -9.44
CA ALA A 993 4.21 -38.09 -10.87
C ALA A 993 2.95 -37.83 -11.69
N THR A 994 1.78 -38.27 -11.19
CA THR A 994 0.53 -38.00 -11.90
C THR A 994 0.30 -36.49 -12.04
N ILE A 995 0.42 -35.75 -10.93
CA ILE A 995 0.23 -34.30 -11.06
C ILE A 995 1.45 -33.60 -11.65
N ALA A 996 2.57 -34.30 -11.82
CA ALA A 996 3.81 -33.69 -12.29
C ALA A 996 3.66 -33.24 -13.73
N GLN A 997 3.57 -34.20 -14.64
CA GLN A 997 3.12 -33.90 -16.00
C GLN A 997 1.66 -33.48 -15.92
N ASN A 998 1.42 -32.17 -15.87
CA ASN A 998 0.06 -31.65 -15.81
C ASN A 998 -0.78 -32.22 -16.94
N ASN A 999 -1.80 -32.99 -16.56
CA ASN A 999 -2.58 -33.73 -17.55
C ASN A 999 -4.01 -33.89 -17.08
N GLU A 1000 -4.94 -33.74 -18.02
CA GLU A 1000 -6.35 -33.96 -17.78
C GLU A 1000 -6.78 -35.38 -18.10
N LEU A 1001 -5.84 -36.32 -18.14
CA LEU A 1001 -6.10 -37.66 -18.65
C LEU A 1001 -6.85 -38.49 -17.61
N GLY A 1002 -7.16 -39.75 -17.91
CA GLY A 1002 -7.71 -40.71 -16.99
C GLY A 1002 -6.75 -41.26 -15.96
N ALA A 1003 -5.54 -40.70 -15.83
CA ALA A 1003 -4.60 -41.19 -14.82
C ALA A 1003 -5.08 -40.89 -13.40
N GLY A 1004 -5.83 -39.81 -13.21
CA GLY A 1004 -6.25 -39.42 -11.88
C GLY A 1004 -7.00 -38.12 -11.80
N MET A 1005 -6.79 -37.20 -12.74
CA MET A 1005 -7.57 -35.97 -12.75
C MET A 1005 -9.06 -36.29 -12.84
N ALA A 1006 -9.44 -37.25 -13.69
CA ALA A 1006 -10.82 -37.72 -13.74
C ALA A 1006 -11.16 -38.67 -12.60
N VAL A 1007 -10.21 -39.50 -12.17
CA VAL A 1007 -10.46 -40.41 -11.06
C VAL A 1007 -10.69 -39.64 -9.77
N ALA A 1008 -9.95 -38.54 -9.57
CA ALA A 1008 -10.14 -37.67 -8.41
C ALA A 1008 -11.15 -36.56 -8.66
N MET A 1009 -11.62 -36.38 -9.89
CA MET A 1009 -12.75 -35.48 -10.13
C MET A 1009 -14.04 -36.07 -9.58
N LYS A 1010 -14.20 -37.39 -9.71
CA LYS A 1010 -15.37 -38.06 -9.14
C LYS A 1010 -15.49 -37.76 -7.65
N ASP A 1011 -14.37 -37.77 -6.92
CA ASP A 1011 -14.40 -37.38 -5.51
C ASP A 1011 -14.92 -35.96 -5.32
N LEU A 1012 -14.51 -35.04 -6.21
CA LEU A 1012 -15.09 -33.70 -6.20
C LEU A 1012 -16.59 -33.73 -6.47
N GLU A 1013 -17.11 -34.77 -7.13
CA GLU A 1013 -18.55 -34.91 -7.31
C GLU A 1013 -19.24 -35.66 -6.17
N ILE A 1014 -18.50 -36.40 -5.35
CA ILE A 1014 -19.11 -37.15 -4.25
C ILE A 1014 -19.69 -36.18 -3.23
N ARG A 1015 -18.83 -35.33 -2.67
CA ARG A 1015 -19.29 -34.32 -1.72
C ARG A 1015 -20.30 -33.37 -2.35
N GLY A 1016 -20.23 -33.18 -3.67
CA GLY A 1016 -21.27 -32.41 -4.35
C GLY A 1016 -22.63 -33.08 -4.24
N ALA A 1017 -22.66 -34.40 -4.48
CA ALA A 1017 -23.89 -35.15 -4.25
C ALA A 1017 -24.33 -35.02 -2.80
N GLY A 1018 -23.39 -35.13 -1.86
CA GLY A 1018 -23.73 -34.96 -0.45
C GLY A 1018 -24.33 -33.60 -0.16
N ASN A 1019 -23.91 -32.58 -0.92
CA ASN A 1019 -24.51 -31.25 -0.77
C ASN A 1019 -25.85 -31.14 -1.47
N VAL A 1020 -26.12 -32.01 -2.45
CA VAL A 1020 -27.38 -31.97 -3.19
C VAL A 1020 -28.45 -32.75 -2.44
N LEU A 1021 -28.19 -34.01 -2.18
CA LEU A 1021 -29.15 -34.86 -1.50
C LEU A 1021 -28.91 -34.85 0.01
N GLY A 1022 -29.95 -35.25 0.75
CA GLY A 1022 -29.92 -35.11 2.19
C GLY A 1022 -28.98 -36.06 2.89
N ALA A 1023 -28.82 -37.28 2.37
CA ALA A 1023 -28.02 -38.28 3.05
C ALA A 1023 -26.53 -37.93 2.97
N GLU A 1024 -25.86 -37.97 4.12
CA GLU A 1024 -24.41 -37.81 4.16
C GLU A 1024 -23.69 -39.13 4.38
N GLN A 1025 -24.35 -40.13 4.96
CA GLN A 1025 -23.69 -41.38 5.29
C GLN A 1025 -23.06 -42.03 4.06
N SER A 1026 -21.83 -42.50 4.23
CA SER A 1026 -21.14 -43.27 3.21
C SER A 1026 -21.10 -44.75 3.55
N GLY A 1027 -21.91 -45.18 4.50
CA GLY A 1027 -21.90 -46.58 4.89
C GLY A 1027 -22.45 -47.49 3.81
N HIS A 1028 -23.61 -47.13 3.25
CA HIS A 1028 -24.17 -47.93 2.17
C HIS A 1028 -23.43 -47.73 0.85
N VAL A 1029 -22.78 -46.59 0.67
CA VAL A 1029 -21.93 -46.39 -0.50
C VAL A 1029 -20.75 -47.35 -0.46
N ALA A 1030 -20.05 -47.39 0.68
CA ALA A 1030 -18.94 -48.33 0.86
C ALA A 1030 -19.49 -49.75 0.92
N GLY A 1031 -19.18 -50.54 -0.10
CA GLY A 1031 -19.72 -51.88 -0.25
C GLY A 1031 -20.65 -52.04 -1.43
N VAL A 1032 -21.24 -50.94 -1.90
CA VAL A 1032 -22.08 -50.97 -3.10
C VAL A 1032 -21.44 -50.22 -4.26
N GLY A 1033 -20.70 -49.15 -3.99
CA GLY A 1033 -20.17 -48.30 -5.05
C GLY A 1033 -21.05 -47.09 -5.23
N PHE A 1034 -20.45 -45.89 -5.19
CA PHE A 1034 -21.24 -44.67 -5.26
C PHE A 1034 -22.00 -44.57 -6.57
N ASP A 1035 -21.39 -45.03 -7.66
CA ASP A 1035 -22.09 -45.00 -8.95
C ASP A 1035 -23.33 -45.87 -8.92
N LEU A 1036 -23.19 -47.10 -8.40
CA LEU A 1036 -24.36 -47.95 -8.21
C LEU A 1036 -25.26 -47.42 -7.12
N TYR A 1037 -24.71 -46.67 -6.15
CA TYR A 1037 -25.53 -46.08 -5.11
C TYR A 1037 -26.50 -45.06 -5.70
N VAL A 1038 -25.98 -44.09 -6.45
CA VAL A 1038 -26.84 -43.08 -7.08
C VAL A 1038 -27.63 -43.64 -8.25
N ARG A 1039 -27.20 -44.79 -8.79
CA ARG A 1039 -28.04 -45.49 -9.77
C ARG A 1039 -29.27 -46.08 -9.09
N LEU A 1040 -29.09 -46.72 -7.94
CA LEU A 1040 -30.24 -47.14 -7.13
C LEU A 1040 -31.06 -45.95 -6.68
N VAL A 1041 -30.42 -44.81 -6.41
CA VAL A 1041 -31.15 -43.57 -6.17
C VAL A 1041 -32.02 -43.25 -7.37
N GLY A 1042 -31.48 -43.41 -8.58
CA GLY A 1042 -32.28 -43.23 -9.77
C GLY A 1042 -33.49 -44.14 -9.79
N GLU A 1043 -33.29 -45.42 -9.47
CA GLU A 1043 -34.41 -46.36 -9.45
C GLU A 1043 -35.49 -45.92 -8.47
N ALA A 1044 -35.08 -45.57 -7.24
CA ALA A 1044 -36.06 -45.22 -6.21
C ALA A 1044 -36.79 -43.93 -6.55
N VAL A 1045 -36.07 -42.91 -7.02
CA VAL A 1045 -36.70 -41.62 -7.30
C VAL A 1045 -37.52 -41.66 -8.58
N GLU A 1046 -37.22 -42.56 -9.51
CA GLU A 1046 -38.09 -42.73 -10.67
C GLU A 1046 -39.33 -43.54 -10.33
N ALA A 1047 -39.21 -44.50 -9.41
CA ALA A 1047 -40.39 -45.23 -8.95
C ALA A 1047 -41.29 -44.34 -8.09
N TYR A 1048 -40.72 -43.39 -7.37
CA TYR A 1048 -41.49 -42.48 -6.52
C TYR A 1048 -42.03 -41.27 -7.28
N ARG A 1049 -41.31 -40.82 -8.33
CA ARG A 1049 -41.76 -39.65 -9.08
C ARG A 1049 -43.11 -39.89 -9.73
N ALA A 1050 -43.31 -41.06 -10.33
CA ALA A 1050 -44.58 -41.42 -10.95
C ALA A 1050 -45.54 -41.91 -9.88
N ALA A 1051 -45.90 -40.98 -8.98
CA ALA A 1051 -46.83 -41.31 -7.91
C ALA A 1051 -48.23 -41.61 -8.45
N ALA A 1052 -48.62 -40.96 -9.56
CA ALA A 1052 -49.92 -41.23 -10.16
C ALA A 1052 -49.92 -42.56 -10.90
N ASP A 1053 -48.77 -42.95 -11.47
CA ASP A 1053 -48.71 -44.23 -12.19
C ASP A 1053 -48.80 -45.41 -11.24
N GLY A 1054 -48.33 -45.26 -10.01
CA GLY A 1054 -48.38 -46.33 -9.03
C GLY A 1054 -47.43 -47.47 -9.33
N ASP A 1065 -30.83 -57.44 -20.54
CA ASP A 1065 -29.80 -57.71 -21.54
C ASP A 1065 -30.13 -58.98 -22.32
N VAL A 1066 -29.75 -59.01 -23.59
CA VAL A 1066 -29.94 -60.17 -24.46
C VAL A 1066 -28.57 -60.71 -24.84
N ARG A 1067 -28.38 -62.01 -24.62
CA ARG A 1067 -27.11 -62.67 -24.90
C ARG A 1067 -27.15 -63.29 -26.28
N ILE A 1068 -26.18 -62.94 -27.13
CA ILE A 1068 -26.06 -63.48 -28.48
C ILE A 1068 -24.75 -64.24 -28.56
N ASP A 1069 -24.84 -65.56 -28.74
CA ASP A 1069 -23.68 -66.42 -28.93
C ASP A 1069 -23.72 -67.00 -30.34
N LEU A 1070 -23.40 -66.14 -31.31
CA LEU A 1070 -23.43 -66.51 -32.71
C LEU A 1070 -22.02 -66.50 -33.30
N PRO A 1071 -21.73 -67.41 -34.24
CA PRO A 1071 -20.40 -67.40 -34.91
C PRO A 1071 -20.29 -66.30 -35.95
N VAL A 1072 -20.28 -65.06 -35.49
CA VAL A 1072 -20.20 -63.88 -36.34
C VAL A 1072 -18.97 -63.09 -35.90
N ASP A 1073 -17.95 -63.05 -36.78
CA ASP A 1073 -16.70 -62.36 -36.47
C ASP A 1073 -16.95 -60.87 -36.27
N ALA A 1074 -17.35 -60.49 -35.07
CA ALA A 1074 -17.74 -59.12 -34.75
C ALA A 1074 -16.93 -58.62 -33.58
N HIS A 1075 -16.16 -57.55 -33.79
CA HIS A 1075 -15.36 -56.93 -32.75
C HIS A 1075 -14.88 -55.58 -33.26
N LEU A 1076 -14.36 -54.77 -32.34
CA LEU A 1076 -13.66 -53.55 -32.72
C LEU A 1076 -12.17 -53.86 -32.83
N PRO A 1077 -11.61 -53.97 -34.04
CA PRO A 1077 -10.21 -54.40 -34.15
C PRO A 1077 -9.28 -53.39 -33.54
N PRO A 1078 -8.16 -53.82 -32.95
CA PRO A 1078 -7.22 -52.86 -32.34
C PRO A 1078 -6.62 -51.90 -33.34
N GLU A 1079 -6.52 -52.30 -34.62
CA GLU A 1079 -5.99 -51.39 -35.64
C GLU A 1079 -6.92 -50.21 -35.86
N TYR A 1080 -8.23 -50.42 -35.73
CA TYR A 1080 -9.19 -49.34 -35.93
C TYR A 1080 -9.10 -48.30 -34.81
N ILE A 1081 -9.23 -48.75 -33.57
CA ILE A 1081 -9.12 -47.89 -32.39
C ILE A 1081 -7.95 -48.42 -31.57
N GLY A 1082 -6.82 -47.72 -31.62
CA GLY A 1082 -5.63 -48.19 -30.91
C GLY A 1082 -5.75 -48.05 -29.41
N SER A 1083 -6.25 -46.90 -28.94
CA SER A 1083 -6.37 -46.66 -27.51
C SER A 1083 -7.45 -47.55 -26.91
N ASP A 1084 -7.07 -48.41 -25.97
CA ASP A 1084 -8.03 -49.30 -25.32
C ASP A 1084 -9.09 -48.50 -24.57
N ARG A 1085 -8.68 -47.40 -23.92
CA ARG A 1085 -9.61 -46.60 -23.14
C ARG A 1085 -10.73 -46.02 -23.99
N LEU A 1086 -10.43 -45.68 -25.25
CA LEU A 1086 -11.47 -45.18 -26.13
C LEU A 1086 -12.28 -46.32 -26.75
N ARG A 1087 -11.61 -47.44 -27.07
CA ARG A 1087 -12.32 -48.56 -27.68
C ARG A 1087 -13.35 -49.15 -26.74
N LEU A 1088 -13.04 -49.20 -25.44
CA LEU A 1088 -14.03 -49.67 -24.47
C LEU A 1088 -15.22 -48.71 -24.42
N GLU A 1089 -14.97 -47.41 -24.59
CA GLU A 1089 -16.06 -46.45 -24.63
C GLU A 1089 -16.91 -46.64 -25.88
N ALA A 1090 -16.29 -47.00 -27.00
CA ALA A 1090 -17.06 -47.27 -28.22
C ALA A 1090 -17.91 -48.54 -28.06
N TYR A 1091 -17.33 -49.59 -27.50
CA TYR A 1091 -18.09 -50.80 -27.17
C TYR A 1091 -19.30 -50.47 -26.30
N ARG A 1092 -19.05 -49.83 -25.16
CA ARG A 1092 -20.11 -49.56 -24.19
C ARG A 1092 -21.19 -48.65 -24.78
N ARG A 1093 -20.78 -47.55 -25.40
CA ARG A 1093 -21.76 -46.61 -25.94
C ARG A 1093 -22.54 -47.24 -27.10
N LEU A 1094 -21.92 -48.12 -27.87
CA LEU A 1094 -22.67 -48.84 -28.89
C LEU A 1094 -23.69 -49.78 -28.26
N ALA A 1095 -23.30 -50.46 -27.17
CA ALA A 1095 -24.22 -51.39 -26.52
C ALA A 1095 -25.40 -50.67 -25.88
N ALA A 1096 -25.16 -49.49 -25.30
CA ALA A 1096 -26.21 -48.79 -24.58
C ALA A 1096 -27.22 -48.11 -25.49
N ALA A 1097 -26.94 -48.01 -26.79
CA ALA A 1097 -27.88 -47.40 -27.72
C ALA A 1097 -29.18 -48.20 -27.76
N ALA A 1098 -30.31 -47.51 -27.56
CA ALA A 1098 -31.59 -48.16 -27.34
C ALA A 1098 -32.47 -48.25 -28.58
N ASP A 1099 -32.16 -47.51 -29.65
CA ASP A 1099 -32.95 -47.57 -30.87
C ASP A 1099 -32.02 -47.49 -32.06
N ASP A 1100 -32.60 -47.69 -33.26
CA ASP A 1100 -31.80 -47.77 -34.48
C ASP A 1100 -31.11 -46.45 -34.79
N ASP A 1101 -31.80 -45.32 -34.59
CA ASP A 1101 -31.18 -44.03 -34.86
C ASP A 1101 -30.05 -43.73 -33.89
N ALA A 1102 -30.14 -44.24 -32.65
CA ALA A 1102 -29.05 -44.08 -31.71
C ALA A 1102 -27.82 -44.88 -32.15
N VAL A 1103 -28.03 -46.12 -32.59
CA VAL A 1103 -26.93 -46.92 -33.13
C VAL A 1103 -26.33 -46.23 -34.35
N ALA A 1104 -27.17 -45.60 -35.18
CA ALA A 1104 -26.67 -44.87 -36.32
C ALA A 1104 -25.83 -43.67 -35.89
N SER A 1105 -26.24 -42.99 -34.82
CA SER A 1105 -25.44 -41.89 -34.30
C SER A 1105 -24.09 -42.37 -33.78
N VAL A 1106 -24.08 -43.55 -33.14
CA VAL A 1106 -22.81 -44.15 -32.71
C VAL A 1106 -21.95 -44.45 -33.93
N VAL A 1107 -22.55 -44.98 -35.00
CA VAL A 1107 -21.82 -45.27 -36.22
C VAL A 1107 -21.21 -44.00 -36.78
N ASP A 1108 -21.96 -42.90 -36.80
CA ASP A 1108 -21.42 -41.63 -37.26
C ASP A 1108 -20.27 -41.16 -36.37
N GLU A 1109 -20.39 -41.42 -35.06
CA GLU A 1109 -19.29 -41.08 -34.16
C GLU A 1109 -18.02 -41.85 -34.53
N LEU A 1110 -18.14 -43.16 -34.74
CA LEU A 1110 -16.96 -43.94 -35.09
C LEU A 1110 -16.39 -43.54 -36.45
N ILE A 1111 -17.27 -43.20 -37.39
CA ILE A 1111 -16.83 -42.79 -38.72
C ILE A 1111 -16.04 -41.48 -38.64
N ASP A 1112 -16.61 -40.47 -37.99
CA ASP A 1112 -15.95 -39.17 -37.91
C ASP A 1112 -14.69 -39.23 -37.06
N ARG A 1113 -14.77 -39.90 -35.91
CA ARG A 1113 -13.67 -39.88 -34.95
C ARG A 1113 -12.51 -40.77 -35.40
N TYR A 1114 -12.82 -42.00 -35.82
CA TYR A 1114 -11.78 -42.99 -36.04
C TYR A 1114 -11.64 -43.43 -37.50
N GLY A 1115 -12.53 -43.01 -38.40
CA GLY A 1115 -12.44 -43.40 -39.78
C GLY A 1115 -13.54 -44.36 -40.18
N PRO A 1116 -13.54 -44.76 -41.45
CA PRO A 1116 -14.60 -45.67 -41.94
C PRO A 1116 -14.58 -46.99 -41.18
N LEU A 1117 -15.79 -47.54 -41.00
CA LEU A 1117 -15.93 -48.76 -40.22
C LEU A 1117 -15.30 -49.94 -40.96
N PRO A 1118 -14.52 -50.77 -40.29
CA PRO A 1118 -14.07 -52.03 -40.88
C PRO A 1118 -15.20 -53.05 -40.86
N GLU A 1119 -14.92 -54.24 -41.41
CA GLU A 1119 -15.95 -55.28 -41.47
C GLU A 1119 -16.33 -55.79 -40.08
N PRO A 1120 -15.40 -56.13 -39.18
CA PRO A 1120 -15.83 -56.61 -37.86
C PRO A 1120 -16.65 -55.59 -37.07
N ALA A 1121 -16.35 -54.29 -37.23
CA ALA A 1121 -17.14 -53.27 -36.55
C ALA A 1121 -18.56 -53.21 -37.10
N GLN A 1122 -18.70 -53.29 -38.43
CA GLN A 1122 -20.04 -53.29 -39.03
C GLN A 1122 -20.82 -54.53 -38.62
N ARG A 1123 -20.15 -55.67 -38.53
CA ARG A 1123 -20.82 -56.89 -38.08
C ARG A 1123 -21.25 -56.76 -36.62
N LEU A 1124 -20.43 -56.11 -35.80
CA LEU A 1124 -20.83 -55.84 -34.42
C LEU A 1124 -22.05 -54.93 -34.37
N VAL A 1125 -22.10 -53.95 -35.27
CA VAL A 1125 -23.25 -53.05 -35.35
C VAL A 1125 -24.51 -53.85 -35.70
N ALA A 1126 -24.40 -54.72 -36.71
CA ALA A 1126 -25.54 -55.56 -37.08
C ALA A 1126 -25.94 -56.49 -35.94
N VAL A 1127 -24.98 -56.91 -35.11
CA VAL A 1127 -25.31 -57.71 -33.95
C VAL A 1127 -26.08 -56.89 -32.92
N ALA A 1128 -25.71 -55.61 -32.76
CA ALA A 1128 -26.43 -54.74 -31.85
C ALA A 1128 -27.87 -54.50 -32.33
N ARG A 1129 -28.02 -54.18 -33.62
CA ARG A 1129 -29.37 -54.04 -34.18
C ARG A 1129 -30.16 -55.33 -34.02
N LEU A 1130 -29.50 -56.47 -34.15
CA LEU A 1130 -30.16 -57.75 -33.89
C LEU A 1130 -30.61 -57.84 -32.45
N ARG A 1131 -29.81 -57.31 -31.52
CA ARG A 1131 -30.20 -57.30 -30.12
C ARG A 1131 -31.45 -56.45 -29.90
N LEU A 1132 -31.52 -55.30 -30.58
CA LEU A 1132 -32.72 -54.47 -30.49
C LEU A 1132 -33.93 -55.21 -31.04
N LEU A 1133 -33.77 -55.86 -32.21
CA LEU A 1133 -34.86 -56.65 -32.78
C LEU A 1133 -35.30 -57.76 -31.85
N CYS A 1134 -34.38 -58.33 -31.08
CA CYS A 1134 -34.76 -59.31 -30.07
C CYS A 1134 -35.53 -58.67 -28.93
N ARG A 1135 -35.09 -57.51 -28.46
CA ARG A 1135 -35.79 -56.84 -27.36
C ARG A 1135 -37.20 -56.44 -27.74
N GLU A 1136 -37.43 -56.10 -29.01
CA GLU A 1136 -38.78 -55.74 -29.43
C GLU A 1136 -39.74 -56.91 -29.27
N PHE A 1137 -39.27 -58.13 -29.53
CA PHE A 1137 -40.08 -59.32 -29.38
C PHE A 1137 -39.71 -60.13 -28.12
N GLY A 1138 -38.88 -59.56 -27.25
CA GLY A 1138 -38.60 -60.18 -25.97
C GLY A 1138 -37.80 -61.46 -26.02
N ILE A 1139 -36.74 -61.51 -26.82
CA ILE A 1139 -35.85 -62.66 -26.88
C ILE A 1139 -34.66 -62.39 -25.98
N THR A 1140 -34.47 -63.24 -24.98
CA THR A 1140 -33.40 -63.05 -24.00
C THR A 1140 -32.07 -63.59 -24.51
N GLU A 1141 -32.08 -64.63 -25.34
CA GLU A 1141 -30.83 -65.27 -25.72
C GLU A 1141 -30.98 -65.96 -27.06
N ILE A 1142 -29.98 -65.77 -27.92
CA ILE A 1142 -29.87 -66.47 -29.20
C ILE A 1142 -28.48 -67.07 -29.23
N GLY A 1143 -28.35 -68.34 -28.89
CA GLY A 1143 -27.06 -69.00 -28.80
C GLY A 1143 -26.99 -70.23 -29.67
N ALA A 1144 -25.81 -70.48 -30.22
CA ALA A 1144 -25.55 -71.65 -31.02
C ALA A 1144 -25.23 -72.81 -30.10
N VAL A 1145 -26.15 -73.78 -30.01
CA VAL A 1145 -25.91 -74.94 -29.16
C VAL A 1145 -24.76 -75.79 -29.73
N SER A 1146 -24.66 -75.85 -31.05
CA SER A 1146 -23.62 -76.63 -31.71
C SER A 1146 -23.14 -75.86 -32.93
N ALA A 1147 -22.31 -76.52 -33.74
CA ALA A 1147 -21.76 -75.86 -34.93
C ALA A 1147 -22.78 -75.76 -36.05
N SER A 1148 -23.87 -76.52 -35.99
CA SER A 1148 -24.82 -76.60 -37.09
C SER A 1148 -26.23 -76.18 -36.71
N THR A 1149 -26.48 -75.81 -35.46
CA THR A 1149 -27.82 -75.49 -35.00
C THR A 1149 -27.78 -74.21 -34.17
N VAL A 1150 -28.93 -73.55 -34.06
CA VAL A 1150 -29.06 -72.33 -33.28
C VAL A 1150 -30.37 -72.40 -32.50
N ARG A 1151 -30.34 -71.83 -31.30
CA ARG A 1151 -31.47 -71.86 -30.37
C ARG A 1151 -31.89 -70.44 -30.02
N LEU A 1152 -33.18 -70.16 -30.16
CA LEU A 1152 -33.79 -68.93 -29.65
C LEU A 1152 -34.44 -69.27 -28.31
N SER A 1153 -33.94 -68.64 -27.24
CA SER A 1153 -34.12 -69.18 -25.90
C SER A 1153 -35.53 -69.02 -25.33
N PRO A 1154 -36.14 -67.83 -25.34
CA PRO A 1154 -37.49 -67.72 -24.76
C PRO A 1154 -38.56 -67.35 -25.77
N MET A 1155 -39.32 -68.33 -26.26
CA MET A 1155 -40.40 -68.05 -27.18
C MET A 1155 -41.54 -69.03 -26.92
N VAL A 1156 -42.77 -68.50 -26.94
CA VAL A 1156 -43.98 -69.31 -26.99
C VAL A 1156 -44.62 -69.11 -28.35
N LEU A 1157 -45.05 -70.20 -28.97
CA LEU A 1157 -45.62 -70.14 -30.31
C LEU A 1157 -47.01 -70.74 -30.31
N PRO A 1158 -48.04 -70.00 -30.73
CA PRO A 1158 -49.37 -70.62 -30.89
C PRO A 1158 -49.37 -71.62 -32.04
N ASP A 1159 -50.50 -72.30 -32.23
CA ASP A 1159 -50.57 -73.35 -33.25
C ASP A 1159 -50.25 -72.81 -34.64
N SER A 1160 -50.69 -71.58 -34.93
CA SER A 1160 -50.46 -70.97 -36.23
C SER A 1160 -48.97 -70.81 -36.50
N ALA A 1161 -48.27 -70.03 -35.66
CA ALA A 1161 -46.85 -69.81 -35.86
C ALA A 1161 -46.03 -71.08 -35.68
N GLN A 1162 -46.55 -72.07 -34.96
CA GLN A 1162 -45.88 -73.37 -34.86
C GLN A 1162 -45.90 -74.07 -36.21
N LEU A 1163 -47.08 -74.16 -36.83
CA LEU A 1163 -47.18 -74.68 -38.19
C LEU A 1163 -46.31 -73.88 -39.16
N ARG A 1164 -46.29 -72.55 -39.01
CA ARG A 1164 -45.43 -71.73 -39.87
C ARG A 1164 -43.97 -72.07 -39.68
N LEU A 1165 -43.57 -72.38 -38.45
CA LEU A 1165 -42.20 -72.83 -38.20
C LEU A 1165 -41.94 -74.16 -38.92
N LYS A 1166 -42.93 -75.05 -38.93
CA LYS A 1166 -42.74 -76.31 -39.65
C LYS A 1166 -42.63 -76.09 -41.14
N ARG A 1167 -43.39 -75.15 -41.70
CA ARG A 1167 -43.45 -74.99 -43.15
C ARG A 1167 -42.27 -74.20 -43.68
N MET A 1168 -41.97 -73.04 -43.08
CA MET A 1168 -41.02 -72.11 -43.64
C MET A 1168 -39.57 -72.40 -43.27
N TYR A 1169 -39.32 -72.98 -42.10
CA TYR A 1169 -37.98 -73.33 -41.66
C TYR A 1169 -37.94 -74.81 -41.31
N PRO A 1170 -37.82 -75.68 -42.32
CA PRO A 1170 -37.83 -77.11 -42.05
C PRO A 1170 -36.60 -77.55 -41.26
N GLY A 1171 -36.74 -78.69 -40.59
CA GLY A 1171 -35.70 -79.23 -39.76
C GLY A 1171 -35.68 -78.71 -38.33
N GLY A 1172 -36.30 -77.56 -38.07
CA GLY A 1172 -36.34 -77.01 -36.74
C GLY A 1172 -37.58 -77.43 -35.97
N HIS A 1173 -37.43 -77.50 -34.64
CA HIS A 1173 -38.52 -77.86 -33.75
C HIS A 1173 -38.62 -76.86 -32.61
N TYR A 1174 -39.81 -76.80 -32.02
CA TYR A 1174 -40.13 -75.88 -30.94
C TYR A 1174 -40.39 -76.70 -29.68
N ARG A 1175 -39.51 -76.56 -28.69
CA ARG A 1175 -39.64 -77.29 -27.43
C ARG A 1175 -40.39 -76.42 -26.43
N ALA A 1176 -41.62 -76.82 -26.10
CA ALA A 1176 -42.49 -75.98 -25.28
C ALA A 1176 -42.12 -76.03 -23.80
N THR A 1177 -41.59 -77.17 -23.32
CA THR A 1177 -41.22 -77.28 -21.92
C THR A 1177 -40.15 -76.26 -21.55
N THR A 1178 -38.97 -76.36 -22.17
CA THR A 1178 -37.96 -75.33 -22.00
C THR A 1178 -38.31 -74.05 -22.76
N SER A 1179 -39.35 -74.10 -23.59
CA SER A 1179 -39.87 -72.91 -24.30
C SER A 1179 -38.83 -72.30 -25.25
N THR A 1180 -38.01 -73.15 -25.86
CA THR A 1180 -37.00 -72.70 -26.81
C THR A 1180 -37.41 -73.11 -28.23
N VAL A 1181 -36.81 -72.43 -29.21
CA VAL A 1181 -37.03 -72.74 -30.62
C VAL A 1181 -35.68 -73.06 -31.23
N GLN A 1182 -35.47 -74.32 -31.58
CA GLN A 1182 -34.18 -74.80 -32.07
C GLN A 1182 -34.30 -75.11 -33.56
N VAL A 1183 -33.50 -74.41 -34.36
CA VAL A 1183 -33.55 -74.62 -35.82
C VAL A 1183 -32.13 -74.89 -36.32
N PRO A 1184 -31.97 -75.62 -37.43
CA PRO A 1184 -30.64 -75.91 -37.96
C PRO A 1184 -30.18 -74.89 -38.98
N LEU A 1185 -28.88 -74.65 -38.98
CA LEU A 1185 -28.28 -73.67 -39.89
C LEU A 1185 -28.24 -74.25 -41.30
N PRO A 1186 -28.71 -73.53 -42.31
CA PRO A 1186 -28.51 -73.99 -43.69
C PRO A 1186 -27.08 -73.77 -44.13
N ARG A 1187 -26.55 -74.72 -44.89
CA ARG A 1187 -25.20 -74.61 -45.42
C ARG A 1187 -25.15 -73.54 -46.51
N ALA A 1188 -24.00 -72.86 -46.59
CA ALA A 1188 -23.85 -71.79 -47.59
C ALA A 1188 -23.71 -72.35 -48.99
N GLY A 1189 -22.84 -73.34 -49.18
CA GLY A 1189 -22.62 -73.94 -50.48
C GLY A 1189 -22.74 -75.45 -50.41
N GLU A 1190 -22.76 -76.05 -51.60
CA GLU A 1190 -22.88 -77.50 -51.71
C GLU A 1190 -21.51 -78.17 -51.82
N ALA A 1194 -18.56 -78.35 -47.60
CA ALA A 1194 -19.57 -77.31 -47.43
C ALA A 1194 -19.34 -76.53 -46.13
N PRO A 1195 -19.76 -75.26 -46.12
CA PRO A 1195 -19.64 -74.48 -44.89
C PRO A 1195 -20.98 -74.04 -44.30
N ARG A 1196 -21.07 -73.97 -42.97
CA ARG A 1196 -22.23 -73.35 -42.37
C ARG A 1196 -22.17 -71.85 -42.55
N ILE A 1197 -23.35 -71.22 -42.64
CA ILE A 1197 -23.41 -69.79 -42.85
C ILE A 1197 -22.85 -69.07 -41.63
N ARG A 1198 -22.31 -67.88 -41.86
CA ARG A 1198 -21.74 -67.07 -40.79
C ARG A 1198 -21.90 -65.60 -41.14
N ASP A 1199 -21.39 -64.74 -40.26
CA ASP A 1199 -21.31 -63.29 -40.46
C ASP A 1199 -22.71 -62.74 -40.82
N LEU A 1200 -22.82 -61.91 -41.86
CA LEU A 1200 -24.04 -61.16 -42.11
C LEU A 1200 -25.14 -62.04 -42.66
N GLU A 1201 -24.81 -63.11 -43.40
CA GLU A 1201 -25.85 -64.04 -43.83
C GLU A 1201 -26.54 -64.68 -42.64
N LEU A 1202 -25.76 -65.10 -41.65
CA LEU A 1202 -26.35 -65.66 -40.44
C LEU A 1202 -27.14 -64.61 -39.66
N VAL A 1203 -26.57 -63.41 -39.48
CA VAL A 1203 -27.27 -62.35 -38.74
C VAL A 1203 -28.63 -62.07 -39.37
N GLN A 1204 -28.64 -61.80 -40.68
CA GLN A 1204 -29.88 -61.51 -41.39
C GLN A 1204 -30.84 -62.69 -41.33
N TRP A 1205 -30.33 -63.91 -41.59
CA TRP A 1205 -31.20 -65.08 -41.54
C TRP A 1205 -31.89 -65.22 -40.19
N VAL A 1206 -31.15 -64.98 -39.11
CA VAL A 1206 -31.75 -64.98 -37.77
C VAL A 1206 -32.79 -63.88 -37.67
N ALA A 1207 -32.51 -62.70 -38.25
CA ALA A 1207 -33.48 -61.61 -38.20
C ALA A 1207 -34.79 -62.00 -38.87
N GLY A 1208 -34.71 -62.52 -40.10
CA GLY A 1208 -35.92 -62.93 -40.80
C GLY A 1208 -36.65 -64.06 -40.11
N LEU A 1209 -35.89 -64.98 -39.49
CA LEU A 1209 -36.52 -66.05 -38.72
C LEU A 1209 -37.33 -65.47 -37.56
N VAL A 1210 -36.74 -64.54 -36.80
CA VAL A 1210 -37.46 -63.90 -35.71
C VAL A 1210 -38.70 -63.18 -36.23
N LEU A 1211 -38.56 -62.48 -37.36
CA LEU A 1211 -39.69 -61.75 -37.92
C LEU A 1211 -40.84 -62.69 -38.27
N VAL A 1212 -40.57 -63.69 -39.11
CA VAL A 1212 -41.64 -64.57 -39.58
C VAL A 1212 -42.22 -65.39 -38.43
N LEU A 1213 -41.40 -65.71 -37.42
CA LEU A 1213 -41.93 -66.41 -36.25
C LEU A 1213 -42.82 -65.50 -35.42
N ASN A 1214 -42.55 -64.19 -35.41
CA ASN A 1214 -43.37 -63.26 -34.65
C ASN A 1214 -44.29 -62.44 -35.54
N GLY A 1215 -45.06 -63.10 -36.40
CA GLY A 1215 -46.09 -62.43 -37.16
C GLY A 1215 -45.60 -61.61 -38.35
N LYS A 1216 -44.69 -60.68 -38.11
CA LYS A 1216 -44.23 -59.76 -39.14
C LYS A 1216 -43.56 -60.52 -40.28
N GLY A 1217 -43.56 -59.90 -41.46
CA GLY A 1217 -42.97 -60.53 -42.62
C GLY A 1217 -41.45 -60.46 -42.60
N GLN A 1218 -40.84 -61.30 -43.44
CA GLN A 1218 -39.39 -61.34 -43.54
C GLN A 1218 -38.82 -60.06 -44.16
N GLY A 1219 -39.65 -59.26 -44.82
CA GLY A 1219 -39.20 -58.02 -45.42
C GLY A 1219 -39.52 -56.80 -44.58
N ASP A 1220 -39.45 -56.95 -43.25
CA ASP A 1220 -39.71 -55.83 -42.36
C ASP A 1220 -38.53 -54.88 -42.30
N VAL A 1221 -37.32 -55.43 -42.22
CA VAL A 1221 -36.10 -54.62 -42.18
C VAL A 1221 -34.92 -55.53 -42.55
N ASP A 1222 -33.81 -54.91 -42.94
CA ASP A 1222 -32.61 -55.64 -43.30
C ASP A 1222 -31.44 -55.10 -42.49
N MET A 1223 -30.51 -56.00 -42.14
CA MET A 1223 -29.31 -55.65 -41.40
C MET A 1223 -28.11 -55.39 -42.31
N SER A 1224 -28.34 -55.17 -43.60
CA SER A 1224 -27.26 -54.89 -44.54
C SER A 1224 -26.78 -53.44 -44.47
N LYS A 1225 -27.43 -52.59 -43.69
CA LYS A 1225 -27.02 -51.20 -43.59
C LYS A 1225 -25.73 -51.08 -42.77
N PHE A 1226 -25.16 -49.88 -42.80
CA PHE A 1226 -23.94 -49.55 -42.05
C PHE A 1226 -22.78 -50.47 -42.45
N SER B 28 -13.16 43.77 5.16
CA SER B 28 -12.25 44.14 6.22
C SER B 28 -10.89 43.46 6.05
N VAL B 29 -9.96 43.76 6.95
CA VAL B 29 -8.62 43.18 6.85
C VAL B 29 -8.58 41.75 7.38
N GLN B 30 -9.47 41.41 8.32
CA GLN B 30 -9.44 40.07 8.89
C GLN B 30 -9.99 39.03 7.91
N THR B 31 -11.12 39.34 7.25
CA THR B 31 -11.73 38.43 6.29
C THR B 31 -11.45 38.95 4.89
N PRO B 32 -10.46 38.41 4.18
CA PRO B 32 -10.09 38.97 2.88
C PRO B 32 -11.06 38.62 1.74
N ILE B 33 -11.68 37.44 1.81
CA ILE B 33 -12.46 36.94 0.68
C ILE B 33 -13.94 36.85 1.06
N ALA B 34 -14.41 37.75 1.92
CA ALA B 34 -15.81 37.74 2.30
C ALA B 34 -16.71 38.14 1.14
N GLY B 35 -16.32 39.16 0.38
CA GLY B 35 -17.14 39.61 -0.73
C GLY B 35 -17.18 38.59 -1.87
N LEU B 36 -16.06 37.92 -2.12
CA LEU B 36 -16.04 36.88 -3.15
C LEU B 36 -16.95 35.72 -2.79
N VAL B 37 -17.04 35.38 -1.50
CA VAL B 37 -17.96 34.34 -1.07
C VAL B 37 -19.40 34.85 -1.09
N GLU B 38 -19.60 36.14 -0.87
CA GLU B 38 -20.93 36.72 -1.11
C GLU B 38 -21.35 36.53 -2.56
N LEU B 39 -20.48 36.91 -3.50
CA LEU B 39 -20.77 36.74 -4.91
C LEU B 39 -20.98 35.27 -5.27
N ALA B 40 -20.23 34.37 -4.62
CA ALA B 40 -20.45 32.94 -4.85
C ALA B 40 -21.80 32.49 -4.32
N LEU B 41 -22.27 33.08 -3.22
CA LEU B 41 -23.56 32.73 -2.63
C LEU B 41 -24.73 33.38 -3.36
N SER B 42 -24.47 34.26 -4.33
CA SER B 42 -25.54 34.75 -5.19
C SER B 42 -26.07 33.63 -6.09
N ASP B 43 -25.34 32.54 -6.22
CA ASP B 43 -25.77 31.43 -7.05
C ASP B 43 -27.09 30.87 -6.54
N PRO B 44 -28.01 30.50 -7.43
CA PRO B 44 -29.34 30.05 -6.97
C PRO B 44 -29.34 28.68 -6.32
N SER B 45 -28.31 27.86 -6.52
CA SER B 45 -28.27 26.57 -5.84
C SER B 45 -27.89 26.73 -4.38
N LEU B 46 -26.93 27.61 -4.09
CA LEU B 46 -26.59 27.91 -2.70
C LEU B 46 -27.76 28.60 -1.99
N GLN B 47 -28.42 29.53 -2.69
CA GLN B 47 -29.64 30.14 -2.14
C GLN B 47 -30.71 29.07 -1.90
N ASP B 48 -30.78 28.08 -2.79
CA ASP B 48 -31.69 26.96 -2.56
C ASP B 48 -31.30 26.17 -1.32
N VAL B 49 -30.00 26.08 -1.03
CA VAL B 49 -29.56 25.44 0.20
C VAL B 49 -29.98 26.26 1.41
N ILE B 50 -29.93 27.59 1.29
CA ILE B 50 -30.43 28.45 2.36
C ILE B 50 -31.91 28.18 2.61
N ARG B 51 -32.71 28.19 1.55
CA ARG B 51 -34.15 27.99 1.68
C ARG B 51 -34.47 26.62 2.25
N ARG B 52 -33.75 25.59 1.81
CA ARG B 52 -34.02 24.24 2.30
C ARG B 52 -33.61 24.09 3.75
N ALA B 53 -32.50 24.71 4.15
CA ALA B 53 -32.03 24.62 5.53
C ALA B 53 -32.76 25.56 6.47
N ALA B 54 -33.60 26.46 5.94
CA ALA B 54 -34.29 27.42 6.80
C ALA B 54 -35.34 26.73 7.68
N ASP B 55 -36.05 25.73 7.15
CA ASP B 55 -37.12 25.07 7.87
C ASP B 55 -36.65 23.79 8.57
N ARG B 56 -35.34 23.58 8.68
CA ARG B 56 -34.75 22.49 9.46
C ARG B 56 -35.26 21.12 9.03
N PRO B 57 -34.87 20.62 7.86
CA PRO B 57 -35.31 19.29 7.44
C PRO B 57 -34.56 18.19 8.17
N ALA B 58 -35.18 17.01 8.21
CA ALA B 58 -34.56 15.87 8.86
C ALA B 58 -33.32 15.40 8.07
N ASP B 59 -33.48 15.19 6.78
CA ASP B 59 -32.39 14.75 5.91
C ASP B 59 -32.07 15.84 4.90
N LEU B 60 -30.79 16.15 4.76
CA LEU B 60 -30.32 17.12 3.76
C LEU B 60 -29.00 16.59 3.21
N ALA B 61 -29.06 15.96 2.05
CA ALA B 61 -27.88 15.37 1.40
C ALA B 61 -27.45 16.27 0.25
N LEU B 62 -26.23 16.78 0.31
CA LEU B 62 -25.69 17.67 -0.70
C LEU B 62 -24.51 16.99 -1.40
N VAL B 63 -24.39 17.22 -2.71
CA VAL B 63 -23.33 16.64 -3.52
C VAL B 63 -22.60 17.76 -4.24
N GLY B 64 -21.28 17.82 -4.08
CA GLY B 64 -20.47 18.82 -4.72
C GLY B 64 -19.00 18.53 -4.59
N PRO B 65 -18.17 19.28 -5.33
CA PRO B 65 -16.72 19.08 -5.25
C PRO B 65 -16.19 19.48 -3.87
N ALA B 66 -14.94 19.07 -3.61
CA ALA B 66 -14.32 19.36 -2.33
C ALA B 66 -14.12 20.87 -2.16
N SER B 67 -13.67 21.54 -3.21
CA SER B 67 -13.40 22.97 -3.13
C SER B 67 -14.65 23.78 -2.77
N ALA B 68 -15.83 23.17 -2.86
CA ALA B 68 -17.07 23.86 -2.54
C ALA B 68 -17.39 23.84 -1.06
N ARG B 69 -16.65 23.07 -0.26
CA ARG B 69 -16.94 22.97 1.18
C ARG B 69 -17.08 24.35 1.81
N VAL B 70 -16.03 25.16 1.71
CA VAL B 70 -16.02 26.50 2.30
C VAL B 70 -17.26 27.29 1.88
N LEU B 71 -17.70 27.09 0.64
CA LEU B 71 -18.93 27.75 0.19
C LEU B 71 -20.13 27.23 0.95
N VAL B 72 -20.36 25.91 0.88
CA VAL B 72 -21.57 25.33 1.46
C VAL B 72 -21.63 25.62 2.97
N ALA B 73 -20.50 25.47 3.66
CA ALA B 73 -20.43 25.88 5.05
C ALA B 73 -20.85 27.33 5.21
N ALA B 74 -20.19 28.23 4.47
CA ALA B 74 -20.58 29.65 4.50
C ALA B 74 -22.02 29.84 4.09
N ALA B 75 -22.58 28.91 3.32
CA ALA B 75 -24.02 28.95 3.05
C ALA B 75 -24.82 28.73 4.33
N LEU B 76 -24.57 27.60 5.00
CA LEU B 76 -25.35 27.27 6.18
C LEU B 76 -25.15 28.29 7.30
N ALA B 77 -23.94 28.86 7.40
CA ALA B 77 -23.66 29.88 8.39
C ALA B 77 -24.55 31.11 8.22
N GLN B 78 -25.13 31.29 7.03
CA GLN B 78 -26.06 32.41 6.82
C GLN B 78 -27.32 32.25 7.67
N ASN B 79 -27.68 31.02 8.02
CA ASN B 79 -28.84 30.78 8.87
C ASN B 79 -28.51 30.81 10.36
N GLY B 80 -27.23 30.78 10.71
CA GLY B 80 -26.83 30.78 12.10
C GLY B 80 -25.59 29.94 12.32
N PRO B 81 -25.30 29.62 13.58
CA PRO B 81 -24.12 28.81 13.89
C PRO B 81 -24.30 27.37 13.43
N LEU B 82 -23.17 26.69 13.22
CA LEU B 82 -23.19 25.30 12.81
C LEU B 82 -21.86 24.64 13.12
N LEU B 83 -21.92 23.30 13.21
CA LEU B 83 -20.75 22.45 13.35
C LEU B 83 -20.44 21.82 12.00
N VAL B 84 -19.16 21.68 11.69
CA VAL B 84 -18.70 21.06 10.45
C VAL B 84 -17.66 20.02 10.81
N VAL B 85 -17.96 18.76 10.50
CA VAL B 85 -17.09 17.63 10.83
C VAL B 85 -16.37 17.19 9.57
N ALA B 86 -15.07 17.41 9.53
CA ALA B 86 -14.22 16.90 8.46
C ALA B 86 -13.70 15.52 8.82
N ALA B 87 -13.25 14.79 7.80
CA ALA B 87 -12.77 13.43 7.97
C ALA B 87 -11.54 13.37 8.88
N THR B 88 -10.40 13.80 8.36
CA THR B 88 -9.16 13.80 9.12
C THR B 88 -8.84 15.21 9.60
N GLY B 89 -7.82 15.31 10.46
CA GLY B 89 -7.45 16.60 11.01
C GLY B 89 -6.96 17.58 9.96
N ARG B 90 -6.25 17.08 8.95
CA ARG B 90 -5.72 17.97 7.91
C ARG B 90 -6.85 18.68 7.18
N GLU B 91 -7.94 17.97 6.86
CA GLU B 91 -9.09 18.62 6.25
C GLU B 91 -9.68 19.66 7.18
N ALA B 92 -9.68 19.39 8.48
CA ALA B 92 -10.19 20.37 9.44
C ALA B 92 -9.35 21.63 9.45
N ASP B 93 -8.03 21.50 9.33
CA ASP B 93 -7.17 22.67 9.28
C ASP B 93 -7.37 23.44 7.98
N GLU B 94 -7.40 22.73 6.85
CA GLU B 94 -7.59 23.39 5.55
C GLU B 94 -8.91 24.16 5.51
N LEU B 95 -10.03 23.45 5.74
CA LEU B 95 -11.33 24.10 5.70
C LEU B 95 -11.45 25.18 6.77
N THR B 96 -10.83 24.96 7.92
CA THR B 96 -10.88 25.96 8.99
C THR B 96 -10.22 27.25 8.55
N ALA B 97 -9.05 27.17 7.93
CA ALA B 97 -8.39 28.37 7.42
C ALA B 97 -9.21 29.03 6.32
N GLU B 98 -9.71 28.22 5.38
CA GLU B 98 -10.56 28.75 4.31
C GLU B 98 -11.73 29.52 4.87
N LEU B 99 -12.33 29.04 5.96
CA LEU B 99 -13.43 29.75 6.59
C LEU B 99 -12.94 30.95 7.39
N ARG B 100 -11.70 30.92 7.88
CA ARG B 100 -11.13 32.11 8.50
C ARG B 100 -11.02 33.25 7.50
N GLY B 101 -10.77 32.91 6.23
CA GLY B 101 -10.74 33.93 5.19
C GLY B 101 -12.06 34.64 4.97
N VAL B 102 -13.16 34.12 5.50
CA VAL B 102 -14.46 34.74 5.29
C VAL B 102 -15.12 35.18 6.59
N PHE B 103 -14.77 34.60 7.74
CA PHE B 103 -15.40 34.94 9.01
C PHE B 103 -14.42 35.41 10.08
N GLY B 104 -13.11 35.26 9.86
CA GLY B 104 -12.15 35.75 10.83
C GLY B 104 -12.20 34.94 12.12
N ASP B 105 -12.18 35.64 13.25
CA ASP B 105 -12.22 35.00 14.55
C ASP B 105 -13.56 34.36 14.86
N SER B 106 -14.58 34.56 14.00
CA SER B 106 -15.89 34.00 14.26
C SER B 106 -15.91 32.49 14.02
N VAL B 107 -15.02 31.98 13.16
CA VAL B 107 -14.90 30.55 12.91
C VAL B 107 -13.69 30.03 13.67
N ALA B 108 -13.84 28.88 14.31
CA ALA B 108 -12.79 28.30 15.12
C ALA B 108 -12.73 26.81 14.89
N LEU B 109 -11.66 26.18 15.38
CA LEU B 109 -11.39 24.77 15.18
C LEU B 109 -11.32 24.07 16.53
N PHE B 110 -11.99 22.91 16.62
CA PHE B 110 -11.97 22.08 17.82
C PHE B 110 -10.96 20.95 17.59
N PRO B 111 -9.73 21.08 18.09
CA PRO B 111 -8.69 20.11 17.72
C PRO B 111 -8.95 18.74 18.33
N SER B 112 -8.40 17.72 17.67
CA SER B 112 -8.51 16.34 18.13
C SER B 112 -7.34 15.98 19.03
N TRP B 113 -7.61 15.11 20.00
CA TRP B 113 -6.57 14.64 20.90
C TRP B 113 -5.46 13.96 20.11
N GLU B 114 -4.23 14.12 20.60
CA GLU B 114 -3.10 13.40 20.02
C GLU B 114 -3.03 11.96 20.49
N THR B 115 -3.79 11.59 21.53
CA THR B 115 -3.79 10.26 22.08
C THR B 115 -5.21 9.69 22.08
N LEU B 116 -5.31 8.41 22.42
CA LEU B 116 -6.59 7.75 22.58
C LEU B 116 -7.15 8.05 23.97
N PRO B 117 -8.47 7.98 24.15
CA PRO B 117 -9.06 8.34 25.45
C PRO B 117 -8.56 7.49 26.61
N HIS B 118 -8.06 6.28 26.35
CA HIS B 118 -7.59 5.40 27.42
C HIS B 118 -6.11 5.06 27.27
N GLU B 119 -5.37 5.82 26.48
CA GLU B 119 -3.93 5.65 26.39
C GLU B 119 -3.25 6.37 27.56
N ARG B 120 -2.19 5.76 28.08
CA ARG B 120 -1.50 6.31 29.24
C ARG B 120 -0.56 7.45 28.84
N LEU B 121 -1.09 8.41 28.09
CA LEU B 121 -0.35 9.60 27.69
C LEU B 121 -1.32 10.77 27.61
N SER B 122 -0.96 11.87 28.27
CA SER B 122 -1.83 13.04 28.20
C SER B 122 -1.66 13.73 26.85
N PRO B 123 -2.74 14.22 26.25
CA PRO B 123 -2.62 14.99 25.00
C PRO B 123 -1.89 16.30 25.24
N GLY B 124 -1.64 17.04 24.16
CA GLY B 124 -0.89 18.28 24.28
C GLY B 124 -1.64 19.29 25.13
N VAL B 125 -0.89 20.03 25.95
CA VAL B 125 -1.50 21.06 26.78
C VAL B 125 -2.09 22.17 25.92
N GLU B 126 -1.52 22.41 24.74
CA GLU B 126 -2.07 23.42 23.84
C GLU B 126 -3.35 22.93 23.19
N THR B 127 -3.42 21.65 22.84
CA THR B 127 -4.66 21.09 22.29
C THR B 127 -5.77 21.12 23.32
N VAL B 128 -5.47 20.69 24.56
CA VAL B 128 -6.46 20.74 25.63
C VAL B 128 -6.90 22.17 25.87
N GLY B 129 -5.95 23.12 25.90
CA GLY B 129 -6.31 24.51 26.10
C GLY B 129 -7.21 25.04 25.00
N ALA B 130 -6.94 24.66 23.75
CA ALA B 130 -7.80 25.09 22.65
C ALA B 130 -9.19 24.47 22.76
N ARG B 131 -9.26 23.21 23.20
CA ARG B 131 -10.56 22.54 23.36
C ARG B 131 -11.41 23.21 24.43
N LEU B 132 -10.85 23.35 25.64
CA LEU B 132 -11.59 23.98 26.72
C LEU B 132 -11.92 25.43 26.41
N MET B 133 -11.00 26.13 25.75
CA MET B 133 -11.25 27.52 25.37
C MET B 133 -12.39 27.63 24.37
N LEU B 134 -12.44 26.71 23.40
CA LEU B 134 -13.54 26.75 22.43
C LEU B 134 -14.86 26.37 23.09
N LEU B 135 -14.83 25.40 24.02
CA LEU B 135 -16.05 25.04 24.73
C LEU B 135 -16.57 26.21 25.55
N ARG B 136 -15.68 26.96 26.19
CA ARG B 136 -16.12 28.13 26.94
C ARG B 136 -16.59 29.25 26.02
N ARG B 137 -15.96 29.39 24.85
CA ARG B 137 -16.43 30.38 23.89
C ARG B 137 -17.83 30.04 23.38
N LEU B 138 -18.12 28.74 23.24
CA LEU B 138 -19.48 28.33 22.88
C LEU B 138 -20.45 28.58 24.04
N ALA B 139 -20.01 28.33 25.27
CA ALA B 139 -20.88 28.54 26.42
C ALA B 139 -21.15 30.02 26.64
N ARG B 140 -20.15 30.87 26.43
CA ARG B 140 -20.26 32.32 26.68
C ARG B 140 -19.86 33.07 25.42
N PRO B 141 -20.77 33.16 24.44
CA PRO B 141 -20.42 33.88 23.20
C PRO B 141 -20.23 35.37 23.38
N ASP B 142 -20.91 35.97 24.36
CA ASP B 142 -20.85 37.42 24.56
C ASP B 142 -19.61 37.87 25.31
N ASP B 143 -18.87 36.95 25.94
CA ASP B 143 -17.65 37.30 26.66
C ASP B 143 -16.58 37.68 25.64
N GLU B 144 -16.36 38.98 25.48
CA GLU B 144 -15.45 39.47 24.43
C GLU B 144 -14.00 39.13 24.72
N THR B 145 -13.63 38.87 25.97
CA THR B 145 -12.25 38.53 26.29
C THR B 145 -11.86 37.19 25.69
N LEU B 146 -12.82 36.29 25.52
CA LEU B 146 -12.55 34.99 24.90
C LEU B 146 -12.49 35.05 23.39
N GLY B 147 -13.13 36.06 22.77
CA GLY B 147 -13.15 36.16 21.33
C GLY B 147 -14.54 36.51 20.81
N ALA B 148 -14.68 36.62 19.49
CA ALA B 148 -15.97 36.93 18.91
C ALA B 148 -16.93 35.75 19.10
N PRO B 149 -18.24 36.01 19.09
CA PRO B 149 -19.20 34.91 19.14
C PRO B 149 -19.01 33.96 17.97
N LEU B 150 -19.29 32.69 18.21
CA LEU B 150 -18.95 31.63 17.27
C LEU B 150 -19.97 31.55 16.13
N ARG B 151 -19.46 31.35 14.92
CA ARG B 151 -20.29 31.11 13.75
C ARG B 151 -20.14 29.66 13.29
N VAL B 152 -18.97 29.28 12.78
CA VAL B 152 -18.71 27.93 12.30
C VAL B 152 -17.70 27.29 13.23
N VAL B 153 -17.98 26.07 13.67
CA VAL B 153 -17.05 25.29 14.48
C VAL B 153 -16.66 24.05 13.69
N VAL B 154 -15.40 23.99 13.26
CA VAL B 154 -14.90 22.88 12.46
C VAL B 154 -14.12 21.93 13.37
N THR B 155 -14.31 20.62 13.16
CA THR B 155 -13.62 19.62 13.96
C THR B 155 -13.41 18.38 13.10
N THR B 156 -12.89 17.32 13.73
CA THR B 156 -12.65 16.05 13.09
C THR B 156 -13.61 15.00 13.62
N THR B 157 -13.53 13.79 13.07
CA THR B 157 -14.36 12.70 13.56
C THR B 157 -14.01 12.33 15.00
N ARG B 158 -12.71 12.38 15.33
CA ARG B 158 -12.24 12.00 16.66
C ARG B 158 -12.96 12.81 17.74
N SER B 159 -12.82 14.13 17.70
CA SER B 159 -13.45 14.98 18.70
C SER B 159 -14.98 14.95 18.62
N LEU B 160 -15.54 14.58 17.47
CA LEU B 160 -16.98 14.43 17.37
C LEU B 160 -17.45 13.22 18.18
N LEU B 161 -16.78 12.09 18.03
CA LEU B 161 -17.19 10.87 18.71
C LEU B 161 -16.81 10.90 20.19
N GLN B 162 -15.52 11.14 20.47
CA GLN B 162 -14.96 11.10 21.81
C GLN B 162 -15.74 11.99 22.77
N PRO B 163 -16.45 11.43 23.73
CA PRO B 163 -17.26 12.25 24.65
C PRO B 163 -16.41 13.03 25.63
N MET B 164 -17.07 13.71 26.58
CA MET B 164 -16.36 14.56 27.51
C MET B 164 -17.24 14.79 28.73
N ALA B 165 -16.61 15.11 29.84
CA ALA B 165 -17.35 15.41 31.07
C ALA B 165 -18.07 16.74 30.91
N PRO B 166 -19.37 16.82 31.23
CA PRO B 166 -20.11 18.07 31.04
C PRO B 166 -19.69 19.18 31.98
N ASP B 167 -19.06 18.86 33.11
CA ASP B 167 -18.66 19.88 34.08
C ASP B 167 -17.35 20.58 33.71
N LEU B 168 -16.80 20.32 32.52
CA LEU B 168 -15.52 20.93 32.16
C LEU B 168 -15.67 22.41 31.85
N VAL B 169 -16.80 22.82 31.26
CA VAL B 169 -17.01 24.23 30.96
C VAL B 169 -17.22 25.05 32.23
N ASP B 170 -17.66 24.42 33.32
CA ASP B 170 -17.89 25.14 34.57
C ASP B 170 -16.60 25.47 35.30
N ILE B 171 -15.49 24.82 34.96
CA ILE B 171 -14.23 25.10 35.64
C ILE B 171 -13.82 26.53 35.35
N GLU B 172 -13.76 27.34 36.40
CA GLU B 172 -13.51 28.77 36.25
C GLU B 172 -12.05 29.03 35.90
N PRO B 173 -11.75 29.66 34.78
CA PRO B 173 -10.36 30.00 34.46
C PRO B 173 -9.88 31.20 35.25
N VAL B 174 -8.58 31.48 35.13
CA VAL B 174 -7.95 32.59 35.83
C VAL B 174 -7.92 33.78 34.87
N THR B 175 -8.79 34.77 35.12
CA THR B 175 -8.87 35.96 34.29
C THR B 175 -7.92 37.01 34.85
N LEU B 176 -6.96 37.45 34.05
CA LEU B 176 -5.95 38.41 34.48
C LEU B 176 -6.00 39.64 33.60
N SER B 177 -6.31 40.79 34.21
CA SER B 177 -6.35 42.06 33.48
C SER B 177 -5.62 43.11 34.30
N VAL B 178 -5.00 44.07 33.61
CA VAL B 178 -4.27 45.14 34.26
C VAL B 178 -5.24 46.03 35.03
N GLY B 179 -5.24 45.89 36.35
CA GLY B 179 -6.15 46.64 37.21
C GLY B 179 -7.14 45.79 37.97
N ALA B 180 -7.11 44.47 37.86
CA ALA B 180 -8.03 43.61 38.58
C ALA B 180 -7.59 43.44 40.03
N GLU B 181 -8.56 43.30 40.93
CA GLU B 181 -8.32 43.15 42.36
C GLU B 181 -8.31 41.66 42.70
N MET B 182 -7.11 41.08 42.77
CA MET B 182 -6.95 39.68 43.13
C MET B 182 -5.81 39.54 44.13
N GLU B 183 -6.02 38.72 45.14
CA GLU B 183 -4.95 38.38 46.07
C GLU B 183 -4.03 37.33 45.46
N PHE B 184 -2.73 37.46 45.72
CA PHE B 184 -1.74 36.67 45.00
C PHE B 184 -1.89 35.18 45.29
N GLU B 185 -1.99 34.81 46.56
CA GLU B 185 -2.05 33.41 46.92
C GLU B 185 -3.27 32.73 46.33
N ASP B 186 -4.36 33.48 46.12
CA ASP B 186 -5.52 32.93 45.43
C ASP B 186 -5.20 32.64 43.97
N VAL B 187 -4.39 33.49 43.35
CA VAL B 187 -4.03 33.29 41.94
C VAL B 187 -3.14 32.05 41.80
N VAL B 188 -2.06 31.98 42.60
CA VAL B 188 -1.16 30.84 42.47
C VAL B 188 -1.84 29.55 42.88
N ALA B 189 -2.68 29.60 43.91
CA ALA B 189 -3.42 28.41 44.32
C ALA B 189 -4.41 27.98 43.24
N ARG B 190 -5.06 28.94 42.58
CA ARG B 190 -6.01 28.61 41.53
C ARG B 190 -5.30 27.99 40.32
N LEU B 191 -4.17 28.57 39.91
CA LEU B 191 -3.40 27.96 38.84
C LEU B 191 -2.94 26.55 39.22
N VAL B 192 -2.52 26.36 40.47
CA VAL B 192 -2.13 25.04 40.93
C VAL B 192 -3.31 24.08 40.81
N ASP B 193 -4.51 24.54 41.14
CA ASP B 193 -5.69 23.70 40.97
C ASP B 193 -6.01 23.42 39.51
N LEU B 194 -5.57 24.28 38.59
CA LEU B 194 -5.79 24.10 37.16
C LEU B 194 -4.69 23.31 36.49
N SER B 195 -3.99 22.44 37.24
CA SER B 195 -2.94 21.57 36.71
C SER B 195 -1.79 22.37 36.08
N TYR B 196 -1.57 23.59 36.55
CA TYR B 196 -0.42 24.36 36.11
C TYR B 196 0.83 23.90 36.85
N THR B 197 1.89 23.64 36.10
CA THR B 197 3.14 23.19 36.71
C THR B 197 3.94 24.40 37.17
N ARG B 198 4.30 24.41 38.46
CA ARG B 198 5.06 25.50 39.04
C ARG B 198 6.54 25.23 38.86
N VAL B 199 7.24 26.14 38.17
CA VAL B 199 8.67 26.05 37.95
C VAL B 199 9.31 27.36 38.39
N ASP B 200 10.64 27.42 38.27
CA ASP B 200 11.39 28.63 38.60
C ASP B 200 11.67 29.50 37.38
N MET B 201 11.35 29.02 36.18
CA MET B 201 11.61 29.78 34.96
C MET B 201 10.72 29.22 33.87
N VAL B 202 9.76 30.03 33.41
CA VAL B 202 8.79 29.56 32.42
C VAL B 202 9.49 29.31 31.09
N GLY B 203 9.28 28.13 30.53
CA GLY B 203 9.86 27.77 29.26
C GLY B 203 8.86 27.22 28.26
N LYS B 204 7.90 26.45 28.75
CA LYS B 204 6.86 25.86 27.92
C LYS B 204 5.49 26.25 28.47
N ARG B 205 4.45 25.90 27.70
CA ARG B 205 3.09 26.23 28.09
C ARG B 205 2.64 25.36 29.26
N GLY B 206 1.74 25.92 30.07
CA GLY B 206 1.25 25.24 31.26
C GLY B 206 2.06 25.48 32.50
N GLU B 207 3.25 26.09 32.39
CA GLU B 207 4.09 26.38 33.54
C GLU B 207 3.82 27.77 34.08
N PHE B 208 4.30 28.02 35.29
CA PHE B 208 4.30 29.37 35.84
C PHE B 208 5.41 29.50 36.87
N ALA B 209 6.05 30.65 36.89
CA ALA B 209 7.14 30.96 37.81
C ALA B 209 6.71 32.06 38.77
N VAL B 210 7.09 31.90 40.04
CA VAL B 210 6.72 32.83 41.11
C VAL B 210 7.97 33.59 41.53
N ARG B 211 7.96 34.89 41.36
CA ARG B 211 9.03 35.75 41.83
C ARG B 211 8.57 36.45 43.11
N GLY B 212 9.23 37.55 43.47
CA GLY B 212 8.80 38.36 44.59
C GLY B 212 7.88 39.49 44.16
N GLY B 213 6.58 39.27 44.28
CA GLY B 213 5.60 40.23 43.78
C GLY B 213 5.42 40.23 42.28
N ILE B 214 5.89 39.19 41.60
CA ILE B 214 5.82 39.09 40.15
C ILE B 214 5.47 37.65 39.79
N LEU B 215 4.56 37.48 38.83
CA LEU B 215 4.12 36.15 38.43
C LEU B 215 4.25 36.01 36.93
N ASP B 216 5.06 35.06 36.48
CA ASP B 216 5.19 34.74 35.07
C ASP B 216 4.32 33.53 34.77
N VAL B 217 3.51 33.61 33.71
CA VAL B 217 2.59 32.53 33.38
C VAL B 217 2.49 32.40 31.87
N PHE B 218 2.37 31.16 31.40
CA PHE B 218 2.22 30.84 29.98
C PHE B 218 0.91 30.09 29.80
N PRO B 219 -0.17 30.78 29.48
CA PRO B 219 -1.44 30.08 29.28
C PRO B 219 -1.36 29.14 28.08
N PRO B 220 -2.09 28.02 28.13
CA PRO B 220 -2.03 27.08 26.99
C PRO B 220 -2.66 27.60 25.71
N THR B 221 -3.42 28.70 25.79
CA THR B 221 -4.05 29.29 24.61
C THR B 221 -3.33 30.54 24.12
N ALA B 222 -2.28 30.98 24.82
CA ALA B 222 -1.59 32.21 24.48
C ALA B 222 -0.42 31.94 23.53
N GLU B 223 -0.18 32.90 22.65
CA GLU B 223 0.97 32.81 21.74
C GLU B 223 2.28 33.10 22.47
N HIS B 224 2.25 34.04 23.42
CA HIS B 224 3.41 34.42 24.19
C HIS B 224 3.11 34.32 25.68
N PRO B 225 4.11 34.00 26.50
CA PRO B 225 3.90 34.05 27.94
C PRO B 225 3.78 35.48 28.43
N VAL B 226 2.93 35.68 29.43
CA VAL B 226 2.67 37.00 30.01
C VAL B 226 3.30 37.05 31.39
N ARG B 227 4.00 38.15 31.67
CA ARG B 227 4.57 38.45 32.97
C ARG B 227 3.71 39.54 33.60
N VAL B 228 3.15 39.25 34.78
CA VAL B 228 2.26 40.16 35.48
C VAL B 228 2.96 40.66 36.74
N GLU B 229 2.78 41.96 37.01
CA GLU B 229 3.39 42.64 38.14
C GLU B 229 2.27 43.22 39.00
N PHE B 230 2.32 42.92 40.30
CA PHE B 230 1.28 43.30 41.24
C PHE B 230 1.69 44.55 42.02
N TRP B 231 0.69 45.33 42.42
CA TRP B 231 0.87 46.48 43.30
C TRP B 231 -0.13 46.34 44.44
N GLY B 232 0.37 45.95 45.62
CA GLY B 232 -0.51 45.61 46.71
C GLY B 232 -1.21 44.29 46.44
N ASP B 233 -2.53 44.33 46.24
CA ASP B 233 -3.30 43.17 45.84
C ASP B 233 -4.14 43.46 44.60
N GLU B 234 -3.65 44.35 43.74
CA GLU B 234 -4.24 44.56 42.43
C GLU B 234 -3.12 44.54 41.39
N ILE B 235 -3.45 44.03 40.20
CA ILE B 235 -2.45 43.85 39.16
C ILE B 235 -2.00 45.23 38.66
N SER B 236 -0.69 45.47 38.72
CA SER B 236 -0.14 46.75 38.30
C SER B 236 0.22 46.79 36.83
N GLU B 237 0.67 45.67 36.26
CA GLU B 237 1.06 45.67 34.86
C GLU B 237 1.02 44.25 34.32
N MET B 238 0.91 44.14 33.00
CA MET B 238 0.94 42.86 32.30
C MET B 238 1.67 43.06 30.99
N ARG B 239 2.79 42.35 30.80
CA ARG B 239 3.59 42.49 29.60
C ARG B 239 4.13 41.13 29.18
N ALA B 240 3.95 40.78 27.91
CA ALA B 240 4.43 39.51 27.40
C ALA B 240 5.95 39.51 27.31
N PHE B 241 6.54 38.33 27.51
CA PHE B 241 7.98 38.17 27.46
C PHE B 241 8.33 36.91 26.68
N ALA B 242 9.51 36.92 26.06
CA ALA B 242 9.94 35.80 25.25
C ALA B 242 10.59 34.73 26.11
N ILE B 243 10.57 33.49 25.61
CA ILE B 243 11.18 32.38 26.33
C ILE B 243 12.70 32.41 26.19
N ALA B 244 13.22 32.86 25.05
CA ALA B 244 14.65 32.86 24.77
C ALA B 244 15.43 33.68 25.79
N ASP B 245 15.39 35.00 25.66
CA ASP B 245 16.16 35.87 26.54
C ASP B 245 15.46 36.17 27.86
N GLN B 246 14.25 35.62 28.06
CA GLN B 246 13.44 35.85 29.26
C GLN B 246 13.12 37.32 29.50
N ARG B 247 13.42 38.19 28.54
CA ARG B 247 13.15 39.61 28.66
C ARG B 247 11.74 39.92 28.17
N SER B 248 11.17 40.99 28.71
CA SER B 248 9.82 41.40 28.30
C SER B 248 9.81 41.82 26.84
N ILE B 249 8.73 41.48 26.15
CA ILE B 249 8.50 41.93 24.78
C ILE B 249 7.53 43.11 24.85
N PRO B 250 8.01 44.35 24.86
CA PRO B 250 7.10 45.50 24.90
C PRO B 250 6.45 45.79 23.56
N GLU B 251 6.91 45.17 22.47
CA GLU B 251 6.37 45.45 21.15
C GLU B 251 4.93 44.99 21.00
N VAL B 252 4.48 44.06 21.82
CA VAL B 252 3.11 43.56 21.76
C VAL B 252 2.35 44.10 22.97
N PRO B 253 1.25 44.83 22.78
CA PRO B 253 0.41 45.24 23.92
C PRO B 253 -0.46 44.09 24.38
N VAL B 254 -0.62 43.99 25.70
CA VAL B 254 -1.30 42.87 26.33
C VAL B 254 -2.59 43.36 26.97
N GLN B 255 -3.72 42.75 26.61
CA GLN B 255 -4.98 43.00 27.28
C GLN B 255 -5.27 41.89 28.29
N THR B 256 -6.54 41.63 28.55
CA THR B 256 -6.91 40.58 29.48
C THR B 256 -6.55 39.21 28.91
N VAL B 257 -5.97 38.37 29.77
CA VAL B 257 -5.63 37.00 29.41
C VAL B 257 -6.51 36.05 30.21
N VAL B 258 -6.81 34.90 29.59
CA VAL B 258 -7.67 33.88 30.17
C VAL B 258 -6.84 32.62 30.34
N ALA B 259 -6.57 32.25 31.59
CA ALA B 259 -5.80 31.04 31.90
C ALA B 259 -6.77 29.89 32.11
N VAL B 260 -6.99 29.12 31.05
CA VAL B 260 -7.89 27.98 31.07
C VAL B 260 -7.12 26.77 31.62
N PRO B 261 -7.80 25.72 32.06
CA PRO B 261 -7.07 24.55 32.56
C PRO B 261 -6.16 23.93 31.51
N CYS B 262 -5.10 23.29 31.99
CA CYS B 262 -4.11 22.68 31.11
C CYS B 262 -4.34 21.19 30.87
N ARG B 263 -5.17 20.54 31.68
CA ARG B 263 -5.52 19.14 31.50
C ARG B 263 -7.03 18.99 31.59
N GLU B 264 -7.56 18.04 30.84
CA GLU B 264 -9.01 17.83 30.78
C GLU B 264 -9.54 17.17 32.05
N LEU B 265 -9.19 17.71 33.20
CA LEU B 265 -9.72 17.28 34.48
C LEU B 265 -9.39 18.35 35.52
N LEU B 266 -9.85 18.13 36.75
CA LEU B 266 -9.56 19.03 37.85
C LEU B 266 -9.16 18.21 39.07
N MET B 267 -8.22 18.74 39.84
CA MET B 267 -7.72 18.04 41.02
C MET B 267 -8.64 18.35 42.20
N THR B 268 -9.67 17.53 42.34
CA THR B 268 -10.59 17.61 43.47
C THR B 268 -10.20 16.58 44.52
N ASP B 269 -10.56 16.87 45.77
CA ASP B 269 -10.27 15.92 46.84
C ASP B 269 -11.01 14.60 46.61
N ASP B 270 -12.14 14.65 45.90
CA ASP B 270 -12.86 13.43 45.55
C ASP B 270 -12.00 12.50 44.72
N VAL B 271 -11.36 13.03 43.67
CA VAL B 271 -10.48 12.20 42.86
C VAL B 271 -9.17 11.90 43.58
N ARG B 272 -8.87 12.67 44.63
CA ARG B 272 -7.69 12.38 45.45
C ARG B 272 -7.91 11.11 46.27
N GLU B 273 -8.93 11.12 47.12
CA GLU B 273 -9.26 9.92 47.90
C GLU B 273 -9.73 8.77 47.00
N ARG B 274 -10.23 9.08 45.81
CA ARG B 274 -10.58 8.02 44.86
C ARG B 274 -9.33 7.37 44.29
N ALA B 275 -8.32 8.18 43.96
CA ALA B 275 -7.04 7.63 43.53
C ALA B 275 -6.38 6.84 44.64
N ALA B 276 -6.60 7.24 45.91
CA ALA B 276 -6.12 6.45 47.02
C ALA B 276 -6.90 5.14 47.16
N ALA B 277 -8.20 5.18 46.86
CA ALA B 277 -9.02 3.97 46.97
C ALA B 277 -8.66 2.96 45.90
N LEU B 278 -8.47 3.42 44.65
CA LEU B 278 -7.93 2.54 43.63
C LEU B 278 -6.51 2.10 43.95
N ALA B 279 -5.73 2.99 44.59
CA ALA B 279 -4.35 2.66 44.91
C ALA B 279 -4.25 1.59 45.99
N ALA B 280 -5.28 1.48 46.84
CA ALA B 280 -5.30 0.39 47.82
C ALA B 280 -5.24 -0.96 47.13
N GLU B 281 -6.08 -1.16 46.12
CA GLU B 281 -5.94 -2.30 45.24
C GLU B 281 -4.67 -2.16 44.41
N HIS B 282 -3.86 -3.21 44.36
CA HIS B 282 -2.53 -3.16 43.78
C HIS B 282 -1.74 -2.05 44.47
N PRO B 283 -1.40 -2.21 45.76
CA PRO B 283 -0.76 -1.12 46.49
C PRO B 283 0.61 -0.77 45.93
N THR B 284 1.52 -1.73 45.93
CA THR B 284 2.89 -1.55 45.44
C THR B 284 3.52 -0.30 46.05
N THR B 285 3.66 -0.33 47.38
CA THR B 285 4.22 0.80 48.09
C THR B 285 5.74 0.91 47.90
N GLU B 286 6.38 -0.14 47.39
CA GLU B 286 7.83 -0.14 47.22
C GLU B 286 8.19 -0.90 45.95
N ASN B 287 9.41 -0.65 45.47
CA ASN B 287 9.98 -1.36 44.33
C ASN B 287 9.12 -1.20 43.08
N THR B 288 8.66 0.02 42.82
CA THR B 288 7.85 0.34 41.66
C THR B 288 8.49 1.48 40.89
N VAL B 289 8.54 1.34 39.57
CA VAL B 289 9.16 2.34 38.69
C VAL B 289 8.19 3.48 38.46
N PRO B 290 8.66 4.66 38.05
CA PRO B 290 7.72 5.79 37.86
C PRO B 290 6.67 5.54 36.79
N GLY B 291 6.91 4.62 35.85
CA GLY B 291 5.95 4.40 34.78
C GLY B 291 4.80 3.49 35.13
N THR B 292 4.96 2.67 36.17
CA THR B 292 3.92 1.70 36.50
C THR B 292 2.64 2.39 36.98
N VAL B 293 1.56 1.63 36.96
CA VAL B 293 0.23 2.15 37.32
C VAL B 293 0.14 2.46 38.81
N PRO B 294 0.57 1.58 39.73
CA PRO B 294 0.45 1.92 41.16
C PRO B 294 1.25 3.15 41.56
N ASP B 295 2.35 3.45 40.89
CA ASP B 295 3.05 4.70 41.16
C ASP B 295 2.21 5.90 40.72
N MET B 296 1.53 5.77 39.58
CA MET B 296 0.62 6.82 39.12
C MET B 296 -0.49 7.04 40.15
N LEU B 297 -1.13 5.96 40.59
CA LEU B 297 -2.22 6.08 41.57
C LEU B 297 -1.70 6.62 42.90
N ALA B 298 -0.47 6.29 43.28
CA ALA B 298 0.08 6.81 44.53
C ALA B 298 0.35 8.31 44.43
N LYS B 299 0.98 8.74 43.33
CA LYS B 299 1.23 10.17 43.14
C LYS B 299 -0.08 10.94 43.06
N LEU B 300 -1.09 10.39 42.39
CA LEU B 300 -2.40 11.03 42.36
C LEU B 300 -3.00 11.08 43.76
N ALA B 301 -2.76 10.05 44.58
CA ALA B 301 -3.25 10.07 45.95
C ALA B 301 -2.58 11.16 46.76
N GLU B 302 -1.29 11.39 46.54
CA GLU B 302 -0.60 12.48 47.22
C GLU B 302 -1.12 13.85 46.80
N GLY B 303 -1.70 13.96 45.61
CA GLY B 303 -2.30 15.19 45.16
C GLY B 303 -1.58 15.94 44.05
N ILE B 304 -0.75 15.26 43.26
CA ILE B 304 0.01 15.88 42.19
C ILE B 304 -0.44 15.26 40.88
N PRO B 305 -0.75 16.06 39.85
CA PRO B 305 -1.13 15.49 38.56
C PRO B 305 0.05 14.80 37.89
N VAL B 306 -0.23 13.68 37.21
CA VAL B 306 0.77 12.93 36.48
C VAL B 306 0.28 12.69 35.06
N ASP B 307 1.21 12.30 34.19
CA ASP B 307 0.88 12.04 32.80
C ASP B 307 0.05 10.76 32.68
N GLY B 308 -0.76 10.72 31.62
CA GLY B 308 -1.66 9.59 31.43
C GLY B 308 -2.79 9.53 32.42
N MET B 309 -3.19 10.68 32.97
CA MET B 309 -4.18 10.71 34.04
C MET B 309 -5.61 10.61 33.50
N GLU B 310 -5.90 11.31 32.41
CA GLU B 310 -7.27 11.35 31.90
C GLU B 310 -7.77 9.98 31.46
N ALA B 311 -6.86 9.06 31.15
CA ALA B 311 -7.26 7.71 30.73
C ALA B 311 -8.09 7.02 31.81
N LEU B 312 -7.89 7.39 33.08
CA LEU B 312 -8.64 6.82 34.19
C LEU B 312 -9.80 7.71 34.63
N LEU B 313 -10.28 8.59 33.75
CA LEU B 313 -11.31 9.55 34.12
C LEU B 313 -12.64 8.91 34.50
N PRO B 314 -13.14 7.90 33.78
CA PRO B 314 -14.39 7.25 34.22
C PRO B 314 -14.29 6.55 35.58
N LEU B 315 -13.08 6.36 36.11
CA LEU B 315 -12.92 5.81 37.44
C LEU B 315 -12.52 6.83 38.49
N LEU B 316 -12.03 8.00 38.08
CA LEU B 316 -11.66 9.06 39.00
C LEU B 316 -12.70 10.17 39.08
N HIS B 317 -13.35 10.52 37.97
CA HIS B 317 -14.41 11.51 37.94
C HIS B 317 -15.65 10.88 37.32
N PRO B 318 -16.38 10.07 38.08
CA PRO B 318 -17.55 9.34 37.52
C PRO B 318 -18.78 10.20 37.31
N ILE B 319 -18.79 10.91 36.18
CA ILE B 319 -19.94 11.69 35.74
C ILE B 319 -20.29 11.24 34.33
N GLU B 320 -21.58 10.97 34.10
CA GLU B 320 -22.07 10.52 32.80
C GLU B 320 -21.63 11.51 31.71
N PRO B 321 -20.77 11.08 30.79
CA PRO B 321 -20.23 12.01 29.80
C PRO B 321 -21.27 12.42 28.77
N THR B 322 -21.00 13.55 28.13
CA THR B 322 -21.86 14.08 27.09
C THR B 322 -21.03 14.32 25.83
N THR B 323 -21.70 14.29 24.68
CA THR B 323 -21.03 14.43 23.40
C THR B 323 -20.76 15.91 23.09
N LEU B 324 -20.05 16.13 21.99
CA LEU B 324 -19.73 17.50 21.58
C LEU B 324 -20.98 18.25 21.13
N THR B 325 -21.92 17.54 20.49
CA THR B 325 -23.10 18.20 19.94
C THR B 325 -23.98 18.83 21.02
N ARG B 326 -23.80 18.45 22.27
CA ARG B 326 -24.56 19.08 23.35
C ARG B 326 -24.09 20.51 23.60
N HIS B 327 -22.79 20.77 23.46
CA HIS B 327 -22.26 22.10 23.69
C HIS B 327 -22.64 23.08 22.60
N LEU B 328 -23.05 22.60 21.43
CA LEU B 328 -23.45 23.48 20.35
C LEU B 328 -24.71 24.24 20.72
N PRO B 329 -24.88 25.46 20.23
CA PRO B 329 -26.13 26.19 20.46
C PRO B 329 -27.32 25.44 19.88
N GLU B 330 -28.47 25.58 20.53
CA GLU B 330 -29.65 24.81 20.18
C GLU B 330 -30.05 25.06 18.72
N GLY B 331 -30.28 23.98 17.98
CA GLY B 331 -30.68 24.07 16.60
C GLY B 331 -29.54 24.15 15.59
N ALA B 332 -28.31 24.29 16.06
CA ALA B 332 -27.18 24.41 15.14
C ALA B 332 -26.97 23.10 14.40
N PRO B 333 -27.00 23.10 13.06
CA PRO B 333 -26.86 21.84 12.31
C PRO B 333 -25.44 21.31 12.35
N VAL B 334 -25.30 20.06 11.92
CA VAL B 334 -24.02 19.37 11.84
C VAL B 334 -23.82 18.92 10.40
N LEU B 335 -22.79 19.46 9.76
CA LEU B 335 -22.47 19.17 8.37
C LEU B 335 -21.25 18.27 8.33
N VAL B 336 -21.46 17.00 7.99
CA VAL B 336 -20.39 16.02 7.90
C VAL B 336 -19.91 15.95 6.46
N CYS B 337 -18.64 16.27 6.24
CA CYS B 337 -18.06 16.28 4.91
C CYS B 337 -17.50 14.91 4.57
N ASP B 338 -17.85 14.40 3.38
CA ASP B 338 -17.49 13.05 2.94
C ASP B 338 -17.91 12.03 3.98
N PRO B 339 -19.21 11.72 4.08
CA PRO B 339 -19.69 10.91 5.20
C PRO B 339 -19.14 9.49 5.22
N GLU B 340 -18.76 8.94 4.07
CA GLU B 340 -18.28 7.56 4.03
C GLU B 340 -16.87 7.46 4.61
N LYS B 341 -15.97 8.37 4.21
CA LYS B 341 -14.64 8.40 4.80
C LYS B 341 -14.72 8.68 6.30
N VAL B 342 -15.65 9.54 6.70
CA VAL B 342 -15.88 9.81 8.12
C VAL B 342 -16.34 8.55 8.83
N ARG B 343 -17.18 7.74 8.16
CA ARG B 343 -17.70 6.53 8.77
C ARG B 343 -16.60 5.48 8.96
N THR B 344 -15.91 5.13 7.88
CA THR B 344 -14.84 4.15 7.96
C THR B 344 -13.77 4.58 8.95
N ARG B 345 -13.34 5.85 8.86
CA ARG B 345 -12.35 6.36 9.80
C ARG B 345 -12.85 6.23 11.23
N ALA B 346 -14.11 6.62 11.47
CA ALA B 346 -14.70 6.47 12.80
C ALA B 346 -14.55 5.04 13.32
N ALA B 347 -14.89 4.06 12.48
CA ALA B 347 -14.68 2.67 12.85
C ALA B 347 -13.22 2.41 13.22
N ASP B 348 -12.29 3.01 12.46
CA ASP B 348 -10.87 2.82 12.77
C ASP B 348 -10.50 3.39 14.13
N LEU B 349 -11.06 4.56 14.48
CA LEU B 349 -10.82 5.11 15.81
C LEU B 349 -11.37 4.19 16.90
N ILE B 350 -12.54 3.61 16.68
CA ILE B 350 -13.09 2.70 17.69
C ILE B 350 -12.18 1.48 17.86
N LYS B 351 -11.69 0.92 16.75
CA LYS B 351 -10.78 -0.22 16.86
C LYS B 351 -9.49 0.16 17.58
N THR B 352 -8.92 1.33 17.24
CA THR B 352 -7.64 1.74 17.83
C THR B 352 -7.80 1.99 19.32
N GLY B 353 -8.81 2.76 19.72
CA GLY B 353 -9.07 2.99 21.13
C GLY B 353 -9.35 1.71 21.89
N ARG B 354 -10.08 0.78 21.26
CA ARG B 354 -10.25 -0.55 21.83
C ARG B 354 -8.90 -1.20 22.12
N GLU B 355 -8.01 -1.20 21.13
CA GLU B 355 -6.71 -1.86 21.29
C GLU B 355 -5.88 -1.20 22.38
N PHE B 356 -5.85 0.14 22.41
CA PHE B 356 -5.08 0.83 23.45
C PHE B 356 -5.67 0.62 24.83
N LEU B 357 -6.99 0.52 24.93
CA LEU B 357 -7.61 0.25 26.23
C LEU B 357 -7.26 -1.14 26.72
N GLU B 358 -7.39 -2.15 25.86
CA GLU B 358 -7.04 -3.52 26.28
C GLU B 358 -5.55 -3.67 26.54
N ALA B 359 -4.71 -2.89 25.86
CA ALA B 359 -3.27 -3.06 25.99
C ALA B 359 -2.73 -2.34 27.22
N SER B 360 -3.01 -1.03 27.33
CA SER B 360 -2.46 -0.25 28.43
C SER B 360 -3.01 -0.68 29.78
N TRP B 361 -4.22 -1.23 29.80
CA TRP B 361 -4.92 -1.57 31.03
C TRP B 361 -5.23 -3.06 31.10
N SER B 362 -4.32 -3.89 30.61
CA SER B 362 -4.49 -5.33 30.69
C SER B 362 -4.15 -5.84 32.09
N THR B 363 -4.99 -6.72 32.60
CA THR B 363 -4.79 -7.29 33.94
C THR B 363 -3.42 -7.94 34.08
N ALA B 364 -2.80 -8.36 32.98
CA ALA B 364 -1.45 -8.87 33.03
C ALA B 364 -0.42 -7.77 33.29
N ALA B 365 -0.76 -6.52 32.99
CA ALA B 365 0.18 -5.41 33.15
C ALA B 365 -0.24 -4.37 34.18
N VAL B 366 -1.50 -4.36 34.62
CA VAL B 366 -1.98 -3.34 35.56
C VAL B 366 -1.34 -3.52 36.93
N GLY B 367 -1.78 -4.54 37.66
CA GLY B 367 -1.33 -4.70 39.02
C GLY B 367 -1.80 -6.01 39.62
N GLY B 368 -1.66 -6.11 40.94
CA GLY B 368 -1.85 -7.35 41.65
C GLY B 368 -3.23 -7.64 42.19
N ASP B 369 -4.01 -6.62 42.50
CA ASP B 369 -5.34 -6.83 43.07
C ASP B 369 -6.39 -6.79 41.97
N ALA B 370 -7.63 -6.45 42.33
CA ALA B 370 -8.73 -6.51 41.40
C ALA B 370 -8.46 -5.60 40.20
N PRO B 371 -8.80 -6.03 38.99
CA PRO B 371 -8.53 -5.20 37.81
C PRO B 371 -9.28 -3.87 37.82
N ILE B 372 -9.13 -3.09 36.74
CA ILE B 372 -9.64 -1.73 36.69
C ILE B 372 -11.05 -1.65 36.12
N ASP B 373 -11.70 -2.79 35.87
CA ASP B 373 -13.06 -2.83 35.35
C ASP B 373 -13.13 -2.06 34.02
N LEU B 374 -12.53 -2.69 33.00
CA LEU B 374 -12.42 -2.07 31.68
C LEU B 374 -13.78 -1.65 31.14
N GLU B 375 -14.83 -2.40 31.49
CA GLU B 375 -16.18 -2.00 31.09
C GLU B 375 -16.53 -0.63 31.64
N ALA B 376 -16.08 -0.31 32.86
CA ALA B 376 -16.34 1.01 33.43
C ALA B 376 -15.61 2.10 32.65
N LEU B 377 -14.39 1.80 32.18
CA LEU B 377 -13.68 2.75 31.35
C LEU B 377 -14.21 2.81 29.91
N GLY B 378 -15.07 1.87 29.52
CA GLY B 378 -15.67 1.95 28.20
C GLY B 378 -16.57 3.15 28.00
N ALA B 379 -16.97 3.82 29.07
CA ALA B 379 -17.90 4.94 28.95
C ALA B 379 -17.28 6.11 28.18
N SER B 380 -16.10 6.55 28.59
CA SER B 380 -15.42 7.63 27.89
C SER B 380 -14.86 7.19 26.55
N GLY B 381 -14.99 5.92 26.18
CA GLY B 381 -14.52 5.45 24.89
C GLY B 381 -15.25 6.10 23.74
N PHE B 382 -14.75 5.83 22.54
CA PHE B 382 -15.30 6.46 21.34
C PHE B 382 -16.76 6.05 21.14
N VAL B 383 -17.57 7.03 20.75
CA VAL B 383 -18.98 6.81 20.46
C VAL B 383 -19.12 6.50 18.98
N THR B 384 -19.85 5.43 18.66
CA THR B 384 -19.97 5.02 17.27
C THR B 384 -20.73 6.05 16.45
N PHE B 385 -20.60 5.94 15.12
CA PHE B 385 -21.19 6.92 14.21
C PHE B 385 -22.70 7.02 14.41
N GLU B 386 -23.38 5.88 14.46
CA GLU B 386 -24.83 5.88 14.61
C GLU B 386 -25.24 6.54 15.92
N GLU B 387 -24.51 6.25 17.00
CA GLU B 387 -24.84 6.86 18.30
C GLU B 387 -24.60 8.36 18.28
N ALA B 388 -23.53 8.81 17.61
CA ALA B 388 -23.28 10.24 17.50
C ALA B 388 -24.38 10.93 16.71
N ARG B 389 -24.85 10.31 15.64
CA ARG B 389 -25.96 10.88 14.87
C ARG B 389 -27.25 10.90 15.69
N GLU B 390 -27.51 9.83 16.44
CA GLU B 390 -28.73 9.77 17.25
C GLU B 390 -28.71 10.80 18.37
N ALA B 391 -27.55 11.00 19.01
CA ALA B 391 -27.47 11.98 20.08
C ALA B 391 -27.53 13.41 19.52
N ALA B 392 -26.87 13.65 18.39
CA ALA B 392 -26.94 14.96 17.75
C ALA B 392 -28.37 15.30 17.34
N ARG B 393 -29.09 14.32 16.79
CA ARG B 393 -30.49 14.56 16.43
C ARG B 393 -31.35 14.73 17.67
N GLU B 394 -31.05 13.99 18.74
CA GLU B 394 -31.81 14.08 19.97
C GLU B 394 -31.47 15.33 20.78
N GLY B 395 -30.45 16.08 20.39
CA GLY B 395 -30.13 17.35 21.01
C GLY B 395 -30.66 18.56 20.28
N GLY B 396 -31.39 18.36 19.19
CA GLY B 396 -31.90 19.45 18.37
C GLY B 396 -31.01 19.86 17.22
N HIS B 397 -29.96 19.10 16.93
CA HIS B 397 -29.00 19.45 15.89
C HIS B 397 -29.19 18.55 14.69
N PRO B 398 -29.67 19.06 13.56
CA PRO B 398 -29.84 18.21 12.38
C PRO B 398 -28.51 17.65 11.88
N TRP B 399 -28.57 16.45 11.33
CA TRP B 399 -27.39 15.73 10.84
C TRP B 399 -27.42 15.78 9.31
N TRP B 400 -26.75 16.76 8.74
CA TRP B 400 -26.71 16.95 7.30
C TRP B 400 -25.35 16.52 6.76
N THR B 401 -25.34 16.11 5.49
CA THR B 401 -24.17 15.51 4.87
C THR B 401 -23.82 16.23 3.58
N LEU B 402 -22.53 16.20 3.24
CA LEU B 402 -22.04 16.70 1.97
C LEU B 402 -21.01 15.70 1.44
N SER B 403 -21.38 14.93 0.43
CA SER B 403 -20.52 13.94 -0.17
C SER B 403 -20.05 14.41 -1.54
N GLN B 404 -18.99 13.75 -2.04
CA GLN B 404 -18.49 13.97 -3.38
C GLN B 404 -19.07 13.02 -4.41
N LEU B 405 -19.27 11.76 -4.04
CA LEU B 405 -19.90 10.81 -4.93
C LEU B 405 -21.35 11.23 -5.20
N SER B 406 -21.78 11.05 -6.45
CA SER B 406 -23.10 11.50 -6.85
C SER B 406 -24.18 10.53 -6.35
N ASP B 407 -25.40 11.05 -6.23
CA ASP B 407 -26.54 10.27 -5.80
C ASP B 407 -27.79 10.82 -6.46
N GLU B 408 -28.64 9.91 -6.94
CA GLU B 408 -29.88 10.34 -7.59
C GLU B 408 -30.79 11.07 -6.60
N SER B 409 -30.86 10.57 -5.36
CA SER B 409 -31.66 11.22 -4.33
C SER B 409 -30.76 12.15 -3.50
N ALA B 410 -30.31 13.22 -4.17
CA ALA B 410 -29.45 14.21 -3.54
C ALA B 410 -29.64 15.54 -4.24
N VAL B 411 -29.34 16.61 -3.50
CA VAL B 411 -29.46 17.98 -4.06
C VAL B 411 -28.11 18.29 -4.67
N GLU B 412 -27.93 17.87 -5.91
CA GLU B 412 -26.67 18.08 -6.63
C GLU B 412 -26.51 19.56 -6.92
N LEU B 413 -25.59 20.21 -6.21
CA LEU B 413 -25.34 21.63 -6.40
C LEU B 413 -24.78 21.91 -7.77
N ASP B 414 -25.17 23.05 -8.35
CA ASP B 414 -24.60 23.51 -9.62
C ASP B 414 -23.26 24.19 -9.33
N ILE B 415 -22.31 23.37 -8.92
CA ILE B 415 -20.97 23.82 -8.56
C ILE B 415 -19.97 22.78 -9.07
N ARG B 416 -18.93 23.24 -9.74
CA ARG B 416 -17.89 22.36 -10.27
C ARG B 416 -16.52 22.91 -9.92
N SER B 417 -15.54 22.02 -9.84
CA SER B 417 -14.19 22.41 -9.47
C SER B 417 -13.53 23.23 -10.57
N ALA B 418 -12.60 24.09 -10.17
CA ALA B 418 -11.86 24.87 -11.14
C ALA B 418 -10.90 23.96 -11.91
N PRO B 419 -10.59 24.31 -13.17
CA PRO B 419 -9.67 23.48 -13.96
C PRO B 419 -8.24 23.65 -13.49
N SER B 420 -7.65 22.55 -13.02
CA SER B 420 -6.25 22.54 -12.59
C SER B 420 -5.37 22.22 -13.80
N ALA B 421 -4.43 23.10 -14.08
CA ALA B 421 -3.49 22.92 -15.20
C ALA B 421 -2.21 22.24 -14.75
N ARG B 422 -2.31 21.29 -13.82
CA ARG B 422 -1.13 20.64 -13.27
C ARG B 422 -0.39 19.85 -14.34
N GLY B 423 0.91 20.13 -14.46
CA GLY B 423 1.73 19.41 -15.41
C GLY B 423 1.46 19.74 -16.86
N SER B 424 1.06 20.98 -17.16
CA SER B 424 0.77 21.36 -18.54
C SER B 424 0.76 22.89 -18.62
N GLN B 425 1.77 23.45 -19.29
CA GLN B 425 1.77 24.89 -19.56
C GLN B 425 0.81 25.27 -20.68
N HIS B 426 0.49 24.33 -21.57
CA HIS B 426 -0.55 24.57 -22.55
C HIS B 426 -1.92 24.65 -21.88
N ASN B 427 -2.16 23.79 -20.89
CA ASN B 427 -3.37 23.91 -20.09
C ASN B 427 -3.33 25.15 -19.21
N LEU B 428 -2.14 25.62 -18.83
CA LEU B 428 -2.03 26.84 -18.05
C LEU B 428 -2.42 28.06 -18.88
N GLU B 429 -1.82 28.20 -20.06
CA GLU B 429 -2.26 29.22 -21.00
C GLU B 429 -3.73 29.05 -21.35
N GLU B 430 -4.23 27.81 -21.33
CA GLU B 430 -5.66 27.58 -21.52
C GLU B 430 -6.48 28.03 -20.34
N ILE B 431 -5.89 28.13 -19.15
CA ILE B 431 -6.60 28.67 -18.01
C ILE B 431 -6.63 30.19 -18.08
N PHE B 432 -5.49 30.81 -18.39
CA PHE B 432 -5.46 32.25 -18.61
C PHE B 432 -6.42 32.65 -19.71
N ALA B 433 -6.49 31.85 -20.78
CA ALA B 433 -7.39 32.15 -21.88
C ALA B 433 -8.83 31.81 -21.52
N MET B 434 -9.04 30.86 -20.63
CA MET B 434 -10.38 30.60 -20.11
C MET B 434 -10.90 31.82 -19.36
N LEU B 435 -10.06 32.40 -18.51
CA LEU B 435 -10.42 33.66 -17.85
C LEU B 435 -10.57 34.79 -18.87
N ARG B 436 -9.78 34.76 -19.95
CA ARG B 436 -9.89 35.80 -20.98
C ARG B 436 -11.26 35.76 -21.66
N ALA B 437 -11.65 34.58 -22.15
CA ALA B 437 -12.96 34.46 -22.77
C ALA B 437 -14.09 34.71 -21.76
N HIS B 438 -13.87 34.36 -20.50
CA HIS B 438 -14.90 34.59 -19.49
C HIS B 438 -15.12 36.07 -19.23
N VAL B 439 -14.04 36.85 -19.15
CA VAL B 439 -14.18 38.28 -18.90
C VAL B 439 -14.55 39.06 -20.15
N ALA B 440 -14.25 38.51 -21.34
CA ALA B 440 -14.73 39.14 -22.57
C ALA B 440 -16.25 39.00 -22.70
N THR B 441 -16.81 37.91 -22.18
CA THR B 441 -18.25 37.74 -22.13
C THR B 441 -18.91 38.63 -21.08
N GLY B 442 -18.13 39.19 -20.16
CA GLY B 442 -18.69 39.94 -19.05
C GLY B 442 -18.86 39.14 -17.78
N GLY B 443 -18.16 38.00 -17.65
CA GLY B 443 -18.32 37.16 -16.49
C GLY B 443 -17.39 37.51 -15.35
N TYR B 444 -17.77 37.10 -14.15
CA TYR B 444 -16.99 37.36 -12.95
C TYR B 444 -15.85 36.37 -12.86
N ALA B 445 -14.62 36.87 -12.84
CA ALA B 445 -13.43 36.06 -12.66
C ALA B 445 -12.63 36.58 -11.48
N ALA B 446 -11.98 35.66 -10.76
CA ALA B 446 -11.22 36.04 -9.58
C ALA B 446 -10.11 35.02 -9.35
N VAL B 447 -8.94 35.52 -8.94
CA VAL B 447 -7.79 34.69 -8.62
C VAL B 447 -7.43 34.93 -7.16
N VAL B 448 -7.51 33.88 -6.35
CA VAL B 448 -7.20 33.96 -4.93
C VAL B 448 -5.79 33.42 -4.74
N THR B 449 -4.92 34.24 -4.15
CA THR B 449 -3.52 33.88 -3.91
C THR B 449 -3.20 34.04 -2.44
N PRO B 450 -2.87 32.96 -1.72
CA PRO B 450 -2.47 33.12 -0.31
C PRO B 450 -1.17 33.88 -0.14
N GLY B 451 -0.30 33.92 -1.15
CA GLY B 451 0.97 34.59 -1.01
C GLY B 451 0.82 36.10 -0.99
N ILE B 452 1.55 36.74 -0.08
CA ILE B 452 1.57 38.19 0.02
C ILE B 452 2.45 38.74 -1.09
N GLY B 453 1.86 39.47 -2.03
CA GLY B 453 2.58 40.03 -3.14
C GLY B 453 2.73 39.10 -4.33
N THR B 454 2.33 37.83 -4.21
CA THR B 454 2.34 36.93 -5.36
C THR B 454 1.25 37.28 -6.36
N ALA B 455 0.23 38.03 -5.93
CA ALA B 455 -0.84 38.41 -6.84
C ALA B 455 -0.38 39.39 -7.90
N HIS B 456 0.68 40.16 -7.61
CA HIS B 456 1.14 41.17 -8.56
C HIS B 456 1.75 40.54 -9.80
N ARG B 457 2.49 39.45 -9.64
CA ARG B 457 3.04 38.75 -10.80
C ARG B 457 1.93 38.21 -11.68
N VAL B 458 0.90 37.63 -11.06
CA VAL B 458 -0.26 37.16 -11.82
C VAL B 458 -0.92 38.32 -12.53
N VAL B 459 -0.96 39.50 -11.89
CA VAL B 459 -1.54 40.68 -12.53
C VAL B 459 -0.75 41.06 -13.77
N GLU B 460 0.58 41.11 -13.64
CA GLU B 460 1.42 41.44 -14.78
C GLU B 460 1.22 40.44 -15.92
N GLN B 461 1.14 39.15 -15.60
CA GLN B 461 0.90 38.16 -16.64
C GLN B 461 -0.50 38.28 -17.23
N LEU B 462 -1.46 38.83 -16.47
CA LEU B 462 -2.81 39.01 -16.99
C LEU B 462 -2.86 40.18 -17.98
N GLY B 463 -2.36 41.35 -17.56
CA GLY B 463 -2.22 42.44 -18.51
C GLY B 463 -1.31 42.11 -19.68
N GLU B 464 -0.45 41.09 -19.51
CA GLU B 464 0.44 40.66 -20.59
C GLU B 464 -0.26 39.71 -21.55
N ALA B 465 -1.22 38.92 -21.06
CA ALA B 465 -1.86 37.89 -21.88
C ALA B 465 -3.32 38.20 -22.17
N ASP B 466 -3.60 39.41 -22.66
CA ASP B 466 -4.92 39.78 -23.18
C ASP B 466 -6.00 39.66 -22.09
N THR B 467 -5.68 40.14 -20.89
CA THR B 467 -6.62 40.13 -19.79
C THR B 467 -6.40 41.38 -18.93
N ALA B 468 -7.38 41.65 -18.07
CA ALA B 468 -7.33 42.81 -17.18
C ALA B 468 -7.34 42.31 -15.74
N ALA B 469 -6.35 42.73 -14.96
CA ALA B 469 -6.19 42.30 -13.58
C ALA B 469 -6.17 43.51 -12.67
N THR B 470 -6.92 43.43 -11.57
CA THR B 470 -6.94 44.47 -10.56
C THR B 470 -6.74 43.84 -9.19
N ILE B 471 -5.75 44.32 -8.45
CA ILE B 471 -5.58 43.90 -7.07
C ILE B 471 -6.79 44.37 -6.28
N LEU B 472 -7.81 43.51 -6.19
CA LEU B 472 -8.99 43.86 -5.42
C LEU B 472 -8.63 44.07 -3.96
N GLU B 473 -9.16 45.13 -3.37
CA GLU B 473 -8.96 45.38 -1.96
C GLU B 473 -9.57 44.25 -1.15
N PRO B 474 -8.95 43.87 -0.03
CA PRO B 474 -9.46 42.73 0.76
C PRO B 474 -10.89 42.97 1.20
N GLY B 475 -11.68 41.90 1.15
CA GLY B 475 -13.09 41.98 1.50
C GLY B 475 -13.98 42.51 0.40
N THR B 476 -13.58 42.40 -0.85
CA THR B 476 -14.35 42.89 -1.98
C THR B 476 -14.48 41.83 -3.06
N ALA B 477 -15.60 41.88 -3.80
CA ALA B 477 -15.97 41.02 -4.90
C ALA B 477 -15.50 41.60 -6.23
N PRO B 478 -15.22 40.76 -7.22
CA PRO B 478 -14.74 41.27 -8.51
C PRO B 478 -15.85 41.88 -9.34
N LYS B 479 -15.47 42.85 -10.16
CA LYS B 479 -16.38 43.48 -11.10
C LYS B 479 -16.30 42.79 -12.46
N ALA B 480 -17.38 42.87 -13.22
CA ALA B 480 -17.44 42.20 -14.51
C ALA B 480 -16.49 42.85 -15.51
N GLY B 481 -15.91 42.01 -16.38
CA GLY B 481 -15.04 42.46 -17.43
C GLY B 481 -13.56 42.33 -17.12
N VAL B 482 -13.18 42.45 -15.84
CA VAL B 482 -11.78 42.38 -15.42
C VAL B 482 -11.63 41.22 -14.45
N VAL B 483 -10.48 40.56 -14.50
CA VAL B 483 -10.15 39.52 -13.54
C VAL B 483 -9.71 40.18 -12.24
N GLY B 484 -10.28 39.75 -11.13
CA GLY B 484 -9.94 40.33 -9.85
C GLY B 484 -9.01 39.47 -9.03
N VAL B 485 -7.71 39.78 -9.06
CA VAL B 485 -6.73 39.01 -8.31
C VAL B 485 -6.75 39.48 -6.85
N LEU B 486 -6.88 38.52 -5.94
CA LEU B 486 -7.10 38.80 -4.53
C LEU B 486 -6.16 37.97 -3.67
N LYS B 487 -5.83 38.50 -2.50
CA LYS B 487 -5.06 37.77 -1.49
C LYS B 487 -6.02 37.18 -0.47
N GLY B 488 -5.86 35.89 -0.19
CA GLY B 488 -6.70 35.20 0.77
C GLY B 488 -6.41 33.72 0.83
N PRO B 489 -7.02 33.02 1.78
CA PRO B 489 -6.77 31.59 1.93
C PRO B 489 -7.79 30.73 1.17
N LEU B 490 -7.34 30.10 0.08
CA LEU B 490 -8.18 29.20 -0.68
C LEU B 490 -7.30 28.12 -1.30
N CYS B 491 -7.71 26.86 -1.12
CA CYS B 491 -6.92 25.75 -1.64
C CYS B 491 -7.22 25.50 -3.12
N SER B 492 -8.45 25.10 -3.42
CA SER B 492 -8.87 24.80 -4.79
C SER B 492 -9.99 25.74 -5.22
N GLY B 493 -9.96 26.13 -6.49
CA GLY B 493 -10.96 27.05 -7.02
C GLY B 493 -12.28 26.39 -7.30
N VAL B 494 -13.26 27.23 -7.67
CA VAL B 494 -14.64 26.79 -7.89
C VAL B 494 -15.19 27.52 -9.10
N VAL B 495 -15.96 26.80 -9.92
CA VAL B 495 -16.63 27.38 -11.08
C VAL B 495 -18.13 27.27 -10.86
N LEU B 496 -18.80 28.42 -10.77
CA LEU B 496 -20.26 28.48 -10.62
C LEU B 496 -20.86 29.17 -11.83
N PRO B 497 -21.44 28.42 -12.78
CA PRO B 497 -22.13 29.08 -13.90
C PRO B 497 -23.45 29.73 -13.50
N GLY B 498 -24.07 29.29 -12.41
CA GLY B 498 -25.31 29.91 -11.97
C GLY B 498 -25.11 31.34 -11.47
N ALA B 499 -23.95 31.62 -10.90
CA ALA B 499 -23.58 32.96 -10.46
C ALA B 499 -22.62 33.65 -11.41
N ASN B 500 -22.31 33.02 -12.55
CA ASN B 500 -21.39 33.57 -13.54
C ASN B 500 -20.01 33.85 -12.93
N LEU B 501 -19.61 33.06 -11.95
CA LEU B 501 -18.38 33.28 -11.21
C LEU B 501 -17.39 32.17 -11.49
N VAL B 502 -16.11 32.54 -11.59
CA VAL B 502 -15.02 31.60 -11.83
C VAL B 502 -13.86 32.00 -10.91
N ILE B 503 -13.54 31.14 -9.96
CA ILE B 503 -12.53 31.42 -8.94
C ILE B 503 -11.39 30.42 -9.13
N ILE B 504 -10.18 30.93 -9.38
CA ILE B 504 -8.99 30.11 -9.57
C ILE B 504 -8.01 30.42 -8.44
N THR B 505 -7.44 29.37 -7.85
CA THR B 505 -6.36 29.49 -6.89
C THR B 505 -5.03 29.23 -7.58
N GLU B 506 -3.96 29.80 -7.04
CA GLU B 506 -2.63 29.55 -7.60
C GLU B 506 -2.21 28.11 -7.42
N THR B 507 -2.84 27.37 -6.50
CA THR B 507 -2.64 25.93 -6.42
C THR B 507 -3.07 25.26 -7.72
N ASP B 508 -4.19 25.70 -8.29
CA ASP B 508 -4.61 25.18 -9.59
C ASP B 508 -3.66 25.57 -10.71
N LEU B 509 -2.90 26.66 -10.54
CA LEU B 509 -2.01 27.12 -11.58
C LEU B 509 -0.66 26.41 -11.53
N THR B 510 -0.16 26.12 -10.33
CA THR B 510 1.16 25.52 -10.17
C THR B 510 1.15 24.17 -9.48
N GLY B 511 -0.02 23.67 -9.05
CA GLY B 511 -0.07 22.36 -8.44
C GLY B 511 0.62 22.30 -7.09
N ASN B 512 0.54 23.36 -6.30
CA ASN B 512 1.23 23.45 -5.03
C ASN B 512 0.26 23.89 -3.94
N ARG B 513 0.22 23.14 -2.85
CA ARG B 513 -0.60 23.49 -1.69
C ARG B 513 0.25 24.29 -0.72
N VAL B 514 -0.16 25.53 -0.44
CA VAL B 514 0.62 26.45 0.37
C VAL B 514 -0.17 26.91 1.59
N THR B 515 -0.48 25.98 2.48
CA THR B 515 -1.24 26.29 3.68
C THR B 515 -0.38 27.02 4.71
N LYS B 525 8.92 32.02 17.29
CA LYS B 525 9.52 32.31 18.58
C LYS B 525 10.91 31.69 18.69
N ARG B 526 11.84 32.40 19.32
CA ARG B 526 13.19 31.93 19.48
C ARG B 526 13.24 30.79 20.50
N ARG B 527 14.44 30.26 20.76
CA ARG B 527 14.59 29.10 21.61
C ARG B 527 15.72 29.25 22.62
N ASN B 528 16.92 29.56 22.14
CA ASN B 528 18.11 29.61 22.99
C ASN B 528 18.39 31.05 23.40
N VAL B 529 18.80 31.22 24.66
CA VAL B 529 19.08 32.54 25.22
C VAL B 529 20.25 33.21 24.48
N PRO B 532 23.12 28.46 31.16
CA PRO B 532 24.01 28.99 32.21
C PRO B 532 24.88 27.89 32.83
N LEU B 533 24.79 27.73 34.15
CA LEU B 533 25.51 26.68 34.88
C LEU B 533 24.59 26.14 35.96
N ALA B 534 23.82 25.11 35.60
CA ALA B 534 22.94 24.44 36.54
C ALA B 534 23.70 23.30 37.19
N LEU B 535 23.90 23.40 38.51
CA LEU B 535 24.75 22.46 39.24
C LEU B 535 23.91 21.73 40.29
N THR B 536 23.98 20.41 40.29
CA THR B 536 23.42 19.58 41.34
C THR B 536 24.53 19.02 42.21
N ALA B 537 24.24 18.85 43.49
CA ALA B 537 25.23 18.39 44.45
C ALA B 537 25.82 17.04 44.04
N GLY B 538 27.02 17.07 43.45
CA GLY B 538 27.67 15.85 43.01
C GLY B 538 28.28 15.97 41.63
N ASP B 539 27.89 17.01 40.89
CA ASP B 539 28.40 17.21 39.54
C ASP B 539 29.87 17.62 39.59
N LEU B 540 30.48 17.68 38.40
CA LEU B 540 31.87 18.05 38.24
C LEU B 540 31.97 19.36 37.48
N VAL B 541 32.79 20.28 37.99
CA VAL B 541 32.99 21.59 37.39
C VAL B 541 34.48 21.82 37.20
N VAL B 542 34.80 22.85 36.42
CA VAL B 542 36.17 23.18 36.04
C VAL B 542 36.47 24.60 36.48
N HIS B 543 37.57 24.76 37.21
CA HIS B 543 38.09 26.06 37.63
C HIS B 543 39.33 26.38 36.81
N ASP B 544 39.41 27.62 36.32
CA ASP B 544 40.52 27.99 35.44
C ASP B 544 41.85 28.02 36.18
N GLN B 545 41.81 28.24 37.50
CA GLN B 545 43.03 28.38 38.29
C GLN B 545 43.39 27.12 39.07
N HIS B 546 42.50 26.15 39.16
CA HIS B 546 42.75 24.97 39.96
C HIS B 546 42.50 23.67 39.20
N GLY B 547 41.41 23.59 38.43
CA GLY B 547 41.09 22.40 37.70
C GLY B 547 39.73 21.83 38.04
N ILE B 548 39.53 20.54 37.78
CA ILE B 548 38.24 19.88 38.00
C ILE B 548 37.90 19.93 39.48
N GLY B 549 36.66 19.60 39.82
CA GLY B 549 36.24 19.59 41.21
C GLY B 549 34.80 19.13 41.32
N LYS B 550 34.46 18.67 42.52
CA LYS B 550 33.12 18.15 42.79
C LYS B 550 32.30 19.21 43.50
N PHE B 551 31.36 19.81 42.77
CA PHE B 551 30.48 20.83 43.35
C PHE B 551 29.75 20.26 44.56
N VAL B 552 29.83 20.97 45.69
CA VAL B 552 29.24 20.45 46.91
C VAL B 552 27.94 21.18 47.22
N GLU B 553 28.02 22.45 47.59
CA GLU B 553 26.85 23.20 48.03
C GLU B 553 27.10 24.68 47.83
N MET B 554 26.02 25.46 47.94
CA MET B 554 26.07 26.91 47.97
C MET B 554 25.78 27.36 49.39
N THR B 555 26.72 28.09 50.00
CA THR B 555 26.58 28.53 51.37
C THR B 555 26.70 30.05 51.45
N GLU B 556 26.27 30.59 52.59
CA GLU B 556 26.32 32.02 52.85
C GLU B 556 26.98 32.26 54.20
N ARG B 557 27.98 33.13 54.22
CA ARG B 557 28.70 33.48 55.44
C ARG B 557 28.66 34.98 55.62
N VAL B 558 28.38 35.43 56.84
CA VAL B 558 28.29 36.85 57.16
C VAL B 558 29.53 37.24 57.95
N VAL B 559 30.13 38.37 57.59
CA VAL B 559 31.35 38.87 58.21
C VAL B 559 31.14 40.35 58.52
N GLY B 560 30.78 40.65 59.76
CA GLY B 560 30.60 42.03 60.19
C GLY B 560 29.41 42.72 59.54
N GLY B 561 28.24 42.10 59.63
CA GLY B 561 27.06 42.67 59.03
C GLY B 561 27.08 42.73 57.52
N ALA B 562 27.85 41.84 56.88
CA ALA B 562 27.98 41.80 55.42
C ALA B 562 27.78 40.35 54.98
N ARG B 563 26.56 40.03 54.58
CA ARG B 563 26.26 38.69 54.09
C ARG B 563 26.97 38.45 52.76
N ARG B 564 27.65 37.31 52.65
CA ARG B 564 28.42 36.96 51.46
C ARG B 564 28.12 35.51 51.11
N GLU B 565 27.83 35.26 49.84
CA GLU B 565 27.51 33.92 49.35
C GLU B 565 28.72 33.32 48.62
N TYR B 566 28.97 32.04 48.89
CA TYR B 566 30.12 31.35 48.33
C TYR B 566 29.69 30.01 47.75
N LEU B 567 30.43 29.55 46.75
CA LEU B 567 30.21 28.26 46.11
C LEU B 567 31.41 27.37 46.37
N VAL B 568 31.16 26.15 46.85
CA VAL B 568 32.21 25.31 47.41
C VAL B 568 32.40 24.07 46.55
N LEU B 569 33.68 23.70 46.35
CA LEU B 569 34.07 22.60 45.49
C LEU B 569 35.01 21.67 46.26
N GLU B 570 34.63 20.41 46.39
CA GLU B 570 35.50 19.42 46.99
C GLU B 570 36.55 18.97 45.98
N TYR B 571 37.82 19.05 46.39
CA TYR B 571 38.93 18.69 45.53
C TYR B 571 39.64 17.44 46.04
N THR B 580 41.21 16.68 49.36
CA THR B 580 40.36 16.22 50.45
C THR B 580 39.59 17.38 51.07
N ASP B 581 40.10 18.59 50.90
CA ASP B 581 39.49 19.80 51.43
C ASP B 581 38.67 20.49 50.37
N LYS B 582 37.74 21.33 50.82
CA LYS B 582 36.84 22.05 49.93
C LYS B 582 37.45 23.39 49.54
N LEU B 583 36.75 24.11 48.66
CA LEU B 583 37.21 25.42 48.18
C LEU B 583 36.01 26.35 48.17
N TYR B 584 36.16 27.50 48.83
CA TYR B 584 35.12 28.53 48.92
C TYR B 584 35.44 29.60 47.90
N VAL B 585 34.77 29.55 46.75
CA VAL B 585 34.95 30.59 45.74
C VAL B 585 33.86 31.64 45.93
N PRO B 586 34.15 32.91 45.73
CA PRO B 586 33.12 33.95 45.89
C PRO B 586 32.26 34.07 44.64
N MET B 587 31.43 35.11 44.60
CA MET B 587 30.52 35.31 43.47
C MET B 587 31.09 36.21 42.39
N ASP B 588 32.11 37.02 42.70
CA ASP B 588 32.75 37.85 41.69
C ASP B 588 33.69 37.06 40.79
N SER B 589 33.94 35.79 41.09
CA SER B 589 34.83 34.95 40.30
C SER B 589 34.08 33.76 39.70
N LEU B 590 32.77 33.92 39.47
CA LEU B 590 31.99 32.84 38.88
C LEU B 590 32.34 32.61 37.41
N ASP B 591 32.95 33.59 36.75
CA ASP B 591 33.40 33.41 35.37
C ASP B 591 34.56 32.44 35.27
N GLN B 592 35.17 32.06 36.39
CA GLN B 592 36.26 31.08 36.41
C GLN B 592 35.77 29.64 36.38
N LEU B 593 34.48 29.41 36.50
CA LEU B 593 33.91 28.07 36.59
C LEU B 593 33.21 27.70 35.29
N SER B 594 33.17 26.39 35.02
CA SER B 594 32.49 25.85 33.84
C SER B 594 32.31 24.35 33.97
N ARG B 595 31.07 23.86 33.91
CA ARG B 595 30.80 22.45 34.12
C ARG B 595 31.60 21.59 33.14
N TYR B 596 32.20 20.51 33.68
CA TYR B 596 33.08 19.65 32.91
C TYR B 596 32.25 18.62 32.12
N VAL B 597 32.56 18.48 30.83
CA VAL B 597 31.82 17.57 29.95
C VAL B 597 32.72 16.39 29.55
N PRO B 602 36.34 12.33 33.94
CA PRO B 602 36.13 11.75 35.26
C PRO B 602 37.38 11.76 36.11
N SER B 603 38.23 12.77 35.91
CA SER B 603 39.52 12.82 36.57
C SER B 603 39.38 13.35 38.00
N LEU B 604 40.44 13.15 38.78
CA LEU B 604 40.52 13.70 40.12
C LEU B 604 41.23 15.05 40.09
N SER B 605 40.89 15.89 41.06
CA SER B 605 41.42 17.24 41.11
C SER B 605 42.79 17.28 41.79
N ARG B 606 43.68 18.13 41.26
CA ARG B 606 45.05 18.19 41.74
C ARG B 606 45.22 19.05 42.99
N LEU B 607 44.17 19.73 43.44
CA LEU B 607 44.19 20.56 44.66
C LEU B 607 45.26 21.63 44.48
N GLY B 608 46.21 21.78 45.41
CA GLY B 608 47.21 22.81 45.35
C GLY B 608 48.45 22.49 44.56
N GLY B 609 48.50 21.35 43.88
CA GLY B 609 49.67 21.00 43.10
C GLY B 609 49.80 21.84 41.84
N SER B 610 51.01 21.81 41.28
CA SER B 610 51.31 22.54 40.06
C SER B 610 51.15 21.69 38.80
N ASP B 611 50.45 20.56 38.90
CA ASP B 611 50.25 19.68 37.76
C ASP B 611 49.15 20.18 36.83
N TRP B 612 48.11 20.81 37.38
CA TRP B 612 47.00 21.29 36.57
C TRP B 612 47.46 22.33 35.55
N ALA B 613 48.42 23.18 35.93
CA ALA B 613 48.96 24.15 35.00
C ALA B 613 49.72 23.44 33.87
N ASN B 614 50.44 22.37 34.20
CA ASN B 614 51.14 21.60 33.18
C ASN B 614 50.14 20.94 32.22
N THR B 615 48.98 20.52 32.73
CA THR B 615 47.94 20.02 31.85
C THR B 615 47.39 21.14 30.96
N LYS B 616 47.21 22.34 31.53
CA LYS B 616 46.74 23.48 30.76
C LYS B 616 47.67 23.77 29.59
N THR B 617 48.94 24.06 29.87
CA THR B 617 49.89 24.37 28.80
C THR B 617 50.08 23.18 27.87
N LYS B 618 49.98 21.96 28.39
CA LYS B 618 50.06 20.77 27.54
C LYS B 618 48.96 20.77 26.50
N ALA B 619 47.73 21.14 26.89
CA ALA B 619 46.66 21.31 25.92
C ALA B 619 46.86 22.55 25.06
N ARG B 620 47.60 23.55 25.56
CA ARG B 620 47.80 24.78 24.81
C ARG B 620 48.79 24.58 23.67
N ARG B 621 49.74 23.66 23.81
CA ARG B 621 50.65 23.37 22.71
C ARG B 621 49.91 22.73 21.53
N ALA B 622 48.87 21.95 21.81
CA ALA B 622 48.11 21.28 20.76
C ALA B 622 46.92 22.10 20.27
N VAL B 623 46.46 23.08 21.05
CA VAL B 623 45.28 23.84 20.64
C VAL B 623 45.57 24.81 19.51
N ARG B 624 46.83 25.18 19.31
CA ARG B 624 47.19 26.15 18.29
C ARG B 624 47.32 25.55 16.90
N GLU B 625 47.32 24.23 16.78
CA GLU B 625 47.47 23.58 15.48
C GLU B 625 46.25 23.81 14.61
N ILE B 626 45.07 23.45 15.12
CA ILE B 626 43.83 23.62 14.34
C ILE B 626 43.60 25.09 14.04
N ALA B 627 43.86 25.96 15.02
CA ALA B 627 43.71 27.40 14.78
C ALA B 627 44.66 27.89 13.71
N SER B 628 45.89 27.36 13.68
CA SER B 628 46.83 27.71 12.63
C SER B 628 46.30 27.30 11.27
N GLU B 629 45.76 26.09 11.16
CA GLU B 629 45.19 25.64 9.90
C GLU B 629 44.03 26.54 9.48
N LEU B 630 43.19 26.94 10.44
CA LEU B 630 42.01 27.75 10.12
C LEU B 630 42.41 29.14 9.62
N VAL B 631 43.27 29.83 10.38
CA VAL B 631 43.68 31.17 9.98
C VAL B 631 44.49 31.12 8.68
N ALA B 632 45.20 30.02 8.43
CA ALA B 632 45.85 29.85 7.14
C ALA B 632 44.81 29.74 6.03
N LEU B 633 43.72 29.01 6.30
CA LEU B 633 42.63 28.93 5.33
C LEU B 633 42.04 30.32 5.06
N TYR B 634 41.94 31.16 6.09
CA TYR B 634 41.47 32.52 5.86
C TYR B 634 42.47 33.31 5.04
N ALA B 635 43.77 33.09 5.26
CA ALA B 635 44.78 33.79 4.49
C ALA B 635 44.68 33.44 3.00
N LYS B 636 44.57 32.15 2.70
CA LYS B 636 44.39 31.75 1.30
C LYS B 636 43.05 32.21 0.75
N ARG B 637 42.03 32.34 1.60
CA ARG B 637 40.72 32.79 1.14
C ARG B 637 40.74 34.27 0.76
N GLN B 638 41.38 35.10 1.59
CA GLN B 638 41.47 36.52 1.28
C GLN B 638 42.42 36.78 0.12
N SER B 639 43.55 36.06 0.09
CA SER B 639 44.53 36.28 -0.96
C SER B 639 43.99 35.89 -2.33
N ALA B 640 43.36 34.71 -2.42
CA ALA B 640 42.86 34.24 -3.70
C ALA B 640 41.64 35.04 -4.12
N PRO B 641 41.56 35.47 -5.39
CA PRO B 641 40.39 36.23 -5.84
C PRO B 641 39.31 35.32 -6.41
N GLY B 642 38.07 35.52 -5.94
CA GLY B 642 36.95 34.79 -6.47
C GLY B 642 35.94 35.73 -7.11
N HIS B 643 35.53 35.43 -8.35
CA HIS B 643 34.59 36.28 -9.08
C HIS B 643 33.28 36.41 -8.33
N ALA B 644 33.00 37.59 -7.80
CA ALA B 644 31.79 37.82 -7.05
C ALA B 644 30.57 37.72 -7.96
N PHE B 645 29.43 37.39 -7.35
CA PHE B 645 28.18 37.22 -8.08
C PHE B 645 27.40 38.53 -8.10
N GLY B 646 26.62 38.71 -9.17
CA GLY B 646 25.86 39.92 -9.35
C GLY B 646 24.55 39.92 -8.58
N PRO B 647 23.66 40.87 -8.89
CA PRO B 647 22.38 40.95 -8.17
C PRO B 647 21.43 39.83 -8.54
N ASP B 648 20.15 40.00 -8.21
CA ASP B 648 19.15 38.96 -8.40
C ASP B 648 18.33 39.22 -9.67
N THR B 649 18.06 38.16 -10.40
CA THR B 649 17.30 38.21 -11.63
C THR B 649 15.81 38.03 -11.34
N PRO B 650 14.93 38.34 -12.32
CA PRO B 650 13.49 38.13 -12.07
C PRO B 650 13.13 36.67 -11.84
N TRP B 651 13.80 35.74 -12.53
CA TRP B 651 13.57 34.32 -12.27
C TRP B 651 13.85 33.96 -10.82
N GLN B 652 14.79 34.67 -10.19
CA GLN B 652 15.03 34.46 -8.76
C GLN B 652 13.81 34.87 -7.95
N ALA B 653 13.17 35.99 -8.31
CA ALA B 653 11.97 36.43 -7.58
C ALA B 653 10.83 35.45 -7.77
N GLU B 654 10.54 35.08 -9.02
CA GLU B 654 9.47 34.11 -9.27
C GLU B 654 9.76 32.78 -8.60
N MET B 655 11.04 32.42 -8.45
CA MET B 655 11.41 31.21 -7.73
C MET B 655 11.14 31.36 -6.23
N GLU B 656 11.43 32.55 -5.68
CA GLU B 656 11.19 32.78 -4.26
C GLU B 656 9.70 32.74 -3.93
N ASP B 657 8.86 33.28 -4.83
CA ASP B 657 7.43 33.32 -4.57
C ASP B 657 6.81 31.93 -4.60
N ALA B 658 7.39 31.01 -5.37
CA ALA B 658 6.81 29.68 -5.54
C ALA B 658 7.02 28.77 -4.33
N PHE B 659 7.86 29.16 -3.38
CA PHE B 659 8.02 28.40 -2.15
C PHE B 659 6.67 28.24 -1.45
N GLY B 660 6.28 26.99 -1.19
CA GLY B 660 4.96 26.76 -0.63
C GLY B 660 4.79 27.38 0.74
N PHE B 661 5.80 27.29 1.58
CA PHE B 661 5.66 27.72 2.96
C PHE B 661 5.89 29.23 3.08
N THR B 662 5.66 29.74 4.29
CA THR B 662 5.93 31.13 4.61
C THR B 662 7.22 31.20 5.43
N GLU B 663 8.12 32.11 5.06
CA GLU B 663 9.47 32.11 5.59
C GLU B 663 9.49 32.73 6.98
N THR B 664 10.36 32.19 7.83
CA THR B 664 10.57 32.74 9.15
C THR B 664 11.69 33.78 9.11
N ILE B 665 11.84 34.51 10.23
CA ILE B 665 12.71 35.69 10.25
C ILE B 665 14.18 35.28 10.12
N ASP B 666 14.62 34.30 10.90
CA ASP B 666 16.00 33.86 10.81
C ASP B 666 16.31 33.24 9.46
N GLN B 667 15.31 32.67 8.81
CA GLN B 667 15.51 32.09 7.48
C GLN B 667 15.75 33.16 6.44
N LEU B 668 14.90 34.19 6.42
CA LEU B 668 15.05 35.25 5.43
C LEU B 668 16.30 36.09 5.69
N THR B 669 16.59 36.38 6.97
CA THR B 669 17.82 37.09 7.28
C THR B 669 19.04 36.24 6.94
N ALA B 670 18.95 34.92 7.16
CA ALA B 670 20.05 34.05 6.77
C ALA B 670 20.24 34.03 5.26
N ILE B 671 19.15 34.09 4.50
CA ILE B 671 19.25 34.16 3.04
C ILE B 671 19.90 35.47 2.62
N GLN B 672 19.54 36.58 3.27
CA GLN B 672 20.19 37.85 2.99
C GLN B 672 21.67 37.79 3.31
N GLU B 673 22.04 37.05 4.37
CA GLU B 673 23.45 36.91 4.71
C GLU B 673 24.20 36.11 3.68
N VAL B 674 23.65 34.96 3.26
CA VAL B 674 24.32 34.12 2.27
C VAL B 674 24.47 34.86 0.95
N LYS B 675 23.37 35.46 0.47
CA LYS B 675 23.43 36.27 -0.74
C LYS B 675 24.48 37.36 -0.61
N SER B 676 24.50 38.05 0.53
CA SER B 676 25.48 39.11 0.74
C SER B 676 26.91 38.57 0.66
N ASP B 677 27.16 37.39 1.22
CA ASP B 677 28.50 36.81 1.16
C ASP B 677 28.87 36.36 -0.24
N MET B 678 27.88 36.00 -1.06
CA MET B 678 28.19 35.67 -2.45
C MET B 678 28.47 36.92 -3.27
N GLU B 679 27.76 38.03 -2.97
CA GLU B 679 28.02 39.28 -3.68
C GLU B 679 29.36 39.89 -3.27
N LYS B 680 29.82 39.62 -2.06
CA LYS B 680 31.12 40.11 -1.63
C LYS B 680 32.23 39.43 -2.42
N PRO B 681 33.25 40.18 -2.87
CA PRO B 681 34.31 39.56 -3.68
C PRO B 681 35.08 38.48 -2.94
N VAL B 682 35.19 38.58 -1.62
CA VAL B 682 35.87 37.54 -0.84
C VAL B 682 35.06 36.24 -0.93
N PRO B 683 35.70 35.10 -1.20
CA PRO B 683 34.96 33.84 -1.22
C PRO B 683 34.31 33.55 0.12
N MET B 684 33.22 32.79 0.09
CA MET B 684 32.37 32.59 1.25
C MET B 684 32.64 31.25 1.91
N ASP B 685 32.88 31.29 3.22
CA ASP B 685 32.96 30.09 4.06
C ASP B 685 32.02 30.34 5.24
N ARG B 686 30.78 29.91 5.07
CA ARG B 686 29.69 30.17 5.99
C ARG B 686 29.01 28.87 6.35
N VAL B 687 28.68 28.70 7.62
CA VAL B 687 27.97 27.55 8.13
C VAL B 687 26.59 27.99 8.57
N ILE B 688 25.57 27.22 8.20
CA ILE B 688 24.19 27.51 8.54
C ILE B 688 23.75 26.46 9.55
N CYS B 689 23.73 26.83 10.83
CA CYS B 689 23.32 25.93 11.89
C CYS B 689 21.80 26.03 12.11
N GLY B 690 21.25 24.97 12.67
CA GLY B 690 19.83 24.86 12.95
C GLY B 690 19.43 23.39 12.93
N ASP B 691 18.38 23.07 13.68
CA ASP B 691 17.92 21.70 13.83
C ASP B 691 17.32 21.21 12.51
N VAL B 692 16.83 19.97 12.51
CA VAL B 692 16.25 19.40 11.30
C VAL B 692 14.82 19.90 11.15
N GLY B 693 14.39 20.04 9.89
CA GLY B 693 13.09 20.63 9.61
C GLY B 693 13.04 22.08 10.02
N TYR B 694 13.83 22.92 9.37
CA TYR B 694 13.91 24.35 9.68
C TYR B 694 14.09 25.26 8.48
N GLY B 695 14.47 24.75 7.32
CA GLY B 695 14.54 25.56 6.13
C GLY B 695 15.93 25.81 5.57
N LYS B 696 16.96 25.09 6.05
CA LYS B 696 18.29 25.21 5.47
C LYS B 696 18.29 24.85 3.99
N THR B 697 17.75 23.68 3.65
CA THR B 697 17.69 23.23 2.26
C THR B 697 17.07 24.30 1.35
N GLU B 698 16.16 25.12 1.88
CA GLU B 698 15.59 26.21 1.11
C GLU B 698 16.65 27.25 0.76
N ILE B 699 17.43 27.69 1.75
CA ILE B 699 18.53 28.61 1.49
C ILE B 699 19.53 27.99 0.53
N ALA B 700 19.71 26.66 0.62
CA ALA B 700 20.64 25.97 -0.26
C ALA B 700 20.18 26.04 -1.71
N VAL B 701 18.90 25.74 -1.96
CA VAL B 701 18.42 25.74 -3.34
C VAL B 701 18.35 27.16 -3.89
N ARG B 702 18.00 28.14 -3.03
CA ARG B 702 18.01 29.52 -3.47
C ARG B 702 19.42 29.96 -3.88
N ALA B 703 20.41 29.65 -3.05
CA ALA B 703 21.79 29.99 -3.39
C ALA B 703 22.24 29.28 -4.66
N ALA B 704 21.82 28.02 -4.84
CA ALA B 704 22.16 27.30 -6.06
C ALA B 704 21.57 28.00 -7.28
N PHE B 705 20.33 28.47 -7.18
CA PHE B 705 19.71 29.19 -8.29
C PHE B 705 20.46 30.48 -8.59
N LYS B 706 20.76 31.27 -7.56
CA LYS B 706 21.51 32.51 -7.77
C LYS B 706 22.87 32.24 -8.42
N ALA B 707 23.50 31.12 -8.06
CA ALA B 707 24.76 30.78 -8.70
C ALA B 707 24.56 30.33 -10.14
N VAL B 708 23.42 29.70 -10.45
CA VAL B 708 23.10 29.38 -11.83
C VAL B 708 22.92 30.65 -12.65
N GLN B 709 22.43 31.73 -12.02
CA GLN B 709 22.18 32.96 -12.76
C GLN B 709 23.46 33.56 -13.33
N ASP B 710 24.57 33.47 -12.60
CA ASP B 710 25.84 34.01 -13.06
C ASP B 710 26.63 33.03 -13.92
N GLY B 711 25.97 31.98 -14.44
CA GLY B 711 26.62 31.03 -15.31
C GLY B 711 27.53 30.04 -14.63
N LYS B 712 27.50 29.94 -13.31
CA LYS B 712 28.37 29.06 -12.55
C LYS B 712 27.57 27.87 -12.05
N GLN B 713 27.99 26.67 -12.44
CA GLN B 713 27.35 25.46 -11.96
C GLN B 713 27.72 25.19 -10.51
N VAL B 714 26.92 24.36 -9.84
CA VAL B 714 27.12 24.08 -8.42
C VAL B 714 27.13 22.59 -8.16
N ALA B 715 27.85 22.21 -7.11
CA ALA B 715 27.90 20.84 -6.61
C ALA B 715 27.37 20.80 -5.18
N VAL B 716 26.81 19.66 -4.81
CA VAL B 716 26.23 19.43 -3.49
C VAL B 716 26.72 18.07 -3.03
N LEU B 717 27.62 18.06 -2.03
CA LEU B 717 28.28 16.85 -1.56
C LEU B 717 27.56 16.33 -0.33
N VAL B 718 27.28 15.04 -0.31
CA VAL B 718 26.61 14.42 0.84
C VAL B 718 27.39 13.19 1.27
N PRO B 719 27.36 12.81 2.55
CA PRO B 719 28.10 11.62 2.99
C PRO B 719 27.39 10.31 2.69
N THR B 720 26.06 10.31 2.56
CA THR B 720 25.30 9.11 2.26
C THR B 720 24.45 9.34 1.02
N THR B 721 24.17 8.24 0.30
CA THR B 721 23.39 8.35 -0.93
C THR B 721 21.93 8.68 -0.66
N LEU B 722 21.42 8.36 0.53
CA LEU B 722 20.08 8.80 0.90
C LEU B 722 19.94 10.31 0.81
N LEU B 723 20.94 11.03 1.33
CA LEU B 723 20.92 12.48 1.24
C LEU B 723 21.02 12.95 -0.21
N ALA B 724 21.71 12.18 -1.06
CA ALA B 724 21.73 12.50 -2.48
C ALA B 724 20.35 12.33 -3.10
N ASP B 725 19.55 11.37 -2.61
CA ASP B 725 18.20 11.20 -3.11
C ASP B 725 17.27 12.31 -2.63
N GLN B 726 17.32 12.61 -1.33
CA GLN B 726 16.47 13.65 -0.77
C GLN B 726 16.79 15.01 -1.37
N HIS B 727 18.05 15.43 -1.27
CA HIS B 727 18.45 16.70 -1.87
C HIS B 727 18.30 16.67 -3.38
N LEU B 728 18.37 15.48 -3.99
CA LEU B 728 18.09 15.38 -5.42
C LEU B 728 16.66 15.80 -5.71
N GLN B 729 15.68 15.14 -5.08
CA GLN B 729 14.28 15.45 -5.37
C GLN B 729 13.93 16.88 -4.97
N THR B 730 14.50 17.38 -3.87
CA THR B 730 14.20 18.74 -3.44
C THR B 730 14.78 19.76 -4.41
N PHE B 731 16.03 19.57 -4.84
CA PHE B 731 16.65 20.52 -5.76
C PHE B 731 15.98 20.47 -7.14
N THR B 732 15.56 19.29 -7.58
CA THR B 732 14.87 19.19 -8.86
C THR B 732 13.49 19.85 -8.79
N ASN B 733 12.72 19.56 -7.74
CA ASN B 733 11.36 20.07 -7.66
C ASN B 733 11.34 21.59 -7.44
N ARG B 734 12.19 22.09 -6.54
CA ARG B 734 12.20 23.52 -6.27
C ARG B 734 12.67 24.33 -7.48
N MET B 735 13.58 23.78 -8.27
CA MET B 735 14.08 24.46 -9.46
C MET B 735 13.33 24.02 -10.72
N ALA B 736 12.27 23.24 -10.57
CA ALA B 736 11.44 22.90 -11.72
C ALA B 736 10.68 24.13 -12.21
N GLY B 737 10.30 24.10 -13.48
CA GLY B 737 9.68 25.25 -14.11
C GLY B 737 10.65 26.32 -14.58
N PHE B 738 11.96 26.05 -14.50
CA PHE B 738 12.99 26.96 -14.95
C PHE B 738 14.06 26.18 -15.68
N PRO B 739 14.72 26.78 -16.67
CA PRO B 739 15.73 26.04 -17.45
C PRO B 739 16.97 25.72 -16.62
N VAL B 740 17.00 24.53 -16.03
CA VAL B 740 18.14 24.07 -15.25
C VAL B 740 18.39 22.61 -15.56
N THR B 741 19.64 22.18 -15.37
CA THR B 741 20.05 20.80 -15.57
C THR B 741 20.48 20.22 -14.24
N VAL B 742 19.80 19.17 -13.80
CA VAL B 742 20.05 18.52 -12.52
C VAL B 742 20.74 17.19 -12.77
N LYS B 743 21.54 16.75 -11.80
CA LYS B 743 22.15 15.44 -11.86
C LYS B 743 22.25 14.85 -10.46
N GLY B 744 22.21 13.52 -10.40
CA GLY B 744 22.37 12.79 -9.16
C GLY B 744 23.35 11.65 -9.29
N LEU B 745 24.35 11.60 -8.41
CA LEU B 745 25.39 10.58 -8.46
C LEU B 745 25.43 9.87 -7.11
N SER B 746 24.99 8.61 -7.10
CA SER B 746 24.97 7.81 -5.89
C SER B 746 25.70 6.50 -6.13
N ARG B 747 25.83 5.70 -5.06
CA ARG B 747 26.44 4.38 -5.19
C ARG B 747 25.64 3.49 -6.12
N PHE B 748 24.31 3.64 -6.14
CA PHE B 748 23.44 2.80 -6.94
C PHE B 748 23.08 3.43 -8.28
N THR B 749 23.85 4.43 -8.72
CA THR B 749 23.65 4.99 -10.05
C THR B 749 24.31 4.09 -11.09
N ASP B 750 23.53 3.71 -12.10
CA ASP B 750 24.00 2.75 -13.09
C ASP B 750 25.12 3.37 -13.93
N PRO B 751 26.18 2.60 -14.22
CA PRO B 751 27.27 3.14 -15.05
C PRO B 751 26.80 3.66 -16.41
N ALA B 752 25.71 3.12 -16.96
CA ALA B 752 25.18 3.64 -18.21
C ALA B 752 24.92 5.14 -18.11
N GLU B 753 24.46 5.60 -16.96
CA GLU B 753 24.30 7.02 -16.67
C GLU B 753 25.39 7.58 -15.77
N SER B 754 25.91 6.77 -14.85
CA SER B 754 26.88 7.26 -13.87
C SER B 754 28.28 7.41 -14.48
N ARG B 755 28.69 6.45 -15.32
CA ARG B 755 30.05 6.50 -15.86
C ARG B 755 30.27 7.72 -16.75
N ALA B 756 29.21 8.22 -17.39
CA ALA B 756 29.34 9.33 -18.32
C ALA B 756 28.46 10.51 -17.96
N VAL B 757 27.14 10.33 -17.91
CA VAL B 757 26.23 11.46 -17.71
C VAL B 757 26.42 12.09 -16.34
N ILE B 758 26.72 11.29 -15.32
CA ILE B 758 26.95 11.85 -13.99
C ILE B 758 28.25 12.65 -13.96
N GLU B 759 29.28 12.15 -14.65
CA GLU B 759 30.56 12.84 -14.76
C GLU B 759 30.53 13.94 -15.83
N GLY B 760 29.34 14.31 -16.32
CA GLY B 760 29.17 15.41 -17.23
C GLY B 760 29.46 16.78 -16.68
N LEU B 761 29.97 16.88 -15.44
CA LEU B 761 30.32 18.18 -14.88
C LEU B 761 31.47 18.84 -15.62
N LYS B 762 32.41 18.04 -16.14
CA LYS B 762 33.50 18.59 -16.93
C LYS B 762 32.99 19.19 -18.23
N ASP B 763 31.94 18.61 -18.81
CA ASP B 763 31.35 19.18 -20.01
C ASP B 763 30.67 20.50 -19.72
N GLY B 764 30.00 20.61 -18.57
CA GLY B 764 29.27 21.80 -18.20
C GLY B 764 27.77 21.71 -18.41
N SER B 765 27.26 20.55 -18.83
CA SER B 765 25.83 20.41 -19.04
C SER B 765 25.07 20.51 -17.72
N VAL B 766 25.51 19.77 -16.70
CA VAL B 766 24.81 19.78 -15.42
C VAL B 766 25.09 21.09 -14.69
N ASP B 767 24.02 21.83 -14.39
CA ASP B 767 24.17 23.07 -13.63
C ASP B 767 24.23 22.80 -12.14
N VAL B 768 23.44 21.86 -11.64
CA VAL B 768 23.46 21.47 -10.24
C VAL B 768 23.62 19.96 -10.16
N VAL B 769 24.67 19.51 -9.49
CA VAL B 769 24.91 18.08 -9.31
C VAL B 769 24.83 17.77 -7.82
N ILE B 770 24.04 16.76 -7.46
CA ILE B 770 23.90 16.30 -6.09
C ILE B 770 24.50 14.91 -6.02
N GLY B 771 25.43 14.67 -5.09
CA GLY B 771 26.04 13.36 -5.06
C GLY B 771 26.79 13.03 -3.81
N THR B 772 27.08 11.73 -3.68
CA THR B 772 27.90 11.21 -2.59
C THR B 772 29.37 11.55 -2.86
N HIS B 773 30.29 10.78 -2.25
CA HIS B 773 31.71 11.08 -2.44
C HIS B 773 32.19 10.74 -3.85
N ARG B 774 31.36 10.09 -4.66
CA ARG B 774 31.75 9.78 -6.03
C ARG B 774 32.02 11.02 -6.85
N LEU B 775 31.62 12.21 -6.37
CA LEU B 775 32.09 13.44 -6.96
C LEU B 775 33.55 13.72 -6.59
N LEU B 776 34.01 13.19 -5.46
CA LEU B 776 35.39 13.35 -5.01
C LEU B 776 36.31 12.25 -5.52
N GLN B 777 35.82 11.38 -6.40
CA GLN B 777 36.69 10.41 -7.04
C GLN B 777 37.79 11.14 -7.82
N THR B 778 38.95 10.49 -7.93
CA THR B 778 40.12 11.15 -8.50
C THR B 778 39.85 11.64 -9.92
N GLY B 779 39.35 10.75 -10.78
CA GLY B 779 39.08 11.12 -12.16
C GLY B 779 37.82 11.93 -12.33
N VAL B 780 37.81 13.16 -11.80
CA VAL B 780 36.67 14.06 -11.92
C VAL B 780 37.17 15.45 -12.29
N THR B 781 36.29 16.25 -12.90
CA THR B 781 36.62 17.60 -13.30
C THR B 781 35.35 18.43 -13.32
N TRP B 782 35.53 19.75 -13.36
CA TRP B 782 34.43 20.69 -13.39
C TRP B 782 34.67 21.75 -14.45
N LYS B 783 33.58 22.35 -14.92
CA LYS B 783 33.61 23.41 -15.93
C LYS B 783 33.01 24.67 -15.31
N ASP B 784 33.88 25.52 -14.77
CA ASP B 784 33.49 26.79 -14.17
C ASP B 784 32.55 26.58 -12.98
N LEU B 785 33.08 25.90 -11.96
CA LEU B 785 32.34 25.72 -10.72
C LEU B 785 32.27 27.04 -9.97
N GLY B 786 31.14 27.28 -9.30
CA GLY B 786 30.94 28.56 -8.64
C GLY B 786 30.44 28.49 -7.21
N LEU B 787 29.91 27.34 -6.80
CA LEU B 787 29.36 27.21 -5.45
C LEU B 787 29.33 25.75 -5.06
N ILE B 788 29.86 25.45 -3.88
CA ILE B 788 29.80 24.11 -3.29
C ILE B 788 28.88 24.17 -2.08
N ILE B 789 28.08 23.12 -1.90
CA ILE B 789 27.17 23.01 -0.76
C ILE B 789 27.44 21.68 -0.07
N VAL B 790 27.79 21.73 1.21
CA VAL B 790 28.13 20.55 1.99
C VAL B 790 27.05 20.32 3.04
N ASP B 791 26.83 19.06 3.40
CA ASP B 791 25.85 18.68 4.40
C ASP B 791 26.49 17.67 5.34
N GLU B 792 26.63 18.04 6.61
CA GLU B 792 27.20 17.18 7.65
C GLU B 792 28.58 16.67 7.24
N GLU B 793 29.55 17.57 7.34
CA GLU B 793 30.92 17.25 6.94
C GLU B 793 31.58 16.28 7.89
N GLN B 794 31.10 16.17 9.13
CA GLN B 794 31.70 15.23 10.08
C GLN B 794 31.50 13.79 9.65
N ARG B 795 30.38 13.49 8.97
CA ARG B 795 30.12 12.13 8.52
C ARG B 795 30.98 11.74 7.32
N PHE B 796 31.58 12.72 6.64
CA PHE B 796 32.38 12.42 5.46
C PHE B 796 33.62 11.60 5.83
N GLY B 797 34.22 10.99 4.80
CA GLY B 797 35.41 10.19 5.01
C GLY B 797 36.61 11.02 5.41
N VAL B 798 37.60 10.34 5.99
CA VAL B 798 38.79 11.03 6.46
C VAL B 798 39.59 11.61 5.29
N GLU B 799 39.69 10.85 4.19
CA GLU B 799 40.33 11.39 2.99
C GLU B 799 39.46 12.47 2.35
N HIS B 800 38.16 12.25 2.32
CA HIS B 800 37.25 13.21 1.70
C HIS B 800 37.17 14.51 2.49
N LYS B 801 37.37 14.45 3.81
CA LYS B 801 37.34 15.67 4.63
C LYS B 801 38.50 16.59 4.24
N GLU B 802 39.71 16.05 4.15
CA GLU B 802 40.84 16.84 3.69
C GLU B 802 40.70 17.23 2.23
N HIS B 803 40.00 16.40 1.44
CA HIS B 803 39.73 16.75 0.04
C HIS B 803 38.90 18.03 -0.04
N ILE B 804 37.76 18.06 0.66
CA ILE B 804 36.92 19.25 0.67
C ILE B 804 37.67 20.42 1.29
N LYS B 805 38.45 20.15 2.34
CA LYS B 805 39.28 21.20 2.93
C LYS B 805 40.25 21.79 1.92
N SER B 806 40.68 20.98 0.94
CA SER B 806 41.48 21.51 -0.15
C SER B 806 40.62 22.29 -1.15
N MET B 807 39.36 21.86 -1.34
CA MET B 807 38.47 22.55 -2.27
C MET B 807 37.91 23.86 -1.72
N ARG B 808 38.12 24.16 -0.43
CA ARG B 808 37.46 25.31 0.18
C ARG B 808 38.08 26.64 -0.22
N THR B 809 39.38 26.66 -0.53
CA THR B 809 40.05 27.93 -0.80
C THR B 809 39.71 28.50 -2.17
N HIS B 810 39.34 27.64 -3.12
CA HIS B 810 39.15 28.09 -4.50
C HIS B 810 37.82 28.81 -4.67
N VAL B 811 36.71 28.10 -4.49
CA VAL B 811 35.39 28.66 -4.75
C VAL B 811 34.61 28.82 -3.45
N ASP B 812 33.35 29.25 -3.57
CA ASP B 812 32.51 29.43 -2.39
C ASP B 812 32.08 28.08 -1.82
N VAL B 813 31.99 28.01 -0.49
CA VAL B 813 31.53 26.83 0.20
C VAL B 813 30.45 27.22 1.19
N LEU B 814 29.34 26.49 1.18
CA LEU B 814 28.21 26.72 2.08
C LEU B 814 27.84 25.39 2.70
N THR B 815 28.09 25.23 3.99
CA THR B 815 27.82 23.99 4.69
C THR B 815 26.57 24.13 5.56
N MET B 816 25.93 23.00 5.80
CA MET B 816 24.74 22.92 6.64
C MET B 816 25.00 21.93 7.76
N SER B 817 24.80 22.38 9.01
CA SER B 817 25.04 21.55 10.17
C SER B 817 23.84 21.63 11.11
N ALA B 818 23.44 20.48 11.65
CA ALA B 818 22.34 20.43 12.59
C ALA B 818 22.78 20.66 14.03
N THR B 819 24.02 20.29 14.35
CA THR B 819 24.56 20.48 15.70
C THR B 819 25.16 21.87 15.83
N PRO B 820 24.67 22.71 16.72
CA PRO B 820 25.19 24.07 16.84
C PRO B 820 26.48 24.09 17.66
N ILE B 821 27.05 25.28 17.75
CA ILE B 821 28.29 25.50 18.49
C ILE B 821 28.03 26.60 19.51
N PRO B 822 28.85 26.68 20.56
CA PRO B 822 28.63 27.73 21.57
C PRO B 822 28.84 29.12 21.00
N ARG B 823 28.17 30.10 21.61
CA ARG B 823 28.28 31.48 21.14
C ARG B 823 29.68 32.04 21.34
N THR B 824 30.39 31.57 22.36
CA THR B 824 31.77 32.02 22.57
C THR B 824 32.64 31.69 21.36
N LEU B 825 32.49 30.47 20.82
CA LEU B 825 33.25 30.10 19.63
C LEU B 825 32.73 30.82 18.39
N GLU B 826 31.43 31.04 18.31
CA GLU B 826 30.86 31.75 17.15
C GLU B 826 31.36 33.19 17.08
N MET B 827 31.58 33.82 18.24
CA MET B 827 32.11 35.18 18.23
C MET B 827 33.62 35.22 18.13
N SER B 828 34.31 34.24 18.73
CA SER B 828 35.76 34.24 18.72
C SER B 828 36.32 33.88 17.35
N LEU B 829 35.66 32.95 16.64
CA LEU B 829 36.10 32.49 15.34
C LEU B 829 35.35 33.16 14.20
N ALA B 830 34.80 34.36 14.42
CA ALA B 830 34.04 35.05 13.39
C ALA B 830 34.94 35.70 12.33
N GLY B 831 36.22 35.88 12.63
CA GLY B 831 37.10 36.54 11.69
C GLY B 831 37.48 35.70 10.49
N ILE B 832 37.53 34.37 10.67
CA ILE B 832 37.95 33.46 9.61
C ILE B 832 36.81 32.65 9.02
N ARG B 833 35.60 32.74 9.58
CA ARG B 833 34.48 31.92 9.12
C ARG B 833 33.19 32.55 9.60
N GLU B 834 32.18 32.59 8.73
CA GLU B 834 30.92 33.22 9.10
C GLU B 834 29.85 32.17 9.38
N MET B 835 29.06 32.41 10.43
CA MET B 835 28.08 31.44 10.90
C MET B 835 26.72 32.11 11.07
N SER B 836 25.71 31.55 10.42
CA SER B 836 24.32 31.89 10.66
C SER B 836 23.67 30.79 11.50
N THR B 837 22.63 31.16 12.25
CA THR B 837 21.96 30.22 13.12
C THR B 837 20.45 30.43 13.03
N ILE B 838 19.73 29.36 12.71
CA ILE B 838 18.27 29.41 12.56
C ILE B 838 17.67 28.83 13.83
N LEU B 839 17.22 29.71 14.72
CA LEU B 839 16.57 29.29 15.96
C LEU B 839 15.05 29.24 15.85
N THR B 840 14.48 29.88 14.83
CA THR B 840 13.03 29.96 14.71
C THR B 840 12.51 28.81 13.86
N PRO B 841 11.51 28.07 14.35
CA PRO B 841 10.99 26.92 13.61
C PRO B 841 10.35 27.36 12.30
N PRO B 842 10.12 26.42 11.36
CA PRO B 842 9.48 26.79 10.10
C PRO B 842 7.99 26.98 10.27
N GLU B 843 7.40 26.24 11.20
CA GLU B 843 5.98 26.35 11.52
C GLU B 843 5.78 25.86 12.94
N GLU B 844 4.54 25.50 13.28
CA GLU B 844 4.21 25.00 14.62
C GLU B 844 4.52 23.51 14.65
N ARG B 845 5.78 23.19 14.88
CA ARG B 845 6.20 21.80 15.05
C ARG B 845 5.99 21.39 16.51
N TYR B 846 5.37 20.22 16.70
CA TYR B 846 4.98 19.90 18.06
C TYR B 846 6.01 18.99 18.73
N PRO B 847 6.20 19.14 20.04
CA PRO B 847 7.08 18.20 20.76
C PRO B 847 6.44 16.83 20.84
N VAL B 848 7.26 15.80 20.60
CA VAL B 848 6.75 14.43 20.58
C VAL B 848 6.27 14.03 21.97
N LEU B 849 5.30 13.13 22.01
CA LEU B 849 4.77 12.61 23.26
C LEU B 849 5.58 11.38 23.65
N THR B 850 6.31 11.50 24.76
CA THR B 850 7.22 10.45 25.22
C THR B 850 6.60 9.72 26.41
N TYR B 851 6.59 8.39 26.35
CA TYR B 851 6.07 7.54 27.41
C TYR B 851 7.17 6.59 27.85
N VAL B 852 7.51 6.64 29.14
CA VAL B 852 8.51 5.75 29.72
C VAL B 852 7.79 4.69 30.53
N GLY B 853 8.33 3.48 30.54
CA GLY B 853 7.75 2.43 31.35
C GLY B 853 8.22 1.02 31.05
N PRO B 854 7.51 0.05 31.61
CA PRO B 854 7.87 -1.35 31.39
C PRO B 854 7.50 -1.81 29.99
N HIS B 855 8.33 -2.67 29.43
CA HIS B 855 8.14 -3.16 28.06
C HIS B 855 6.96 -4.11 28.04
N ASP B 856 5.83 -3.64 27.54
CA ASP B 856 4.62 -4.44 27.38
C ASP B 856 4.39 -4.69 25.89
N ASP B 857 4.28 -5.96 25.51
CA ASP B 857 4.18 -6.31 24.10
C ASP B 857 2.91 -5.74 23.47
N LYS B 858 1.80 -5.78 24.21
CA LYS B 858 0.54 -5.27 23.66
C LYS B 858 0.60 -3.78 23.40
N GLN B 859 1.25 -3.03 24.29
CA GLN B 859 1.38 -1.59 24.10
C GLN B 859 2.22 -1.27 22.87
N VAL B 860 3.34 -1.98 22.69
CA VAL B 860 4.17 -1.77 21.51
C VAL B 860 3.39 -2.10 20.25
N ALA B 861 2.65 -3.21 20.27
CA ALA B 861 1.85 -3.60 19.11
C ALA B 861 0.82 -2.52 18.77
N ALA B 862 0.09 -2.05 19.77
CA ALA B 862 -0.92 -1.02 19.52
C ALA B 862 -0.29 0.27 19.00
N ALA B 863 0.87 0.65 19.54
CA ALA B 863 1.54 1.86 19.08
C ALA B 863 1.98 1.74 17.63
N LEU B 864 2.67 0.64 17.30
CA LEU B 864 3.13 0.44 15.93
C LEU B 864 1.96 0.37 14.95
N ARG B 865 0.85 -0.23 15.38
CA ARG B 865 -0.34 -0.27 14.51
C ARG B 865 -0.92 1.13 14.33
N ARG B 866 -0.91 1.95 15.39
CA ARG B 866 -1.37 3.33 15.26
C ARG B 866 -0.51 4.10 14.27
N GLU B 867 0.81 3.90 14.32
CA GLU B 867 1.68 4.54 13.34
C GLU B 867 1.42 4.00 11.93
N LEU B 868 1.04 2.73 11.82
CA LEU B 868 0.70 2.16 10.52
C LEU B 868 -0.64 2.65 10.00
N LEU B 869 -1.50 3.17 10.87
CA LEU B 869 -2.82 3.60 10.44
C LEU B 869 -2.79 4.88 9.63
N ARG B 870 -1.75 5.70 9.79
CA ARG B 870 -1.56 6.89 8.95
C ARG B 870 -0.50 6.65 7.87
N ASP B 871 -0.25 5.39 7.51
CA ASP B 871 0.75 5.01 6.51
C ASP B 871 2.14 5.49 6.90
N GLY B 872 2.41 5.58 8.20
CA GLY B 872 3.71 6.01 8.70
C GLY B 872 4.64 4.84 8.96
N GLN B 873 5.85 5.18 9.38
CA GLN B 873 6.89 4.20 9.66
C GLN B 873 7.41 4.41 11.08
N ALA B 874 8.18 3.43 11.56
CA ALA B 874 8.64 3.43 12.93
C ALA B 874 10.08 2.95 13.02
N PHE B 875 10.84 3.56 13.93
CA PHE B 875 12.19 3.14 14.27
C PHE B 875 12.15 2.25 15.50
N TYR B 876 12.59 1.01 15.35
CA TYR B 876 12.75 0.09 16.47
C TYR B 876 14.25 -0.08 16.70
N ILE B 877 14.72 0.39 17.84
CA ILE B 877 16.15 0.42 18.15
C ILE B 877 16.49 -0.78 19.02
N HIS B 878 17.45 -1.58 18.55
CA HIS B 878 17.93 -2.76 19.28
C HIS B 878 19.44 -2.82 19.07
N ASN B 879 20.20 -2.42 20.08
CA ASN B 879 21.64 -2.27 19.92
C ASN B 879 22.37 -3.61 19.85
N ARG B 880 21.82 -4.65 20.48
CA ARG B 880 22.46 -5.95 20.47
C ARG B 880 22.46 -6.52 19.06
N VAL B 881 23.64 -6.51 18.42
CA VAL B 881 23.73 -6.87 17.00
C VAL B 881 23.61 -8.36 16.77
N ARG B 882 23.91 -9.20 17.78
CA ARG B 882 23.78 -10.63 17.56
C ARG B 882 22.33 -11.09 17.61
N THR B 883 21.45 -10.31 18.24
CA THR B 883 20.03 -10.65 18.33
C THR B 883 19.15 -9.70 17.54
N ILE B 884 19.72 -8.83 16.71
CA ILE B 884 18.93 -7.86 15.98
C ILE B 884 18.01 -8.56 14.98
N ASP B 885 18.49 -9.63 14.34
CA ASP B 885 17.65 -10.41 13.44
C ASP B 885 16.53 -11.08 14.23
N GLU B 886 16.88 -11.71 15.35
CA GLU B 886 15.86 -12.28 16.22
C GLU B 886 14.91 -11.21 16.74
N ALA B 887 15.43 -10.02 17.03
CA ALA B 887 14.58 -8.93 17.49
C ALA B 887 13.55 -8.56 16.43
N ALA B 888 13.99 -8.43 15.17
CA ALA B 888 13.04 -8.14 14.10
C ALA B 888 12.04 -9.27 13.93
N ALA B 889 12.48 -10.52 14.14
CA ALA B 889 11.56 -11.65 14.06
C ALA B 889 10.46 -11.53 15.12
N ARG B 890 10.85 -11.25 16.36
CA ARG B 890 9.87 -11.07 17.43
C ARG B 890 8.96 -9.87 17.16
N VAL B 891 9.50 -8.81 16.55
CA VAL B 891 8.67 -7.66 16.21
C VAL B 891 7.61 -8.05 15.18
N ARG B 892 8.02 -8.80 14.14
CA ARG B 892 7.05 -9.27 13.16
C ARG B 892 6.04 -10.22 13.79
N GLN B 893 6.45 -10.96 14.82
CA GLN B 893 5.49 -11.79 15.56
C GLN B 893 4.50 -10.93 16.33
N LEU B 894 4.93 -9.77 16.82
CA LEU B 894 4.00 -8.88 17.52
C LEU B 894 3.03 -8.22 16.55
N VAL B 895 3.53 -7.76 15.40
CA VAL B 895 2.68 -7.13 14.39
C VAL B 895 2.92 -7.82 13.05
N PRO B 896 2.07 -8.76 12.65
CA PRO B 896 2.31 -9.45 11.37
C PRO B 896 2.11 -8.57 10.15
N GLU B 897 1.24 -7.56 10.23
CA GLU B 897 0.98 -6.69 9.08
C GLU B 897 2.09 -5.68 8.83
N ALA B 898 3.18 -5.72 9.58
CA ALA B 898 4.28 -4.78 9.43
C ALA B 898 5.38 -5.37 8.59
N ARG B 899 5.95 -4.55 7.71
CA ARG B 899 7.09 -4.92 6.89
C ARG B 899 8.35 -4.41 7.60
N VAL B 900 9.03 -5.30 8.31
CA VAL B 900 10.14 -4.94 9.18
C VAL B 900 11.45 -5.39 8.54
N VAL B 901 12.48 -4.54 8.65
CA VAL B 901 13.81 -4.86 8.14
C VAL B 901 14.85 -4.41 9.15
N VAL B 902 16.04 -4.98 9.05
CA VAL B 902 17.14 -4.68 9.95
C VAL B 902 18.18 -3.84 9.22
N ALA B 903 18.90 -3.04 9.99
CA ALA B 903 20.00 -2.24 9.44
C ALA B 903 20.98 -1.92 10.54
N HIS B 904 22.21 -2.39 10.42
CA HIS B 904 23.21 -2.21 11.46
C HIS B 904 24.58 -1.95 10.84
N GLY B 905 25.54 -1.61 11.70
CA GLY B 905 26.90 -1.31 11.28
C GLY B 905 27.72 -2.49 10.80
N GLN B 906 27.42 -3.70 11.28
CA GLN B 906 28.14 -4.88 10.81
C GLN B 906 27.85 -5.20 9.35
N MET B 907 26.74 -4.70 8.82
CA MET B 907 26.48 -4.82 7.39
C MET B 907 27.49 -4.03 6.59
N ASN B 908 27.76 -4.49 5.37
CA ASN B 908 28.54 -3.69 4.45
C ASN B 908 27.73 -2.49 3.97
N GLU B 909 28.44 -1.43 3.59
CA GLU B 909 27.77 -0.20 3.20
C GLU B 909 26.85 -0.40 2.01
N GLU B 910 27.18 -1.33 1.13
CA GLU B 910 26.38 -1.53 -0.08
C GLU B 910 25.00 -2.09 0.23
N THR B 911 24.91 -2.99 1.22
CA THR B 911 23.62 -3.54 1.60
C THR B 911 22.85 -2.57 2.50
N LEU B 912 23.55 -1.94 3.44
CA LEU B 912 22.90 -1.01 4.37
C LEU B 912 22.30 0.17 3.63
N GLU B 913 23.05 0.76 2.70
CA GLU B 913 22.55 1.92 1.96
C GLU B 913 21.33 1.56 1.11
N LYS B 914 21.29 0.34 0.58
CA LYS B 914 20.10 -0.10 -0.15
C LYS B 914 18.92 -0.31 0.79
N THR B 915 19.19 -0.84 1.99
CA THR B 915 18.14 -0.98 2.99
C THR B 915 17.53 0.37 3.34
N VAL B 916 18.38 1.39 3.52
CA VAL B 916 17.90 2.73 3.81
C VAL B 916 17.14 3.30 2.62
N GLU B 917 17.64 3.04 1.41
CA GLU B 917 16.92 3.51 0.22
C GLU B 917 15.54 2.88 0.12
N GLY B 918 15.39 1.64 0.58
CA GLY B 918 14.07 1.03 0.60
C GLY B 918 13.19 1.58 1.70
N PHE B 919 13.77 1.85 2.88
CA PHE B 919 12.98 2.38 3.98
C PHE B 919 12.50 3.80 3.69
N TRP B 920 13.27 4.58 2.92
CA TRP B 920 12.84 5.92 2.55
C TRP B 920 11.76 5.89 1.48
N ASN B 921 11.82 4.92 0.56
CA ASN B 921 10.85 4.80 -0.53
C ASN B 921 9.61 4.01 -0.12
N ARG B 922 9.38 3.83 1.19
CA ARG B 922 8.21 3.14 1.72
C ARG B 922 8.10 1.71 1.18
N GLU B 923 9.23 1.05 1.02
CA GLU B 923 9.22 -0.39 0.74
C GLU B 923 9.00 -1.21 2.00
N TYR B 924 9.29 -0.65 3.17
CA TYR B 924 9.16 -1.32 4.45
C TYR B 924 8.35 -0.44 5.39
N ASP B 925 8.05 -0.95 6.57
CA ASP B 925 7.23 -0.24 7.54
C ASP B 925 7.93 0.03 8.86
N ILE B 926 8.75 -0.90 9.34
CA ILE B 926 9.46 -0.74 10.61
C ILE B 926 10.93 -1.06 10.40
N LEU B 927 11.80 -0.18 10.88
CA LEU B 927 13.24 -0.34 10.74
C LEU B 927 13.85 -0.67 12.11
N VAL B 928 14.16 -1.95 12.32
CA VAL B 928 14.96 -2.38 13.46
C VAL B 928 16.42 -2.08 13.13
N CYS B 929 17.02 -1.17 13.89
CA CYS B 929 18.36 -0.69 13.61
C CYS B 929 19.08 -0.42 14.92
N THR B 930 20.37 -0.14 14.81
CA THR B 930 21.18 0.24 15.95
C THR B 930 21.19 1.76 16.12
N THR B 931 21.69 2.21 17.26
CA THR B 931 21.78 3.64 17.53
C THR B 931 22.80 4.34 16.64
N ILE B 932 23.62 3.58 15.91
CA ILE B 932 24.58 4.21 15.01
C ILE B 932 23.94 4.53 13.66
N VAL B 933 22.94 3.76 13.25
CA VAL B 933 22.27 3.99 11.98
C VAL B 933 21.07 4.92 12.16
N GLU B 934 20.37 4.81 13.29
CA GLU B 934 19.18 5.62 13.52
C GLU B 934 19.50 7.11 13.45
N THR B 935 20.56 7.52 14.15
CA THR B 935 21.03 8.90 14.02
C THR B 935 21.68 9.10 12.66
N GLY B 936 21.45 10.27 12.08
CA GLY B 936 21.91 10.55 10.74
C GLY B 936 20.93 10.21 9.64
N LEU B 937 19.69 9.89 9.98
CA LEU B 937 18.66 9.56 9.00
C LEU B 937 17.57 10.63 9.06
N ASP B 938 17.15 11.11 7.89
CA ASP B 938 16.12 12.14 7.77
C ASP B 938 14.90 11.51 7.10
N ILE B 939 14.10 10.81 7.90
CA ILE B 939 12.87 10.18 7.44
C ILE B 939 11.70 10.99 7.97
N SER B 940 11.04 11.74 7.08
CA SER B 940 9.95 12.61 7.50
C SER B 940 8.68 11.84 7.83
N ASN B 941 8.51 10.65 7.25
CA ASN B 941 7.30 9.87 7.52
C ASN B 941 7.39 9.12 8.84
N ALA B 942 8.59 8.76 9.28
CA ALA B 942 8.77 8.05 10.54
C ALA B 942 8.50 9.00 11.70
N ASN B 943 7.43 8.73 12.45
CA ASN B 943 7.03 9.59 13.56
C ASN B 943 6.70 8.79 14.82
N THR B 944 7.18 7.55 14.91
CA THR B 944 7.00 6.74 16.11
C THR B 944 8.31 6.06 16.44
N LEU B 945 8.72 6.15 17.71
CA LEU B 945 9.98 5.62 18.18
C LEU B 945 9.72 4.57 19.25
N ILE B 946 10.40 3.44 19.16
CA ILE B 946 10.33 2.38 20.16
C ILE B 946 11.74 2.05 20.60
N VAL B 947 12.02 2.24 21.89
CA VAL B 947 13.35 2.04 22.46
C VAL B 947 13.22 0.94 23.50
N GLU B 948 13.62 -0.28 23.12
CA GLU B 948 13.67 -1.40 24.05
C GLU B 948 14.90 -1.28 24.92
N ARG B 949 14.72 -1.45 26.24
CA ARG B 949 15.78 -1.30 27.22
C ARG B 949 16.42 0.09 27.13
N ALA B 950 15.57 1.11 27.28
CA ALA B 950 16.06 2.49 27.24
C ALA B 950 16.93 2.83 28.45
N ASP B 951 16.87 2.03 29.51
CA ASP B 951 17.68 2.26 30.70
C ASP B 951 19.17 2.04 30.46
N THR B 952 19.54 1.43 29.33
CA THR B 952 20.94 1.13 29.04
C THR B 952 21.61 2.20 28.18
N PHE B 953 20.91 3.28 27.84
CA PHE B 953 21.44 4.32 26.99
C PHE B 953 21.78 5.56 27.80
N GLY B 954 22.64 6.41 27.22
CA GLY B 954 22.98 7.66 27.85
C GLY B 954 21.95 8.75 27.56
N LEU B 955 22.14 9.89 28.23
CA LEU B 955 21.23 11.01 28.06
C LEU B 955 21.29 11.55 26.64
N SER B 956 22.50 11.89 26.17
CA SER B 956 22.66 12.37 24.81
C SER B 956 22.24 11.32 23.79
N GLN B 957 22.45 10.04 24.10
CA GLN B 957 21.98 8.99 23.21
C GLN B 957 20.47 8.99 23.09
N LEU B 958 19.76 9.07 24.22
CA LEU B 958 18.31 9.06 24.19
C LEU B 958 17.76 10.29 23.46
N HIS B 959 18.31 11.48 23.77
CA HIS B 959 17.86 12.69 23.09
C HIS B 959 18.11 12.62 21.60
N GLN B 960 19.29 12.14 21.20
CA GLN B 960 19.59 11.98 19.78
C GLN B 960 18.63 10.98 19.13
N LEU B 961 18.23 9.94 19.87
CA LEU B 961 17.28 8.98 19.34
C LEU B 961 15.92 9.62 19.10
N ARG B 962 15.44 10.38 20.08
CA ARG B 962 14.14 11.04 19.92
C ARG B 962 14.17 12.11 18.84
N GLY B 963 15.34 12.70 18.58
CA GLY B 963 15.44 13.80 17.64
C GLY B 963 15.09 13.50 16.19
N ARG B 964 14.76 12.25 15.88
CA ARG B 964 14.46 11.84 14.50
C ARG B 964 12.97 11.66 14.23
N VAL B 965 12.11 11.85 15.23
CA VAL B 965 10.68 11.67 15.04
C VAL B 965 9.96 12.96 15.44
N GLY B 966 8.75 13.12 14.89
CA GLY B 966 7.93 14.27 15.22
C GLY B 966 8.39 15.58 14.64
N ARG B 967 9.26 15.55 13.64
CA ARG B 967 9.78 16.77 13.04
C ARG B 967 8.91 17.29 11.91
N SER B 968 8.16 16.42 11.24
CA SER B 968 7.28 16.85 10.15
C SER B 968 6.02 17.51 10.71
N ARG B 969 5.00 17.65 9.87
CA ARG B 969 3.79 18.34 10.30
C ARG B 969 2.95 17.50 11.25
N GLU B 970 3.16 16.19 11.30
CA GLU B 970 2.37 15.31 12.14
C GLU B 970 3.05 15.08 13.49
N ARG B 971 2.24 15.03 14.55
CA ARG B 971 2.76 14.81 15.88
C ARG B 971 3.43 13.44 15.99
N GLY B 972 4.58 13.40 16.68
CA GLY B 972 5.30 12.16 16.84
C GLY B 972 5.16 11.55 18.22
N TYR B 973 5.52 10.28 18.36
CA TYR B 973 5.47 9.58 19.63
C TYR B 973 6.80 8.88 19.88
N ALA B 974 7.18 8.79 21.16
CA ALA B 974 8.42 8.12 21.55
C ALA B 974 8.14 7.25 22.76
N TYR B 975 8.71 6.04 22.74
CA TYR B 975 8.51 5.06 23.81
C TYR B 975 9.87 4.67 24.36
N PHE B 976 10.11 4.99 25.62
CA PHE B 976 11.31 4.57 26.33
C PHE B 976 10.91 3.47 27.30
N LEU B 977 11.35 2.24 27.00
CA LEU B 977 10.90 1.07 27.73
C LEU B 977 12.07 0.39 28.42
N TYR B 978 11.75 -0.37 29.46
CA TYR B 978 12.70 -1.19 30.20
C TYR B 978 12.04 -2.50 30.57
N PRO B 979 12.80 -3.58 30.69
CA PRO B 979 12.23 -4.87 31.07
C PRO B 979 11.73 -4.84 32.50
N PRO B 980 10.47 -5.21 32.73
CA PRO B 980 9.93 -5.14 34.10
C PRO B 980 10.46 -6.21 35.03
N ASN B 981 11.08 -7.27 34.49
CA ASN B 981 11.58 -8.35 35.33
C ASN B 981 12.80 -7.94 36.16
N LYS B 982 13.40 -6.79 35.89
CA LYS B 982 14.58 -6.33 36.61
C LYS B 982 14.33 -4.92 37.13
N PRO B 983 14.27 -4.74 38.45
CA PRO B 983 14.13 -3.37 39.00
C PRO B 983 15.30 -2.51 38.60
N LEU B 984 15.02 -1.45 37.84
CA LEU B 984 16.07 -0.61 37.31
C LEU B 984 16.76 0.17 38.44
N THR B 985 17.97 0.64 38.14
CA THR B 985 18.77 1.35 39.13
C THR B 985 18.22 2.76 39.35
N GLU B 986 18.68 3.40 40.43
CA GLU B 986 18.24 4.73 40.75
C GLU B 986 18.82 5.77 39.80
N THR B 987 20.03 5.52 39.28
CA THR B 987 20.63 6.46 38.33
C THR B 987 19.89 6.44 37.00
N ALA B 988 19.53 5.25 36.51
CA ALA B 988 18.72 5.15 35.29
C ALA B 988 17.28 5.60 35.55
N TYR B 989 16.84 5.60 36.81
CA TYR B 989 15.52 6.12 37.13
C TYR B 989 15.51 7.64 37.20
N ASP B 990 16.64 8.25 37.57
CA ASP B 990 16.73 9.71 37.58
C ASP B 990 17.01 10.26 36.18
N ARG B 991 17.82 9.54 35.40
CA ARG B 991 18.06 9.94 34.02
C ARG B 991 16.83 9.68 33.15
N LEU B 992 16.33 8.44 33.17
CA LEU B 992 15.12 8.11 32.42
C LEU B 992 13.92 8.88 32.94
N ALA B 993 13.86 9.16 34.24
CA ALA B 993 12.86 10.09 34.76
C ALA B 993 13.05 11.48 34.17
N THR B 994 14.30 11.91 34.01
CA THR B 994 14.57 13.26 33.51
C THR B 994 14.11 13.40 32.06
N ILE B 995 14.37 12.39 31.22
CA ILE B 995 14.06 12.53 29.82
C ILE B 995 12.56 12.54 29.55
N ALA B 996 11.74 12.06 30.50
CA ALA B 996 10.30 12.02 30.28
C ALA B 996 9.76 13.42 30.00
N GLN B 997 10.12 14.38 30.84
CA GLN B 997 9.81 15.78 30.59
C GLN B 997 10.89 16.40 29.72
N ASN B 998 10.49 17.10 28.66
CA ASN B 998 11.44 17.86 27.86
C ASN B 998 11.64 19.25 28.46
N ASN B 999 12.08 19.25 29.71
CA ASN B 999 12.42 20.49 30.42
C ASN B 999 13.84 20.89 29.99
N GLU B 1000 13.90 21.48 28.80
CA GLU B 1000 15.20 21.79 28.20
C GLU B 1000 15.95 22.85 28.99
N LEU B 1001 15.22 23.69 29.72
CA LEU B 1001 15.84 24.87 30.32
C LEU B 1001 16.79 24.52 31.45
N GLY B 1002 16.36 23.67 32.38
CA GLY B 1002 17.11 23.54 33.63
C GLY B 1002 17.43 22.17 34.19
N ALA B 1003 16.56 21.17 33.98
CA ALA B 1003 16.65 19.90 34.70
C ALA B 1003 17.71 18.99 34.07
N GLY B 1004 18.96 19.41 34.23
CA GLY B 1004 20.12 18.63 33.81
C GLY B 1004 20.25 18.39 32.32
N MET B 1005 19.41 19.05 31.50
CA MET B 1005 19.58 18.95 30.05
C MET B 1005 20.95 19.44 29.61
N ALA B 1006 21.43 20.54 30.20
CA ALA B 1006 22.63 21.26 29.78
C ALA B 1006 23.81 20.33 29.44
N VAL B 1007 23.87 19.17 30.10
CA VAL B 1007 24.87 18.17 29.74
C VAL B 1007 24.50 17.49 28.43
N ALA B 1008 23.20 17.25 28.20
CA ALA B 1008 22.78 16.65 26.93
C ALA B 1008 22.92 17.65 25.78
N MET B 1009 22.46 18.90 26.01
CA MET B 1009 22.62 19.94 24.99
C MET B 1009 24.09 20.18 24.66
N LYS B 1010 24.92 20.33 25.69
CA LYS B 1010 26.36 20.55 25.49
C LYS B 1010 27.02 19.37 24.79
N ASP B 1011 26.68 18.14 25.20
CA ASP B 1011 27.17 16.96 24.50
C ASP B 1011 26.78 17.00 23.03
N LEU B 1012 25.57 17.46 22.73
CA LEU B 1012 25.18 17.66 21.34
C LEU B 1012 26.05 18.73 20.69
N GLU B 1013 26.47 19.74 21.45
CA GLU B 1013 27.35 20.77 20.91
C GLU B 1013 28.70 20.20 20.52
N ILE B 1014 29.21 19.23 21.31
CA ILE B 1014 30.51 18.65 21.03
C ILE B 1014 30.59 18.13 19.59
N ARG B 1015 29.48 17.59 19.10
CA ARG B 1015 29.45 17.06 17.73
C ARG B 1015 29.67 18.16 16.70
N GLY B 1016 28.95 19.27 16.85
CA GLY B 1016 29.11 20.38 15.90
C GLY B 1016 30.46 21.06 16.03
N ALA B 1017 30.97 21.19 17.26
CA ALA B 1017 32.28 21.78 17.45
C ALA B 1017 33.36 20.94 16.80
N GLY B 1018 33.32 19.62 17.00
CA GLY B 1018 34.26 18.75 16.32
C GLY B 1018 34.08 18.73 14.82
N ASN B 1019 32.85 18.92 14.34
CA ASN B 1019 32.60 18.95 12.91
C ASN B 1019 33.22 20.19 12.27
N VAL B 1020 32.96 21.36 12.84
CA VAL B 1020 33.46 22.60 12.25
C VAL B 1020 34.95 22.78 12.53
N LEU B 1021 35.39 22.47 13.74
CA LEU B 1021 36.77 22.72 14.17
C LEU B 1021 37.54 21.40 14.20
N GLY B 1022 38.42 21.21 13.23
CA GLY B 1022 39.31 20.05 13.23
C GLY B 1022 38.54 18.75 13.19
N ALA B 1023 39.08 17.75 13.88
CA ALA B 1023 38.45 16.45 14.03
C ALA B 1023 38.11 16.21 15.50
N GLU B 1024 37.42 15.11 15.76
CA GLU B 1024 37.08 14.75 17.13
C GLU B 1024 38.33 14.41 17.92
N GLN B 1025 38.99 15.43 18.47
CA GLN B 1025 40.20 15.26 19.26
C GLN B 1025 39.87 15.48 20.73
N SER B 1026 39.07 14.56 21.28
CA SER B 1026 38.67 14.60 22.68
C SER B 1026 39.78 14.11 23.61
N GLY B 1027 40.98 13.85 23.08
CA GLY B 1027 42.07 13.42 23.95
C GLY B 1027 42.49 14.50 24.93
N HIS B 1028 42.57 15.74 24.47
CA HIS B 1028 42.89 16.87 25.34
C HIS B 1028 41.64 17.56 25.88
N VAL B 1029 40.45 17.22 25.39
CA VAL B 1029 39.23 17.75 25.97
C VAL B 1029 39.06 17.23 27.39
N ALA B 1030 39.33 15.94 27.61
CA ALA B 1030 39.30 15.38 28.95
C ALA B 1030 40.45 15.95 29.77
N GLY B 1031 40.15 16.30 31.02
CA GLY B 1031 41.10 16.97 31.88
C GLY B 1031 41.22 18.46 31.67
N VAL B 1032 40.47 19.04 30.74
CA VAL B 1032 40.50 20.46 30.47
C VAL B 1032 39.07 21.00 30.50
N GLY B 1033 38.15 20.26 29.90
CA GLY B 1033 36.77 20.69 29.82
C GLY B 1033 36.47 21.36 28.49
N PHE B 1034 35.30 21.07 27.92
CA PHE B 1034 34.96 21.58 26.60
C PHE B 1034 34.91 23.12 26.59
N ASP B 1035 34.34 23.71 27.63
CA ASP B 1035 34.22 25.16 27.69
C ASP B 1035 35.59 25.84 27.70
N LEU B 1036 36.46 25.40 28.60
CA LEU B 1036 37.81 25.94 28.64
C LEU B 1036 38.59 25.56 27.39
N TYR B 1037 38.29 24.41 26.80
CA TYR B 1037 38.98 23.99 25.57
C TYR B 1037 38.69 24.96 24.44
N VAL B 1038 37.41 25.21 24.14
CA VAL B 1038 37.08 26.16 23.10
C VAL B 1038 37.43 27.58 23.49
N ARG B 1039 37.57 27.86 24.79
CA ARG B 1039 38.11 29.14 25.22
C ARG B 1039 39.56 29.29 24.75
N LEU B 1040 40.37 28.25 24.96
CA LEU B 1040 41.74 28.25 24.44
C LEU B 1040 41.75 28.30 22.92
N VAL B 1041 40.78 27.66 22.27
CA VAL B 1041 40.67 27.76 20.81
C VAL B 1041 40.45 29.21 20.40
N GLY B 1042 39.55 29.90 21.09
CA GLY B 1042 39.30 31.30 20.77
C GLY B 1042 40.53 32.17 21.00
N GLU B 1043 41.23 31.96 22.11
CA GLU B 1043 42.46 32.71 22.36
C GLU B 1043 43.49 32.46 21.27
N ALA B 1044 43.66 31.21 20.86
CA ALA B 1044 44.62 30.89 19.81
C ALA B 1044 44.21 31.47 18.46
N VAL B 1045 42.91 31.57 18.20
CA VAL B 1045 42.45 32.19 16.96
C VAL B 1045 42.73 33.69 16.99
N GLU B 1046 42.49 34.33 18.14
CA GLU B 1046 42.82 35.74 18.27
C GLU B 1046 44.31 35.98 18.08
N ALA B 1047 45.15 35.12 18.65
CA ALA B 1047 46.60 35.30 18.53
C ALA B 1047 47.07 35.03 17.11
N TYR B 1048 46.46 34.04 16.44
CA TYR B 1048 46.86 33.72 15.07
C TYR B 1048 46.26 34.67 14.04
N ARG B 1049 45.29 35.49 14.41
CA ARG B 1049 44.80 36.55 13.53
C ARG B 1049 45.69 37.78 13.55
N ALA B 1050 46.84 37.71 14.23
CA ALA B 1050 47.74 38.84 14.29
C ALA B 1050 48.43 39.12 12.96
N ALA B 1051 48.51 38.12 12.08
CA ALA B 1051 49.11 38.34 10.77
C ALA B 1051 48.26 39.29 9.93
N ALA B 1052 46.94 39.16 10.02
CA ALA B 1052 46.03 40.02 9.27
C ALA B 1052 45.68 41.30 10.03
N ASP B 1053 45.56 41.22 11.35
CA ASP B 1053 45.17 42.38 12.15
C ASP B 1053 46.36 43.23 12.55
N GLY B 1054 47.49 42.61 12.88
CA GLY B 1054 48.67 43.35 13.31
C GLY B 1054 48.75 43.56 14.81
N LYS B 1055 47.67 44.03 15.41
CA LYS B 1055 47.63 44.27 16.85
C LYS B 1055 47.58 42.96 17.62
N ASP B 1065 39.64 38.76 38.56
CA ASP B 1065 40.64 38.47 39.59
C ASP B 1065 41.03 39.74 40.36
N VAL B 1066 40.04 40.38 40.97
CA VAL B 1066 40.27 41.57 41.80
C VAL B 1066 39.44 41.42 43.07
N ARG B 1067 40.11 41.38 44.21
CA ARG B 1067 39.46 41.18 45.50
C ARG B 1067 39.10 42.52 46.13
N ILE B 1068 37.89 42.61 46.67
CA ILE B 1068 37.43 43.76 47.42
C ILE B 1068 36.79 43.25 48.70
N ASP B 1069 37.41 43.52 49.85
CA ASP B 1069 36.93 43.10 51.16
C ASP B 1069 36.68 44.35 51.99
N LEU B 1070 35.51 44.96 51.79
CA LEU B 1070 35.10 46.16 52.49
C LEU B 1070 33.80 45.90 53.26
N PRO B 1071 33.54 46.68 54.33
CA PRO B 1071 32.27 46.52 55.03
C PRO B 1071 31.10 47.05 54.22
N VAL B 1072 30.70 46.32 53.18
CA VAL B 1072 29.60 46.72 52.30
C VAL B 1072 28.66 45.52 52.15
N ASP B 1073 27.43 45.66 52.63
CA ASP B 1073 26.41 44.62 52.51
C ASP B 1073 25.99 44.53 51.06
N ALA B 1074 26.77 43.77 50.29
CA ALA B 1074 26.60 43.65 48.84
C ALA B 1074 26.29 42.19 48.52
N HIS B 1075 25.02 41.89 48.26
CA HIS B 1075 24.59 40.54 47.95
C HIS B 1075 23.22 40.58 47.29
N LEU B 1076 22.85 39.46 46.67
CA LEU B 1076 21.51 39.30 46.12
C LEU B 1076 20.65 38.55 47.13
N PRO B 1077 19.68 39.19 47.75
CA PRO B 1077 18.89 38.51 48.79
C PRO B 1077 18.02 37.42 48.20
N PRO B 1078 17.83 36.31 48.92
CA PRO B 1078 16.98 35.23 48.40
C PRO B 1078 15.54 35.64 48.19
N GLU B 1079 15.05 36.64 48.94
CA GLU B 1079 13.70 37.14 48.69
C GLU B 1079 13.58 37.81 47.33
N TYR B 1080 14.69 38.31 46.78
CA TYR B 1080 14.65 38.93 45.45
C TYR B 1080 14.72 37.87 44.35
N ILE B 1081 15.57 36.86 44.52
CA ILE B 1081 15.67 35.74 43.60
C ILE B 1081 15.64 34.46 44.43
N GLY B 1082 14.51 33.77 44.42
CA GLY B 1082 14.33 32.57 45.21
C GLY B 1082 15.10 31.37 44.70
N SER B 1083 15.10 31.16 43.39
CA SER B 1083 15.78 30.02 42.78
C SER B 1083 17.28 30.26 42.74
N ASP B 1084 18.04 29.29 43.26
CA ASP B 1084 19.50 29.42 43.28
C ASP B 1084 20.07 29.32 41.87
N ARG B 1085 19.45 28.49 41.02
CA ARG B 1085 19.95 28.31 39.66
C ARG B 1085 19.94 29.62 38.86
N LEU B 1086 19.02 30.52 39.18
CA LEU B 1086 18.95 31.81 38.50
C LEU B 1086 19.79 32.88 39.18
N ARG B 1087 19.81 32.88 40.52
CA ARG B 1087 20.63 33.86 41.25
C ARG B 1087 22.11 33.66 40.93
N LEU B 1088 22.54 32.40 40.81
CA LEU B 1088 23.92 32.14 40.42
C LEU B 1088 24.24 32.75 39.06
N GLU B 1089 23.33 32.62 38.10
CA GLU B 1089 23.54 33.23 36.79
C GLU B 1089 23.50 34.75 36.87
N ALA B 1090 22.74 35.31 37.81
CA ALA B 1090 22.78 36.76 38.01
C ALA B 1090 24.14 37.20 38.50
N TYR B 1091 24.73 36.45 39.44
CA TYR B 1091 26.08 36.77 39.90
C TYR B 1091 27.09 36.64 38.76
N ARG B 1092 26.97 35.59 37.95
CA ARG B 1092 27.93 35.38 36.86
C ARG B 1092 27.82 36.49 35.81
N ARG B 1093 26.60 36.83 35.40
CA ARG B 1093 26.42 37.88 34.40
C ARG B 1093 26.87 39.24 34.92
N LEU B 1094 26.59 39.52 36.20
CA LEU B 1094 27.03 40.77 36.79
C LEU B 1094 28.55 40.84 36.86
N ALA B 1095 29.20 39.72 37.19
CA ALA B 1095 30.65 39.71 37.29
C ALA B 1095 31.32 39.82 35.93
N ALA B 1096 30.80 39.11 34.93
CA ALA B 1096 31.41 39.09 33.60
C ALA B 1096 31.18 40.37 32.81
N ALA B 1097 30.44 41.34 33.35
CA ALA B 1097 30.22 42.58 32.64
C ALA B 1097 31.53 43.33 32.43
N ALA B 1098 31.65 43.99 31.27
CA ALA B 1098 32.89 44.61 30.86
C ALA B 1098 32.88 46.13 30.92
N ASP B 1099 31.71 46.76 30.89
CA ASP B 1099 31.64 48.21 30.96
C ASP B 1099 30.33 48.61 31.66
N ASP B 1100 30.13 49.92 31.82
CA ASP B 1100 28.93 50.41 32.48
C ASP B 1100 27.66 50.11 31.69
N ASP B 1101 27.77 49.94 30.37
CA ASP B 1101 26.60 49.57 29.58
C ASP B 1101 26.22 48.10 29.78
N ALA B 1102 27.22 47.24 29.96
CA ALA B 1102 26.93 45.84 30.27
C ALA B 1102 26.30 45.72 31.66
N VAL B 1103 26.88 46.40 32.65
CA VAL B 1103 26.30 46.42 33.99
C VAL B 1103 24.89 46.98 33.95
N ALA B 1104 24.68 48.03 33.15
CA ALA B 1104 23.35 48.62 33.04
C ALA B 1104 22.35 47.66 32.41
N SER B 1105 22.78 46.92 31.37
CA SER B 1105 21.89 45.95 30.75
C SER B 1105 21.54 44.82 31.71
N VAL B 1106 22.53 44.37 32.49
CA VAL B 1106 22.26 43.37 33.52
C VAL B 1106 21.26 43.92 34.54
N VAL B 1107 21.40 45.20 34.90
CA VAL B 1107 20.47 45.83 35.83
C VAL B 1107 19.05 45.81 35.26
N ASP B 1108 18.91 46.18 33.97
CA ASP B 1108 17.60 46.16 33.34
C ASP B 1108 17.03 44.74 33.30
N GLU B 1109 17.89 43.74 33.10
CA GLU B 1109 17.43 42.36 33.13
C GLU B 1109 16.90 41.99 34.51
N LEU B 1110 17.61 42.40 35.57
CA LEU B 1110 17.16 42.10 36.92
C LEU B 1110 15.85 42.81 37.24
N ILE B 1111 15.70 44.06 36.79
CA ILE B 1111 14.45 44.79 36.98
C ILE B 1111 13.32 44.08 36.26
N ASP B 1112 13.57 43.62 35.03
CA ASP B 1112 12.51 43.01 34.23
C ASP B 1112 12.11 41.65 34.80
N ARG B 1113 13.07 40.87 35.26
CA ARG B 1113 12.80 39.49 35.69
C ARG B 1113 12.35 39.38 37.13
N TYR B 1114 12.88 40.22 38.03
CA TYR B 1114 12.63 40.06 39.45
C TYR B 1114 12.06 41.30 40.15
N GLY B 1115 11.99 42.44 39.48
CA GLY B 1115 11.42 43.63 40.07
C GLY B 1115 12.47 44.68 40.39
N PRO B 1116 12.05 45.74 41.10
CA PRO B 1116 12.98 46.81 41.45
C PRO B 1116 14.16 46.28 42.27
N LEU B 1117 15.33 46.89 42.02
CA LEU B 1117 16.54 46.41 42.68
C LEU B 1117 16.49 46.69 44.17
N PRO B 1118 16.68 45.69 45.01
CA PRO B 1118 16.83 45.95 46.45
C PRO B 1118 18.13 46.69 46.73
N GLU B 1119 18.18 47.30 47.91
CA GLU B 1119 19.39 48.03 48.31
C GLU B 1119 20.64 47.15 48.32
N PRO B 1120 20.63 45.93 48.86
CA PRO B 1120 21.84 45.10 48.77
C PRO B 1120 22.26 44.81 47.33
N ALA B 1121 21.30 44.62 46.43
CA ALA B 1121 21.64 44.41 45.02
C ALA B 1121 22.28 45.66 44.43
N GLN B 1122 21.75 46.84 44.75
CA GLN B 1122 22.34 48.08 44.27
C GLN B 1122 23.77 48.23 44.78
N ARG B 1123 24.01 47.93 46.05
CA ARG B 1123 25.36 48.01 46.58
C ARG B 1123 26.27 46.99 45.93
N LEU B 1124 25.75 45.80 45.59
CA LEU B 1124 26.55 44.83 44.84
C LEU B 1124 26.93 45.37 43.46
N VAL B 1125 25.98 46.02 42.78
CA VAL B 1125 26.28 46.63 41.50
C VAL B 1125 27.37 47.69 41.64
N ALA B 1126 27.26 48.53 42.67
CA ALA B 1126 28.28 49.55 42.91
C ALA B 1126 29.65 48.92 43.16
N VAL B 1127 29.68 47.81 43.88
CA VAL B 1127 30.95 47.10 44.11
C VAL B 1127 31.50 46.57 42.80
N ALA B 1128 30.61 46.11 41.91
CA ALA B 1128 31.05 45.63 40.60
C ALA B 1128 31.68 46.75 39.80
N ARG B 1129 31.01 47.91 39.72
CA ARG B 1129 31.60 49.05 39.05
C ARG B 1129 32.92 49.47 39.70
N LEU B 1130 33.04 49.26 41.00
CA LEU B 1130 34.32 49.51 41.67
C LEU B 1130 35.39 48.54 41.20
N ARG B 1131 35.00 47.28 40.93
CA ARG B 1131 35.95 46.32 40.38
C ARG B 1131 36.38 46.73 38.98
N LEU B 1132 35.44 47.24 38.17
CA LEU B 1132 35.81 47.75 36.85
C LEU B 1132 36.79 48.92 36.98
N LEU B 1133 36.53 49.84 37.91
CA LEU B 1133 37.44 50.96 38.12
C LEU B 1133 38.81 50.48 38.58
N CYS B 1134 38.85 49.40 39.36
CA CYS B 1134 40.15 48.81 39.74
C CYS B 1134 40.85 48.24 38.54
N ARG B 1135 40.11 47.57 37.65
CA ARG B 1135 40.73 46.96 36.47
C ARG B 1135 41.21 48.01 35.48
N GLU B 1136 40.60 49.20 35.48
CA GLU B 1136 41.00 50.24 34.54
C GLU B 1136 42.39 50.78 34.84
N PHE B 1137 42.79 50.83 36.11
CA PHE B 1137 44.10 51.31 36.50
C PHE B 1137 45.01 50.20 37.02
N GLY B 1138 44.56 48.95 36.95
CA GLY B 1138 45.38 47.82 37.35
C GLY B 1138 45.48 47.65 38.86
N ILE B 1139 44.36 47.63 39.55
CA ILE B 1139 44.30 47.40 40.99
C ILE B 1139 43.76 45.99 41.21
N THR B 1140 44.48 45.20 42.03
CA THR B 1140 44.15 43.81 42.24
C THR B 1140 43.45 43.55 43.57
N GLU B 1141 43.58 44.44 44.55
CA GLU B 1141 43.04 44.17 45.87
C GLU B 1141 42.77 45.47 46.61
N ILE B 1142 41.54 45.62 47.10
CA ILE B 1142 41.15 46.72 47.98
C ILE B 1142 40.50 46.09 49.20
N GLY B 1143 41.12 46.23 50.36
CA GLY B 1143 40.64 45.59 51.55
C GLY B 1143 40.70 46.51 52.76
N ALA B 1144 39.78 46.30 53.69
CA ALA B 1144 39.76 47.00 54.96
C ALA B 1144 40.67 46.23 55.92
N VAL B 1145 41.92 46.67 56.03
CA VAL B 1145 42.90 45.96 56.85
C VAL B 1145 42.54 46.02 58.33
N SER B 1146 41.68 46.95 58.72
CA SER B 1146 41.21 47.06 60.11
C SER B 1146 39.92 47.88 60.09
N ALA B 1147 39.48 48.29 61.27
CA ALA B 1147 38.34 49.19 61.35
C ALA B 1147 38.72 50.62 60.95
N SER B 1148 40.01 50.93 60.91
CA SER B 1148 40.48 52.31 60.75
C SER B 1148 40.92 52.63 59.33
N THR B 1149 41.66 51.74 58.67
CA THR B 1149 42.34 52.07 57.43
C THR B 1149 41.95 51.12 56.31
N VAL B 1150 42.33 51.50 55.10
CA VAL B 1150 42.06 50.73 53.89
C VAL B 1150 43.32 50.72 53.02
N ARG B 1151 43.52 49.60 52.33
CA ARG B 1151 44.71 49.33 51.53
C ARG B 1151 44.33 49.12 50.07
N LEU B 1152 45.10 49.73 49.18
CA LEU B 1152 45.03 49.50 47.74
C LEU B 1152 46.35 48.89 47.31
N SER B 1153 46.28 47.78 46.59
CA SER B 1153 47.43 46.86 46.52
C SER B 1153 48.48 47.25 45.49
N PRO B 1154 48.20 47.28 44.17
CA PRO B 1154 49.30 47.47 43.21
C PRO B 1154 49.30 48.84 42.56
N MET B 1155 49.60 49.88 43.32
CA MET B 1155 49.66 51.24 42.79
C MET B 1155 51.08 51.78 42.90
N VAL B 1156 51.61 52.25 41.78
CA VAL B 1156 52.89 52.96 41.74
C VAL B 1156 52.59 54.42 41.42
N LEU B 1157 52.95 55.30 42.35
CA LEU B 1157 52.58 56.70 42.25
C LEU B 1157 53.80 57.57 41.96
N PRO B 1158 53.74 58.45 40.95
CA PRO B 1158 54.80 59.46 40.80
C PRO B 1158 54.73 60.49 41.92
N ASP B 1159 55.65 61.45 41.91
CA ASP B 1159 55.65 62.47 42.97
C ASP B 1159 54.34 63.24 42.99
N SER B 1160 53.75 63.49 41.81
CA SER B 1160 52.49 64.22 41.74
C SER B 1160 51.40 63.53 42.55
N ALA B 1161 51.18 62.23 42.30
CA ALA B 1161 50.15 61.51 43.02
C ALA B 1161 50.47 61.39 44.50
N GLN B 1162 51.75 61.42 44.87
CA GLN B 1162 52.13 61.36 46.28
C GLN B 1162 51.77 62.65 47.00
N LEU B 1163 52.09 63.80 46.40
CA LEU B 1163 51.70 65.08 46.98
C LEU B 1163 50.19 65.23 47.02
N ARG B 1164 49.51 64.88 45.92
CA ARG B 1164 48.06 64.96 45.87
C ARG B 1164 47.42 64.08 46.94
N LEU B 1165 47.94 62.86 47.12
CA LEU B 1165 47.46 62.01 48.20
C LEU B 1165 47.72 62.64 49.56
N LYS B 1166 48.88 63.29 49.72
CA LYS B 1166 49.20 63.91 50.99
C LYS B 1166 48.28 65.07 51.32
N ARG B 1167 47.78 65.79 50.31
CA ARG B 1167 46.94 66.94 50.58
C ARG B 1167 45.46 66.60 50.64
N MET B 1168 45.01 65.59 49.89
CA MET B 1168 43.58 65.30 49.83
C MET B 1168 43.14 64.24 50.83
N TYR B 1169 44.07 63.49 51.41
CA TYR B 1169 43.75 62.44 52.38
C TYR B 1169 44.82 62.43 53.47
N PRO B 1170 44.66 63.29 54.48
CA PRO B 1170 45.64 63.31 55.58
C PRO B 1170 45.60 62.03 56.38
N GLY B 1171 46.73 61.72 57.02
CA GLY B 1171 46.88 60.51 57.78
C GLY B 1171 47.21 59.27 56.96
N GLY B 1172 46.89 59.27 55.67
CA GLY B 1172 47.21 58.14 54.81
C GLY B 1172 48.60 58.29 54.21
N HIS B 1173 49.31 57.18 54.13
CA HIS B 1173 50.66 57.14 53.58
C HIS B 1173 50.73 56.15 52.43
N TYR B 1174 51.83 56.26 51.67
CA TYR B 1174 52.07 55.46 50.47
C TYR B 1174 53.34 54.64 50.68
N ARG B 1175 53.21 53.32 50.64
CA ARG B 1175 54.34 52.40 50.82
C ARG B 1175 54.79 51.92 49.44
N ALA B 1176 55.97 52.39 49.03
CA ALA B 1176 56.47 52.08 47.69
C ALA B 1176 57.06 50.68 47.60
N THR B 1177 57.53 50.12 48.72
CA THR B 1177 58.08 48.77 48.70
C THR B 1177 57.02 47.76 48.27
N THR B 1178 55.96 47.63 49.07
CA THR B 1178 54.82 46.79 48.70
C THR B 1178 53.91 47.48 47.69
N SER B 1179 54.20 48.73 47.32
CA SER B 1179 53.42 49.48 46.34
C SER B 1179 51.96 49.65 46.78
N THR B 1180 51.72 49.61 48.09
CA THR B 1180 50.37 49.70 48.63
C THR B 1180 50.10 51.11 49.14
N VAL B 1181 48.94 51.65 48.78
CA VAL B 1181 48.47 52.94 49.26
C VAL B 1181 47.53 52.68 50.43
N GLN B 1182 47.81 53.29 51.58
CA GLN B 1182 47.04 53.01 52.78
C GLN B 1182 46.49 54.33 53.34
N VAL B 1183 45.16 54.45 53.38
CA VAL B 1183 44.56 55.68 53.88
C VAL B 1183 43.48 55.34 54.90
N PRO B 1184 43.24 56.18 55.90
CA PRO B 1184 42.21 55.88 56.89
C PRO B 1184 40.81 56.21 56.40
N LEU B 1185 39.84 55.44 56.91
CA LEU B 1185 38.44 55.68 56.58
C LEU B 1185 37.90 56.83 57.45
N PRO B 1186 37.14 57.75 56.86
CA PRO B 1186 36.60 58.87 57.64
C PRO B 1186 35.45 58.40 58.53
N ARG B 1187 35.11 59.27 59.49
CA ARG B 1187 34.06 58.98 60.46
C ARG B 1187 32.69 59.23 59.86
N ALA B 1188 31.68 58.62 60.48
CA ALA B 1188 30.29 58.84 60.09
C ALA B 1188 29.64 59.95 60.89
N GLY B 1189 30.12 60.21 62.11
CA GLY B 1189 29.59 61.29 62.93
C GLY B 1189 30.66 61.84 63.84
N GLU B 1190 30.32 62.91 64.54
CA GLU B 1190 31.26 63.54 65.46
C GLU B 1190 31.56 62.61 66.62
N GLY B 1191 32.85 62.32 66.81
CA GLY B 1191 33.27 61.43 67.87
C GLY B 1191 34.63 60.81 67.61
N VAL B 1192 35.44 60.68 68.66
CA VAL B 1192 36.76 60.08 68.50
C VAL B 1192 36.64 58.60 68.13
N GLY B 1193 35.61 57.93 68.64
CA GLY B 1193 35.42 56.52 68.36
C GLY B 1193 34.18 56.21 67.55
N ALA B 1194 33.70 57.19 66.79
CA ALA B 1194 32.54 56.97 65.93
C ALA B 1194 32.86 55.89 64.89
N PRO B 1195 31.85 55.11 64.49
CA PRO B 1195 32.12 54.00 63.55
C PRO B 1195 32.51 54.51 62.18
N ARG B 1196 33.43 53.80 61.55
CA ARG B 1196 33.87 54.17 60.21
C ARG B 1196 32.76 53.91 59.18
N ILE B 1197 32.87 54.58 58.03
CA ILE B 1197 31.81 54.53 57.04
C ILE B 1197 31.73 53.15 56.41
N ARG B 1198 30.54 52.79 55.94
CA ARG B 1198 30.29 51.49 55.35
C ARG B 1198 29.35 51.65 54.15
N ASP B 1199 29.30 50.61 53.32
CA ASP B 1199 28.36 50.50 52.21
C ASP B 1199 28.63 51.56 51.15
N LEU B 1200 27.58 52.24 50.67
CA LEU B 1200 27.71 53.08 49.48
C LEU B 1200 28.60 54.30 49.73
N GLU B 1201 28.48 54.92 50.90
CA GLU B 1201 29.39 56.01 51.25
C GLU B 1201 30.84 55.58 51.08
N LEU B 1202 31.16 54.37 51.54
CA LEU B 1202 32.53 53.86 51.40
C LEU B 1202 32.85 53.50 49.96
N VAL B 1203 31.88 52.98 49.20
CA VAL B 1203 32.13 52.62 47.81
C VAL B 1203 32.50 53.86 47.01
N GLN B 1204 31.67 54.90 47.11
CA GLN B 1204 31.95 56.14 46.37
C GLN B 1204 33.23 56.80 46.87
N TRP B 1205 33.47 56.78 48.18
CA TRP B 1205 34.69 57.41 48.69
C TRP B 1205 35.93 56.69 48.19
N VAL B 1206 35.93 55.35 48.21
CA VAL B 1206 37.05 54.58 47.70
C VAL B 1206 37.26 54.83 46.21
N ALA B 1207 36.15 54.86 45.45
CA ALA B 1207 36.25 55.15 44.02
C ALA B 1207 36.91 56.51 43.78
N GLY B 1208 36.46 57.55 44.50
CA GLY B 1208 37.08 58.84 44.36
C GLY B 1208 38.55 58.83 44.74
N LEU B 1209 38.90 58.07 45.78
CA LEU B 1209 40.30 57.91 46.16
C LEU B 1209 41.12 57.35 45.00
N VAL B 1210 40.62 56.29 44.36
CA VAL B 1210 41.31 55.73 43.19
C VAL B 1210 41.45 56.80 42.11
N LEU B 1211 40.38 57.56 41.87
CA LEU B 1211 40.41 58.56 40.80
C LEU B 1211 41.49 59.61 41.04
N VAL B 1212 41.44 60.27 42.21
CA VAL B 1212 42.40 61.34 42.47
C VAL B 1212 43.82 60.77 42.60
N LEU B 1213 43.96 59.50 43.01
CA LEU B 1213 45.26 58.87 43.00
C LEU B 1213 45.76 58.65 41.57
N ASN B 1214 44.85 58.49 40.61
CA ASN B 1214 45.21 58.27 39.21
C ASN B 1214 44.86 59.49 38.35
N GLY B 1215 45.01 60.69 38.91
CA GLY B 1215 44.88 61.90 38.12
C GLY B 1215 43.49 62.50 38.06
N LYS B 1216 42.51 61.70 37.62
CA LYS B 1216 41.16 62.21 37.41
C LYS B 1216 40.56 62.70 38.72
N GLY B 1217 39.64 63.66 38.61
CA GLY B 1217 39.00 64.20 39.79
C GLY B 1217 38.08 63.18 40.46
N GLN B 1218 37.78 63.45 41.73
CA GLN B 1218 36.90 62.57 42.50
C GLN B 1218 35.47 62.60 41.98
N GLY B 1219 35.11 63.53 41.11
CA GLY B 1219 33.79 63.57 40.53
C GLY B 1219 33.77 63.10 39.09
N ASP B 1220 34.45 61.99 38.81
CA ASP B 1220 34.51 61.43 37.47
C ASP B 1220 33.68 60.17 37.32
N VAL B 1221 33.15 59.62 38.40
CA VAL B 1221 32.31 58.43 38.36
C VAL B 1221 31.58 58.33 39.70
N ASP B 1222 30.26 58.13 39.65
CA ASP B 1222 29.45 58.02 40.85
C ASP B 1222 28.80 56.64 40.91
N MET B 1223 28.90 56.00 42.08
CA MET B 1223 28.26 54.72 42.32
C MET B 1223 26.86 54.86 42.93
N SER B 1224 26.39 56.11 43.14
CA SER B 1224 25.04 56.38 43.60
C SER B 1224 23.99 56.18 42.53
N LYS B 1225 24.33 55.53 41.41
CA LYS B 1225 23.39 55.26 40.34
C LYS B 1225 22.32 54.27 40.78
N PHE B 1226 21.31 54.09 39.93
CA PHE B 1226 20.17 53.20 40.20
C PHE B 1226 19.52 53.69 41.50
N SER B 1227 19.19 52.81 42.44
CA SER B 1227 18.61 53.20 43.73
C SER B 1227 17.37 54.08 43.57
S SO4 C . 5.32 -8.33 -18.26
O1 SO4 C . 5.94 -9.62 -18.58
O2 SO4 C . 4.07 -8.20 -18.98
O3 SO4 C . 5.07 -8.25 -16.82
O4 SO4 C . 6.23 -7.24 -18.64
S SO4 D . -40.91 -80.24 -25.01
O1 SO4 D . -41.58 -80.91 -23.90
O2 SO4 D . -40.64 -81.23 -26.06
O3 SO4 D . -39.65 -79.67 -24.56
O4 SO4 D . -41.77 -79.19 -25.54
S SO4 E . -50.18 -68.37 -42.50
O1 SO4 E . -48.82 -68.57 -42.97
O2 SO4 E . -51.09 -69.19 -43.30
O3 SO4 E . -50.28 -68.74 -41.11
O4 SO4 E . -50.54 -66.97 -42.67
P PO4 F . -11.70 -8.94 -5.75
O1 PO4 F . -12.43 -9.58 -6.90
O2 PO4 F . -11.65 -9.90 -4.59
O3 PO4 F . -12.43 -7.69 -5.33
O4 PO4 F . -10.30 -8.59 -6.18
PB ADP G . -18.37 -17.35 -9.57
O1B ADP G . -18.83 -17.36 -11.01
O2B ADP G . -16.89 -17.30 -9.38
O3B ADP G . -19.06 -18.37 -8.69
PA ADP G . -18.01 -14.61 -9.24
O1A ADP G . -16.71 -14.69 -8.47
O2A ADP G . -18.86 -13.36 -9.13
O3A ADP G . -18.90 -15.93 -9.00
O5' ADP G . -17.64 -14.78 -10.77
C5' ADP G . -17.57 -13.58 -11.52
C4' ADP G . -16.18 -12.99 -11.37
O4' ADP G . -15.56 -13.12 -12.64
C3' ADP G . -16.30 -11.51 -11.08
O3' ADP G . -15.17 -11.09 -10.32
C2' ADP G . -16.29 -10.86 -12.45
O2' ADP G . -15.51 -9.66 -12.41
C1' ADP G . -15.70 -11.90 -13.37
N9 ADP G . -16.62 -12.12 -14.52
C8 ADP G . -17.95 -12.29 -14.46
N7 ADP G . -18.49 -12.45 -15.69
C5 ADP G . -17.47 -12.39 -16.57
C6 ADP G . -17.34 -12.48 -18.04
N6 ADP G . -18.43 -12.69 -18.82
N1 ADP G . -16.10 -12.36 -18.56
C2 ADP G . -15.02 -12.16 -17.78
N3 ADP G . -15.06 -12.06 -16.45
C4 ADP G . -16.24 -12.16 -15.80
S SO4 H . -7.23 12.92 13.50
O1 SO4 H . -6.46 11.68 13.60
O2 SO4 H . -7.96 12.94 12.24
O3 SO4 H . -6.34 14.06 13.58
O4 SO4 H . -8.18 12.98 14.62
PB ADP I . 17.39 19.38 7.08
O1B ADP I . 16.11 18.61 7.30
O2B ADP I . 17.89 20.10 8.31
O3B ADP I . 18.45 18.60 6.33
PA ADP I . 15.65 21.44 6.35
O1A ADP I . 15.63 22.59 5.38
O2A ADP I . 15.55 21.70 7.83
O3A ADP I . 16.98 20.56 6.07
O5' ADP I . 14.47 20.41 5.95
C5' ADP I . 13.44 20.76 5.03
C4' ADP I . 12.19 19.94 5.36
O4' ADP I . 11.38 20.66 6.29
C3' ADP I . 11.36 19.70 4.10
O3' ADP I . 11.13 18.29 3.96
C2' ADP I . 10.04 20.42 4.33
O2' ADP I . 8.97 19.48 4.28
C1' ADP I . 10.13 21.05 5.71
N9 ADP I . 10.14 22.52 5.60
C8 ADP I . 11.12 23.24 5.00
N7 ADP I . 10.86 24.57 5.05
C5 ADP I . 9.69 24.72 5.70
C6 ADP I . 8.85 25.87 6.08
N6 ADP I . 9.22 27.14 5.79
N1 ADP I . 7.70 25.61 6.74
C2 ADP I . 7.33 24.35 7.04
N3 ADP I . 8.04 23.26 6.71
C4 ADP I . 9.22 23.38 6.05
#